data_8BFD
# 
_entry.id   8BFD 
# 
_audit_conform.dict_name       mmcif_pdbx.dic 
_audit_conform.dict_version    5.362 
_audit_conform.dict_location   http://mmcif.pdb.org/dictionaries/ascii/mmcif_pdbx.dic 
# 
loop_
_database_2.database_id 
_database_2.database_code 
_database_2.pdbx_database_accession 
_database_2.pdbx_DOI 
PDB   8BFD         pdb_00008bfd 10.2210/pdb8bfd/pdb 
WWPDB D_1292125751 ?            ?                   
# 
_pdbx_database_status.status_code                     REL 
_pdbx_database_status.status_code_sf                  REL 
_pdbx_database_status.status_code_mr                  ? 
_pdbx_database_status.entry_id                        8BFD 
_pdbx_database_status.recvd_initial_deposition_date   2022-10-25 
_pdbx_database_status.SG_entry                        N 
_pdbx_database_status.deposit_site                    PDBE 
_pdbx_database_status.process_site                    PDBE 
_pdbx_database_status.status_code_cs                  ? 
_pdbx_database_status.status_code_nmr_data            ? 
_pdbx_database_status.methods_development_category    ? 
_pdbx_database_status.pdb_format_compatible           Y 
# 
loop_
_audit_author.name 
_audit_author.pdbx_ordinal 
_audit_author.identifier_ORCID 
'Kumar, P.'      1 0000-0002-2008-3347 
'Paterson, N.G.' 2 0000-0003-4292-6971 
'Woolfson, D.N.' 3 0000-0002-0394-3202 
# 
_citation.abstract                  ? 
_citation.abstract_id_CAS           ? 
_citation.book_id_ISBN              ? 
_citation.book_publisher            ? 
_citation.book_publisher_city       ? 
_citation.book_title                ? 
_citation.coordinate_linkage        ? 
_citation.country                   UK 
_citation.database_id_Medline       ? 
_citation.details                   ? 
_citation.id                        primary 
_citation.journal_abbrev            Nature 
_citation.journal_id_ASTM           NATUAS 
_citation.journal_id_CSD            0006 
_citation.journal_id_ISSN           1476-4687 
_citation.journal_full              ? 
_citation.journal_issue             ? 
_citation.journal_volume            607 
_citation.language                  ? 
_citation.page_first                387 
_citation.page_last                 392 
_citation.title                     'De novo design of discrete, stable 3 10 -helix peptide assemblies.' 
_citation.year                      2022 
_citation.database_id_CSD           ? 
_citation.pdbx_database_id_DOI      10.1038/s41586-022-04868-x 
_citation.pdbx_database_id_PubMed   35732733 
_citation.pdbx_database_id_patent   ? 
_citation.unpublished_flag          ? 
# 
loop_
_citation_author.citation_id 
_citation_author.name 
_citation_author.ordinal 
_citation_author.identifier_ORCID 
primary 'Kumar, P.'      1 0000-0002-2008-3347 
primary 'Paterson, N.G.' 2 0000-0003-4292-6971 
primary 'Clayden, J.'    3 0000-0001-5080-9535 
primary 'Woolfson, D.N.' 4 0000-0002-0394-3202 
# 
_cell.angle_alpha                  105.850 
_cell.angle_alpha_esd              ? 
_cell.angle_beta                   112.440 
_cell.angle_beta_esd               ? 
_cell.angle_gamma                  95.260 
_cell.angle_gamma_esd              ? 
_cell.entry_id                     8BFD 
_cell.details                      ? 
_cell.formula_units_Z              ? 
_cell.length_a                     21.230 
_cell.length_a_esd                 ? 
_cell.length_b                     21.905 
_cell.length_b_esd                 ? 
_cell.length_c                     26.521 
_cell.length_c_esd                 ? 
_cell.volume                       ? 
_cell.volume_esd                   ? 
_cell.Z_PDB                        1 
_cell.reciprocal_angle_alpha       ? 
_cell.reciprocal_angle_beta        ? 
_cell.reciprocal_angle_gamma       ? 
_cell.reciprocal_angle_alpha_esd   ? 
_cell.reciprocal_angle_beta_esd    ? 
_cell.reciprocal_angle_gamma_esd   ? 
_cell.reciprocal_length_a          ? 
_cell.reciprocal_length_b          ? 
_cell.reciprocal_length_c          ? 
_cell.reciprocal_length_a_esd      ? 
_cell.reciprocal_length_b_esd      ? 
_cell.reciprocal_length_c_esd      ? 
_cell.pdbx_unique_axis             ? 
_cell.pdbx_esd_method              ? 
# 
_symmetry.entry_id                         8BFD 
_symmetry.cell_setting                     ? 
_symmetry.Int_Tables_number                1 
_symmetry.space_group_name_Hall            ? 
_symmetry.space_group_name_H-M             'P 1' 
_symmetry.pdbx_full_space_group_name_H-M   ? 
# 
loop_
_entity.id 
_entity.type 
_entity.src_method 
_entity.pdbx_description 
_entity.formula_weight 
_entity.pdbx_number_of_molecules 
_entity.pdbx_ec 
_entity.pdbx_mutation 
_entity.pdbx_fragment 
_entity.details 
1 polymer     syn 310HD-U2U5              3121.721 1  ? ? ? ? 
2 polymer     syn D-310HD-U2U5            3116.685 1  ? ? ? ? 
3 non-polymer syn 'SODIUM ION'            22.990   4  ? ? ? ? 
4 non-polymer syn 'DI(HYDROXYETHYL)ETHER' 106.120  1  ? ? ? ? 
5 water       nat water                   18.015   34 ? ? ? ? 
# 
loop_
_entity_poly.entity_id 
_entity_poly.type 
_entity_poly.nstd_linkage 
_entity_poly.nstd_monomer 
_entity_poly.pdbx_seq_one_letter_code 
_entity_poly.pdbx_seq_one_letter_code_can 
_entity_poly.pdbx_strand_id 
_entity_poly.pdbx_target_identifier 
1 'polypeptide(L)' no yes 
;(ACE)GE(AIB)(AIB)(AIB)(AIB)KE(AIB)(AIB)(AIB)(AIB)KE(AIB)(AIB)(AIB)(AIB)KE(AIB)
(AIB)(AIB)(AIB)K(AIB)(AIB)(AIB)WKG(NH2)
;
XGEAAAAKEAAAAKEAAAAKEAAAAKAAAWKGX A ? 
2 'polypeptide(D)' no yes 
;(ACE)G(DGL)(AIB)(AIB)(AIB)(AIB)(DLY)(DGL)(AIB)(AIB)(AIB)(AIB)(DLY)(DGL)(AIB)
(AIB)(AIB)(AIB)(DLY)(DGL)(AIB)(AIB)(AIB)(AIB)(DLY)(AIB)(AIB)(AIB)(DTR)(DLY)G
(NH2)
;
XGEAAAAKEAAAAKEAAAAKEAAAAKAAAWKGX B ? 
# 
loop_
_entity_poly_seq.entity_id 
_entity_poly_seq.num 
_entity_poly_seq.mon_id 
_entity_poly_seq.hetero 
1 1  ACE n 
1 2  GLY n 
1 3  GLU n 
1 4  AIB n 
1 5  AIB n 
1 6  AIB n 
1 7  AIB n 
1 8  LYS n 
1 9  GLU n 
1 10 AIB n 
1 11 AIB n 
1 12 AIB n 
1 13 AIB n 
1 14 LYS n 
1 15 GLU n 
1 16 AIB n 
1 17 AIB n 
1 18 AIB n 
1 19 AIB n 
1 20 LYS n 
1 21 GLU n 
1 22 AIB n 
1 23 AIB n 
1 24 AIB n 
1 25 AIB n 
1 26 LYS n 
1 27 AIB n 
1 28 AIB n 
1 29 AIB n 
1 30 TRP n 
1 31 LYS n 
1 32 GLY n 
1 33 NH2 n 
2 1  ACE n 
2 2  GLY n 
2 3  DGL n 
2 4  AIB n 
2 5  AIB n 
2 6  AIB n 
2 7  AIB n 
2 8  DLY n 
2 9  DGL n 
2 10 AIB n 
2 11 AIB n 
2 12 AIB n 
2 13 AIB n 
2 14 DLY n 
2 15 DGL n 
2 16 AIB n 
2 17 AIB n 
2 18 AIB n 
2 19 AIB n 
2 20 DLY n 
2 21 DGL n 
2 22 AIB n 
2 23 AIB n 
2 24 AIB n 
2 25 AIB n 
2 26 DLY n 
2 27 AIB n 
2 28 AIB n 
2 29 AIB n 
2 30 DTR n 
2 31 DLY n 
2 32 GLY n 
2 33 NH2 n 
# 
loop_
_pdbx_entity_src_syn.entity_id 
_pdbx_entity_src_syn.pdbx_src_id 
_pdbx_entity_src_syn.pdbx_alt_source_flag 
_pdbx_entity_src_syn.pdbx_beg_seq_num 
_pdbx_entity_src_syn.pdbx_end_seq_num 
_pdbx_entity_src_syn.organism_scientific 
_pdbx_entity_src_syn.organism_common_name 
_pdbx_entity_src_syn.ncbi_taxonomy_id 
_pdbx_entity_src_syn.details 
1 1 sample 1 33 'synthetic construct' ? 32630 ? 
2 1 sample 1 33 'synthetic construct' ? 32630 ? 
# 
loop_
_struct_ref.id 
_struct_ref.db_name 
_struct_ref.db_code 
_struct_ref.pdbx_db_accession 
_struct_ref.pdbx_db_isoform 
_struct_ref.entity_id 
_struct_ref.pdbx_seq_one_letter_code 
_struct_ref.pdbx_align_begin 
1 PDB 8BFD 8BFD ? 1 ? 1 
2 PDB 8BFD 8BFD ? 2 ? 1 
# 
loop_
_struct_ref_seq.align_id 
_struct_ref_seq.ref_id 
_struct_ref_seq.pdbx_PDB_id_code 
_struct_ref_seq.pdbx_strand_id 
_struct_ref_seq.seq_align_beg 
_struct_ref_seq.pdbx_seq_align_beg_ins_code 
_struct_ref_seq.seq_align_end 
_struct_ref_seq.pdbx_seq_align_end_ins_code 
_struct_ref_seq.pdbx_db_accession 
_struct_ref_seq.db_align_beg 
_struct_ref_seq.pdbx_db_align_beg_ins_code 
_struct_ref_seq.db_align_end 
_struct_ref_seq.pdbx_db_align_end_ins_code 
_struct_ref_seq.pdbx_auth_seq_align_beg 
_struct_ref_seq.pdbx_auth_seq_align_end 
1 1 8BFD A 1 ? 33 ? 8BFD 0 ? 32 ? 0 32 
2 2 8BFD B 1 ? 33 ? 8BFD 0 ? 32 ? 0 32 
# 
loop_
_chem_comp.id 
_chem_comp.type 
_chem_comp.mon_nstd_flag 
_chem_comp.name 
_chem_comp.pdbx_synonyms 
_chem_comp.formula 
_chem_comp.formula_weight 
ACE non-polymer         . 'ACETYL GROUP'               ? 'C2 H4 O'        44.053  
AIB 'L-peptide linking' n 'ALPHA-AMINOISOBUTYRIC ACID' ? 'C4 H9 N O2'     103.120 
DGL 'D-peptide linking' . 'D-GLUTAMIC ACID'            ? 'C5 H9 N O4'     147.129 
DLY 'D-peptide linking' . D-LYSINE                     ? 'C6 H14 N2 O2'   146.188 
DTR 'D-peptide linking' . D-TRYPTOPHAN                 ? 'C11 H12 N2 O2'  204.225 
GLU 'L-peptide linking' y 'GLUTAMIC ACID'              ? 'C5 H9 N O4'     147.129 
GLY 'peptide linking'   y GLYCINE                      ? 'C2 H5 N O2'     75.067  
HOH non-polymer         . WATER                        ? 'H2 O'           18.015  
LYS 'L-peptide linking' y LYSINE                       ? 'C6 H15 N2 O2 1' 147.195 
NA  non-polymer         . 'SODIUM ION'                 ? 'Na 1'           22.990  
NH2 non-polymer         . 'AMINO GROUP'                ? 'H2 N'           16.023  
PEG non-polymer         . 'DI(HYDROXYETHYL)ETHER'      ? 'C4 H10 O3'      106.120 
TRP 'L-peptide linking' y TRYPTOPHAN                   ? 'C11 H12 N2 O2'  204.225 
# 
_exptl.absorpt_coefficient_mu     ? 
_exptl.absorpt_correction_T_max   ? 
_exptl.absorpt_correction_T_min   ? 
_exptl.absorpt_correction_type    ? 
_exptl.absorpt_process_details    ? 
_exptl.entry_id                   8BFD 
_exptl.crystals_number            1 
_exptl.details                    ? 
_exptl.method                     'X-RAY DIFFRACTION' 
_exptl.method_details             ? 
# 
_exptl_crystal.colour                       ? 
_exptl_crystal.density_diffrn               ? 
_exptl_crystal.density_Matthews             1.71 
_exptl_crystal.density_method               ? 
_exptl_crystal.density_percent_sol          28.26 
_exptl_crystal.description                  ? 
_exptl_crystal.F_000                        ? 
_exptl_crystal.id                           1 
_exptl_crystal.preparation                  ? 
_exptl_crystal.size_max                     ? 
_exptl_crystal.size_mid                     ? 
_exptl_crystal.size_min                     ? 
_exptl_crystal.size_rad                     ? 
_exptl_crystal.colour_lustre                ? 
_exptl_crystal.colour_modifier              ? 
_exptl_crystal.colour_primary               ? 
_exptl_crystal.density_meas                 ? 
_exptl_crystal.density_meas_esd             ? 
_exptl_crystal.density_meas_gt              ? 
_exptl_crystal.density_meas_lt              ? 
_exptl_crystal.density_meas_temp            ? 
_exptl_crystal.density_meas_temp_esd        ? 
_exptl_crystal.density_meas_temp_gt         ? 
_exptl_crystal.density_meas_temp_lt         ? 
_exptl_crystal.pdbx_crystal_image_url       ? 
_exptl_crystal.pdbx_crystal_image_format    ? 
_exptl_crystal.pdbx_mosaicity               ? 
_exptl_crystal.pdbx_mosaicity_esd           ? 
_exptl_crystal.pdbx_mosaic_method           ? 
_exptl_crystal.pdbx_mosaic_block_size       ? 
_exptl_crystal.pdbx_mosaic_block_size_esd   ? 
# 
_exptl_crystal_grow.apparatus       ? 
_exptl_crystal_grow.atmosphere      ? 
_exptl_crystal_grow.crystal_id      1 
_exptl_crystal_grow.details         ? 
_exptl_crystal_grow.method          'VAPOR DIFFUSION, SITTING DROP' 
_exptl_crystal_grow.method_ref      ? 
_exptl_crystal_grow.pH              ? 
_exptl_crystal_grow.pressure        ? 
_exptl_crystal_grow.pressure_esd    ? 
_exptl_crystal_grow.seeding         ? 
_exptl_crystal_grow.seeding_ref     ? 
_exptl_crystal_grow.temp            293 
_exptl_crystal_grow.temp_details    ? 
_exptl_crystal_grow.temp_esd        ? 
_exptl_crystal_grow.time            ? 
_exptl_crystal_grow.pdbx_details    
'0.12M Ethylene glycols, 0.1M (1.0M, pH 8.5 Tris (base); BICINE), 30% v/v (40% v/v PEG 500* MME; 20 % w/v PEG 20000)' 
_exptl_crystal_grow.pdbx_pH_range   ? 
# 
_diffrn.ambient_environment              ? 
_diffrn.ambient_temp                     100 
_diffrn.ambient_temp_details             ? 
_diffrn.ambient_temp_esd                 ? 
_diffrn.crystal_id                       1 
_diffrn.crystal_support                  ? 
_diffrn.crystal_treatment                ? 
_diffrn.details                          ? 
_diffrn.id                               1 
_diffrn.ambient_pressure                 ? 
_diffrn.ambient_pressure_esd             ? 
_diffrn.ambient_pressure_gt              ? 
_diffrn.ambient_pressure_lt              ? 
_diffrn.ambient_temp_gt                  ? 
_diffrn.ambient_temp_lt                  ? 
_diffrn.pdbx_serial_crystal_experiment   N 
# 
_diffrn_detector.details                      ? 
_diffrn_detector.detector                     PIXEL 
_diffrn_detector.diffrn_id                    1 
_diffrn_detector.type                         'DECTRIS EIGER2 XE 16M' 
_diffrn_detector.area_resol_mean              ? 
_diffrn_detector.dtime                        ? 
_diffrn_detector.pdbx_frames_total            ? 
_diffrn_detector.pdbx_collection_time_total   ? 
_diffrn_detector.pdbx_collection_date         2022-02-11 
_diffrn_detector.pdbx_frequency               ? 
# 
_diffrn_radiation.collimation                      ? 
_diffrn_radiation.diffrn_id                        1 
_diffrn_radiation.filter_edge                      ? 
_diffrn_radiation.inhomogeneity                    ? 
_diffrn_radiation.monochromator                    ? 
_diffrn_radiation.polarisn_norm                    ? 
_diffrn_radiation.polarisn_ratio                   ? 
_diffrn_radiation.probe                            ? 
_diffrn_radiation.type                             ? 
_diffrn_radiation.xray_symbol                      ? 
_diffrn_radiation.wavelength_id                    1 
_diffrn_radiation.pdbx_monochromatic_or_laue_m_l   M 
_diffrn_radiation.pdbx_wavelength_list             ? 
_diffrn_radiation.pdbx_wavelength                  ? 
_diffrn_radiation.pdbx_diffrn_protocol             'SINGLE WAVELENGTH' 
_diffrn_radiation.pdbx_analyzer                    ? 
_diffrn_radiation.pdbx_scattering_type             x-ray 
# 
_diffrn_radiation_wavelength.id           1 
_diffrn_radiation_wavelength.wavelength   0.9795 
_diffrn_radiation_wavelength.wt           1.0 
# 
_diffrn_source.current                     ? 
_diffrn_source.details                     ? 
_diffrn_source.diffrn_id                   1 
_diffrn_source.power                       ? 
_diffrn_source.size                        ? 
_diffrn_source.source                      SYNCHROTRON 
_diffrn_source.target                      ? 
_diffrn_source.type                        'DIAMOND BEAMLINE I03' 
_diffrn_source.voltage                     ? 
_diffrn_source.take-off_angle              ? 
_diffrn_source.pdbx_wavelength_list        0.9795 
_diffrn_source.pdbx_wavelength             ? 
_diffrn_source.pdbx_synchrotron_beamline   I03 
_diffrn_source.pdbx_synchrotron_site       Diamond 
# 
_reflns.B_iso_Wilson_estimate                          ? 
_reflns.entry_id                                       8BFD 
_reflns.data_reduction_details                         ? 
_reflns.data_reduction_method                          ? 
_reflns.d_resolution_high                              2.0 
_reflns.d_resolution_low                               23.1 
_reflns.details                                        ? 
_reflns.limit_h_max                                    ? 
_reflns.limit_h_min                                    ? 
_reflns.limit_k_max                                    ? 
_reflns.limit_k_min                                    ? 
_reflns.limit_l_max                                    ? 
_reflns.limit_l_min                                    ? 
_reflns.number_all                                     ? 
_reflns.number_obs                                     2744 
_reflns.observed_criterion                             ? 
_reflns.observed_criterion_F_max                       ? 
_reflns.observed_criterion_F_min                       ? 
_reflns.observed_criterion_I_max                       ? 
_reflns.observed_criterion_I_min                       ? 
_reflns.observed_criterion_sigma_F                     ? 
_reflns.observed_criterion_sigma_I                     ? 
_reflns.percent_possible_obs                           98.75 
_reflns.R_free_details                                 ? 
_reflns.Rmerge_F_all                                   ? 
_reflns.Rmerge_F_obs                                   ? 
_reflns.Friedel_coverage                               ? 
_reflns.number_gt                                      ? 
_reflns.threshold_expression                           ? 
_reflns.pdbx_redundancy                                3.7 
_reflns.pdbx_Rmerge_I_obs                              0.056 
_reflns.pdbx_Rmerge_I_all                              ? 
_reflns.pdbx_Rsym_value                                ? 
_reflns.pdbx_netI_over_av_sigmaI                       ? 
_reflns.pdbx_netI_over_sigmaI                          23.29 
_reflns.pdbx_res_netI_over_av_sigmaI_2                 ? 
_reflns.pdbx_res_netI_over_sigmaI_2                    ? 
_reflns.pdbx_chi_squared                               ? 
_reflns.pdbx_scaling_rejects                           ? 
_reflns.pdbx_d_res_high_opt                            ? 
_reflns.pdbx_d_res_low_opt                             ? 
_reflns.pdbx_d_res_opt_method                          ? 
_reflns.phase_calculation_details                      ? 
_reflns.pdbx_Rrim_I_all                                ? 
_reflns.pdbx_Rpim_I_all                                ? 
_reflns.pdbx_d_opt                                     ? 
_reflns.pdbx_number_measured_all                       ? 
_reflns.pdbx_diffrn_id                                 1 
_reflns.pdbx_ordinal                                   1 
_reflns.pdbx_CC_half                                   0.997 
_reflns.pdbx_CC_star                                   0.999 
_reflns.pdbx_R_split                                   ? 
_reflns.pdbx_aniso_diffraction_limit_axis_1_ortho[1]   ? 
_reflns.pdbx_aniso_diffraction_limit_axis_1_ortho[2]   ? 
_reflns.pdbx_aniso_diffraction_limit_axis_1_ortho[3]   ? 
_reflns.pdbx_aniso_diffraction_limit_axis_2_ortho[1]   ? 
_reflns.pdbx_aniso_diffraction_limit_axis_2_ortho[2]   ? 
_reflns.pdbx_aniso_diffraction_limit_axis_2_ortho[3]   ? 
_reflns.pdbx_aniso_diffraction_limit_axis_3_ortho[1]   ? 
_reflns.pdbx_aniso_diffraction_limit_axis_3_ortho[2]   ? 
_reflns.pdbx_aniso_diffraction_limit_axis_3_ortho[3]   ? 
_reflns.pdbx_aniso_diffraction_limit_1                 ? 
_reflns.pdbx_aniso_diffraction_limit_2                 ? 
_reflns.pdbx_aniso_diffraction_limit_3                 ? 
_reflns.pdbx_aniso_B_tensor_eigenvector_1_ortho[1]     ? 
_reflns.pdbx_aniso_B_tensor_eigenvector_1_ortho[2]     ? 
_reflns.pdbx_aniso_B_tensor_eigenvector_1_ortho[3]     ? 
_reflns.pdbx_aniso_B_tensor_eigenvector_2_ortho[1]     ? 
_reflns.pdbx_aniso_B_tensor_eigenvector_2_ortho[2]     ? 
_reflns.pdbx_aniso_B_tensor_eigenvector_2_ortho[3]     ? 
_reflns.pdbx_aniso_B_tensor_eigenvector_3_ortho[1]     ? 
_reflns.pdbx_aniso_B_tensor_eigenvector_3_ortho[2]     ? 
_reflns.pdbx_aniso_B_tensor_eigenvector_3_ortho[3]     ? 
_reflns.pdbx_aniso_B_tensor_eigenvalue_1               ? 
_reflns.pdbx_aniso_B_tensor_eigenvalue_2               ? 
_reflns.pdbx_aniso_B_tensor_eigenvalue_3               ? 
_reflns.pdbx_orthogonalization_convention              ? 
_reflns.pdbx_percent_possible_ellipsoidal              ? 
_reflns.pdbx_percent_possible_spherical                ? 
_reflns.pdbx_percent_possible_ellipsoidal_anomalous    ? 
_reflns.pdbx_percent_possible_spherical_anomalous      ? 
_reflns.pdbx_redundancy_anomalous                      ? 
_reflns.pdbx_CC_half_anomalous                         ? 
_reflns.pdbx_absDiff_over_sigma_anomalous              ? 
_reflns.pdbx_percent_possible_anomalous                ? 
_reflns.pdbx_observed_signal_threshold                 ? 
_reflns.pdbx_signal_type                               ? 
_reflns.pdbx_signal_details                            ? 
_reflns.pdbx_signal_software_id                        ? 
_reflns.pdbx_CC_split_method                           ? 
# 
_reflns_shell.d_res_high                                    2.0 
_reflns_shell.d_res_low                                     2.072 
_reflns_shell.meanI_over_sigI_all                           ? 
_reflns_shell.meanI_over_sigI_obs                           10.42 
_reflns_shell.number_measured_all                           ? 
_reflns_shell.number_measured_obs                           ? 
_reflns_shell.number_possible                               ? 
_reflns_shell.number_unique_all                             ? 
_reflns_shell.number_unique_obs                             270 
_reflns_shell.percent_possible_all                          99.26 
_reflns_shell.percent_possible_obs                          ? 
_reflns_shell.Rmerge_F_all                                  ? 
_reflns_shell.Rmerge_F_obs                                  ? 
_reflns_shell.Rmerge_I_all                                  ? 
_reflns_shell.Rmerge_I_obs                                  0.1358 
_reflns_shell.meanI_over_sigI_gt                            ? 
_reflns_shell.meanI_over_uI_all                             ? 
_reflns_shell.meanI_over_uI_gt                              ? 
_reflns_shell.number_measured_gt                            ? 
_reflns_shell.number_unique_gt                              ? 
_reflns_shell.percent_possible_gt                           ? 
_reflns_shell.Rmerge_F_gt                                   ? 
_reflns_shell.Rmerge_I_gt                                   ? 
_reflns_shell.pdbx_redundancy                               3.8 
_reflns_shell.pdbx_Rsym_value                               ? 
_reflns_shell.pdbx_chi_squared                              ? 
_reflns_shell.pdbx_netI_over_sigmaI_all                     ? 
_reflns_shell.pdbx_netI_over_sigmaI_obs                     ? 
_reflns_shell.pdbx_Rrim_I_all                               ? 
_reflns_shell.pdbx_Rpim_I_all                               ? 
_reflns_shell.pdbx_rejects                                  ? 
_reflns_shell.pdbx_ordinal                                  1 
_reflns_shell.pdbx_diffrn_id                                1 
_reflns_shell.pdbx_CC_half                                  0.993 
_reflns_shell.pdbx_CC_star                                  0.998 
_reflns_shell.pdbx_R_split                                  ? 
_reflns_shell.pdbx_percent_possible_ellipsoidal             ? 
_reflns_shell.pdbx_percent_possible_spherical               ? 
_reflns_shell.pdbx_percent_possible_ellipsoidal_anomalous   ? 
_reflns_shell.pdbx_percent_possible_spherical_anomalous     ? 
_reflns_shell.pdbx_redundancy_anomalous                     ? 
_reflns_shell.pdbx_CC_half_anomalous                        ? 
_reflns_shell.pdbx_absDiff_over_sigma_anomalous             ? 
_reflns_shell.pdbx_percent_possible_anomalous               ? 
# 
_refine.aniso_B[1][1]                            0.8300 
_refine.aniso_B[1][2]                            -0.7700 
_refine.aniso_B[1][3]                            0.7200 
_refine.aniso_B[2][2]                            0.0700 
_refine.aniso_B[2][3]                            -0.1200 
_refine.aniso_B[3][3]                            -0.8100 
_refine.B_iso_max                                40.150 
_refine.B_iso_mean                               13.5970 
_refine.B_iso_min                                4.850 
_refine.correlation_coeff_Fo_to_Fc               0.9610 
_refine.correlation_coeff_Fo_to_Fc_free          0.9300 
_refine.details                                  'HYDROGENS HAVE BEEN ADDED IN THE RIDING POSITIONS U VALUES      : WITH TLS ADDED' 
_refine.diff_density_max                         ? 
_refine.diff_density_max_esd                     ? 
_refine.diff_density_min                         ? 
_refine.diff_density_min_esd                     ? 
_refine.diff_density_rms                         ? 
_refine.diff_density_rms_esd                     ? 
_refine.entry_id                                 8BFD 
_refine.pdbx_refine_id                           'X-RAY DIFFRACTION' 
_refine.ls_abs_structure_details                 ? 
_refine.ls_abs_structure_Flack                   ? 
_refine.ls_abs_structure_Flack_esd               ? 
_refine.ls_abs_structure_Rogers                  ? 
_refine.ls_abs_structure_Rogers_esd              ? 
_refine.ls_d_res_high                            2.0000 
_refine.ls_d_res_low                             23.1000 
_refine.ls_extinction_coef                       ? 
_refine.ls_extinction_coef_esd                   ? 
_refine.ls_extinction_expression                 ? 
_refine.ls_extinction_method                     ? 
_refine.ls_goodness_of_fit_all                   ? 
_refine.ls_goodness_of_fit_all_esd               ? 
_refine.ls_goodness_of_fit_obs                   ? 
_refine.ls_goodness_of_fit_obs_esd               ? 
_refine.ls_hydrogen_treatment                    ? 
_refine.ls_matrix_type                           ? 
_refine.ls_number_constraints                    ? 
_refine.ls_number_parameters                     ? 
_refine.ls_number_reflns_all                     ? 
_refine.ls_number_reflns_obs                     2475 
_refine.ls_number_reflns_R_free                  317 
_refine.ls_number_reflns_R_work                  ? 
_refine.ls_number_restraints                     ? 
_refine.ls_percent_reflns_obs                    99.7900 
_refine.ls_percent_reflns_R_free                 11.4000 
_refine.ls_R_factor_all                          ? 
_refine.ls_R_factor_obs                          0.2089 
_refine.ls_R_factor_R_free                       0.2564 
_refine.ls_R_factor_R_free_error                 ? 
_refine.ls_R_factor_R_free_error_details         ? 
_refine.ls_R_factor_R_work                       0.2029 
_refine.ls_R_Fsqd_factor_obs                     ? 
_refine.ls_R_I_factor_obs                        ? 
_refine.ls_redundancy_reflns_all                 ? 
_refine.ls_redundancy_reflns_obs                 ? 
_refine.ls_restrained_S_all                      ? 
_refine.ls_restrained_S_obs                      ? 
_refine.ls_shift_over_esd_max                    ? 
_refine.ls_shift_over_esd_mean                   ? 
_refine.ls_structure_factor_coef                 ? 
_refine.ls_weighting_details                     ? 
_refine.ls_weighting_scheme                      ? 
_refine.ls_wR_factor_all                         ? 
_refine.ls_wR_factor_obs                         ? 
_refine.ls_wR_factor_R_free                      ? 
_refine.ls_wR_factor_R_work                      ? 
_refine.occupancy_max                            ? 
_refine.occupancy_min                            ? 
_refine.solvent_model_details                    MASK 
_refine.solvent_model_param_bsol                 ? 
_refine.solvent_model_param_ksol                 ? 
_refine.pdbx_R_complete                          ? 
_refine.ls_R_factor_gt                           ? 
_refine.ls_goodness_of_fit_gt                    ? 
_refine.ls_goodness_of_fit_ref                   ? 
_refine.ls_shift_over_su_max                     ? 
_refine.ls_shift_over_su_max_lt                  ? 
_refine.ls_shift_over_su_mean                    ? 
_refine.ls_shift_over_su_mean_lt                 ? 
_refine.pdbx_ls_sigma_I                          ? 
_refine.pdbx_ls_sigma_F                          0.000 
_refine.pdbx_ls_sigma_Fsqd                       ? 
_refine.pdbx_data_cutoff_high_absF               ? 
_refine.pdbx_data_cutoff_high_rms_absF           ? 
_refine.pdbx_data_cutoff_low_absF                ? 
_refine.pdbx_isotropic_thermal_model             ? 
_refine.pdbx_ls_cross_valid_method               THROUGHOUT 
_refine.pdbx_method_to_determine_struct          'AB INITIO PHASING' 
_refine.pdbx_starting_model                      ? 
_refine.pdbx_stereochemistry_target_values       'MAXIMUM LIKELIHOOD' 
_refine.pdbx_R_Free_selection_details            RANDOM 
_refine.pdbx_stereochem_target_val_spec_case     ? 
_refine.pdbx_overall_ESU_R                       0.3840 
_refine.pdbx_overall_ESU_R_Free                  0.2340 
_refine.pdbx_solvent_vdw_probe_radii             1.2000 
_refine.pdbx_solvent_ion_probe_radii             0.8000 
_refine.pdbx_solvent_shrinkage_radii             0.8000 
_refine.pdbx_real_space_R                        ? 
_refine.pdbx_density_correlation                 ? 
_refine.pdbx_pd_number_of_powder_patterns        ? 
_refine.pdbx_pd_number_of_points                 ? 
_refine.pdbx_pd_meas_number_of_points            ? 
_refine.pdbx_pd_proc_ls_prof_R_factor            ? 
_refine.pdbx_pd_proc_ls_prof_wR_factor           ? 
_refine.pdbx_pd_Marquardt_correlation_coeff      ? 
_refine.pdbx_pd_Fsqrd_R_factor                   ? 
_refine.pdbx_pd_ls_matrix_band_width             ? 
_refine.pdbx_overall_phase_error                 ? 
_refine.pdbx_overall_SU_R_free_Cruickshank_DPI   ? 
_refine.pdbx_overall_SU_R_free_Blow_DPI          ? 
_refine.pdbx_overall_SU_R_Blow_DPI               ? 
_refine.pdbx_TLS_residual_ADP_flag               ? 
_refine.pdbx_diffrn_id                           1 
_refine.overall_SU_B                             9.2170 
_refine.overall_SU_ML                            0.1330 
_refine.overall_SU_R_Cruickshank_DPI             ? 
_refine.overall_SU_R_free                        ? 
_refine.overall_FOM_free_R_set                   ? 
_refine.overall_FOM_work_R_set                   ? 
_refine.pdbx_average_fsc_overall                 ? 
_refine.pdbx_average_fsc_work                    ? 
_refine.pdbx_average_fsc_free                    ? 
# 
_refine_hist.pdbx_refine_id                   'X-RAY DIFFRACTION' 
_refine_hist.cycle_id                         final 
_refine_hist.details                          ? 
_refine_hist.d_res_high                       2.0000 
_refine_hist.d_res_low                        23.1000 
_refine_hist.number_atoms_solvent             34 
_refine_hist.number_atoms_total               475 
_refine_hist.number_reflns_all                ? 
_refine_hist.number_reflns_obs                ? 
_refine_hist.number_reflns_R_free             ? 
_refine_hist.number_reflns_R_work             ? 
_refine_hist.R_factor_all                     ? 
_refine_hist.R_factor_obs                     ? 
_refine_hist.R_factor_R_free                  ? 
_refine_hist.R_factor_R_work                  ? 
_refine_hist.pdbx_number_residues_total       64 
_refine_hist.pdbx_B_iso_mean_ligand           28.72 
_refine_hist.pdbx_B_iso_mean_solvent          22.80 
_refine_hist.pdbx_number_atoms_protein        430 
_refine_hist.pdbx_number_atoms_nucleic_acid   0 
_refine_hist.pdbx_number_atoms_ligand         11 
_refine_hist.pdbx_number_atoms_lipid          ? 
_refine_hist.pdbx_number_atoms_carb           ? 
_refine_hist.pdbx_pseudo_atom_details         ? 
# 
loop_
_refine_ls_restr.pdbx_refine_id 
_refine_ls_restr.criterion 
_refine_ls_restr.dev_ideal 
_refine_ls_restr.dev_ideal_target 
_refine_ls_restr.number 
_refine_ls_restr.rejects 
_refine_ls_restr.type 
_refine_ls_restr.weight 
_refine_ls_restr.pdbx_restraint_function 
'X-RAY DIFFRACTION' ? 0.012  0.012  438  ? r_bond_refined_d       ? ? 
'X-RAY DIFFRACTION' ? 0.002  0.016  471  ? r_bond_other_d         ? ? 
'X-RAY DIFFRACTION' ? 1.593  1.697  649  ? r_angle_refined_deg    ? ? 
'X-RAY DIFFRACTION' ? 0.650  1.570  1016 ? r_angle_other_deg      ? ? 
'X-RAY DIFFRACTION' ? 5.917  5.000  59   ? r_dihedral_angle_1_deg ? ? 
'X-RAY DIFFRACTION' ? 40.042 21.429 7    ? r_dihedral_angle_2_deg ? ? 
'X-RAY DIFFRACTION' ? 14.161 15.000 26   ? r_dihedral_angle_3_deg ? ? 
'X-RAY DIFFRACTION' ? 0.071  0.200  20   ? r_chiral_restr         ? ? 
'X-RAY DIFFRACTION' ? 0.009  0.020  489  ? r_gen_planes_refined   ? ? 
'X-RAY DIFFRACTION' ? 0.003  0.020  73   ? r_gen_planes_other     ? ? 
# 
_refine_ls_shell.pdbx_refine_id                   'X-RAY DIFFRACTION' 
_refine_ls_shell.d_res_high                       2.0000 
_refine_ls_shell.d_res_low                        2.0520 
_refine_ls_shell.number_reflns_all                202 
_refine_ls_shell.number_reflns_obs                ? 
_refine_ls_shell.number_reflns_R_free             28 
_refine_ls_shell.number_reflns_R_work             174 
_refine_ls_shell.percent_reflns_obs               100.0000 
_refine_ls_shell.percent_reflns_R_free            ? 
_refine_ls_shell.R_factor_all                     ? 
_refine_ls_shell.R_factor_obs                     ? 
_refine_ls_shell.R_factor_R_free                  0.2690 
_refine_ls_shell.R_factor_R_free_error            0.0000 
_refine_ls_shell.R_factor_R_work                  0.2090 
_refine_ls_shell.redundancy_reflns_all            ? 
_refine_ls_shell.redundancy_reflns_obs            ? 
_refine_ls_shell.wR_factor_all                    ? 
_refine_ls_shell.wR_factor_obs                    ? 
_refine_ls_shell.wR_factor_R_free                 ? 
_refine_ls_shell.wR_factor_R_work                 ? 
_refine_ls_shell.pdbx_R_complete                  ? 
_refine_ls_shell.pdbx_total_number_of_bins_used   20 
_refine_ls_shell.pdbx_phase_error                 ? 
_refine_ls_shell.pdbx_fsc_work                    ? 
_refine_ls_shell.pdbx_fsc_free                    ? 
# 
_struct.entry_id                     8BFD 
_struct.title                        'Racemic structure of PK-7 (310HD-U2U5)' 
_struct.pdbx_model_details           ? 
_struct.pdbx_formula_weight          ? 
_struct.pdbx_formula_weight_method   ? 
_struct.pdbx_model_type_details      ? 
_struct.pdbx_CASP_flag               N 
# 
_struct_keywords.entry_id        8BFD 
_struct_keywords.text            'alpha-helical, Aib, De Novo Protein' 
_struct_keywords.pdbx_keywords   'DE NOVO PROTEIN' 
# 
loop_
_struct_asym.id 
_struct_asym.pdbx_blank_PDB_chainid_flag 
_struct_asym.pdbx_modified 
_struct_asym.entity_id 
_struct_asym.details 
A N N 1 ? 
B N N 2 ? 
C N N 3 ? 
D N N 3 ? 
E N N 4 ? 
F N N 3 ? 
G N N 3 ? 
H N N 5 ? 
I N N 5 ? 
# 
loop_
_struct_conf.conf_type_id 
_struct_conf.id 
_struct_conf.pdbx_PDB_helix_id 
_struct_conf.beg_label_comp_id 
_struct_conf.beg_label_asym_id 
_struct_conf.beg_label_seq_id 
_struct_conf.pdbx_beg_PDB_ins_code 
_struct_conf.end_label_comp_id 
_struct_conf.end_label_asym_id 
_struct_conf.end_label_seq_id 
_struct_conf.pdbx_end_PDB_ins_code 
_struct_conf.beg_auth_comp_id 
_struct_conf.beg_auth_asym_id 
_struct_conf.beg_auth_seq_id 
_struct_conf.end_auth_comp_id 
_struct_conf.end_auth_asym_id 
_struct_conf.end_auth_seq_id 
_struct_conf.pdbx_PDB_helix_class 
_struct_conf.details 
_struct_conf.pdbx_PDB_helix_length 
HELX_P HELX_P1 AA1 GLY A 2 ? GLY A 32 ? GLY A 1 GLY A 31 1 ? 31 
HELX_P HELX_P2 AA2 GLY B 2 ? DLY B 31 ? GLY B 1 DLY B 30 1 ? 30 
# 
_struct_conf_type.id          HELX_P 
_struct_conf_type.criteria    ? 
_struct_conf_type.reference   ? 
# 
loop_
_struct_conn.id 
_struct_conn.conn_type_id 
_struct_conn.pdbx_leaving_atom_flag 
_struct_conn.pdbx_PDB_id 
_struct_conn.ptnr1_label_asym_id 
_struct_conn.ptnr1_label_comp_id 
_struct_conn.ptnr1_label_seq_id 
_struct_conn.ptnr1_label_atom_id 
_struct_conn.pdbx_ptnr1_label_alt_id 
_struct_conn.pdbx_ptnr1_PDB_ins_code 
_struct_conn.pdbx_ptnr1_standard_comp_id 
_struct_conn.ptnr1_symmetry 
_struct_conn.ptnr2_label_asym_id 
_struct_conn.ptnr2_label_comp_id 
_struct_conn.ptnr2_label_seq_id 
_struct_conn.ptnr2_label_atom_id 
_struct_conn.pdbx_ptnr2_label_alt_id 
_struct_conn.pdbx_ptnr2_PDB_ins_code 
_struct_conn.ptnr1_auth_asym_id 
_struct_conn.ptnr1_auth_comp_id 
_struct_conn.ptnr1_auth_seq_id 
_struct_conn.ptnr2_auth_asym_id 
_struct_conn.ptnr2_auth_comp_id 
_struct_conn.ptnr2_auth_seq_id 
_struct_conn.ptnr2_symmetry 
_struct_conn.pdbx_ptnr3_label_atom_id 
_struct_conn.pdbx_ptnr3_label_seq_id 
_struct_conn.pdbx_ptnr3_label_comp_id 
_struct_conn.pdbx_ptnr3_label_asym_id 
_struct_conn.pdbx_ptnr3_label_alt_id 
_struct_conn.pdbx_ptnr3_PDB_ins_code 
_struct_conn.details 
_struct_conn.pdbx_dist_value 
_struct_conn.pdbx_value_order 
_struct_conn.pdbx_role 
covale1  covale both ? A ACE 1  C  ? ? ? 1_555 A GLY 2  N  ? ? A ACE 0   A GLY 1   1_555 ? ? ? ? ? ? ? 1.309 ? ? 
covale2  covale both ? A GLU 3  C  ? ? ? 1_555 A AIB 4  N  ? ? A GLU 2   A AIB 3   1_555 ? ? ? ? ? ? ? 1.332 ? ? 
covale3  covale both ? A AIB 4  C  ? ? ? 1_555 A AIB 5  N  ? ? A AIB 3   A AIB 4   1_555 ? ? ? ? ? ? ? 1.325 ? ? 
covale4  covale both ? A AIB 5  C  ? ? ? 1_555 A AIB 6  N  ? ? A AIB 4   A AIB 5   1_555 ? ? ? ? ? ? ? 1.330 ? ? 
covale5  covale both ? A AIB 6  C  ? ? ? 1_555 A AIB 7  N  ? ? A AIB 5   A AIB 6   1_555 ? ? ? ? ? ? ? 1.341 ? ? 
covale6  covale both ? A AIB 7  C  ? ? ? 1_555 A LYS 8  N  ? ? A AIB 6   A LYS 7   1_555 ? ? ? ? ? ? ? 1.343 ? ? 
covale7  covale both ? A GLU 9  C  ? ? ? 1_555 A AIB 10 N  ? ? A GLU 8   A AIB 9   1_555 ? ? ? ? ? ? ? 1.340 ? ? 
covale8  covale both ? A AIB 10 C  ? ? ? 1_555 A AIB 11 N  ? ? A AIB 9   A AIB 10  1_555 ? ? ? ? ? ? ? 1.344 ? ? 
covale9  covale both ? A AIB 11 C  ? ? ? 1_555 A AIB 12 N  ? ? A AIB 10  A AIB 11  1_555 ? ? ? ? ? ? ? 1.336 ? ? 
covale10 covale both ? A AIB 12 C  ? ? ? 1_555 A AIB 13 N  ? ? A AIB 11  A AIB 12  1_555 ? ? ? ? ? ? ? 1.341 ? ? 
covale11 covale both ? A AIB 13 C  ? ? ? 1_555 A LYS 14 N  ? ? A AIB 12  A LYS 13  1_555 ? ? ? ? ? ? ? 1.334 ? ? 
covale12 covale both ? A GLU 15 C  ? ? ? 1_555 A AIB 16 N  ? ? A GLU 14  A AIB 15  1_555 ? ? ? ? ? ? ? 1.333 ? ? 
covale13 covale both ? A AIB 16 C  ? ? ? 1_555 A AIB 17 N  ? ? A AIB 15  A AIB 16  1_555 ? ? ? ? ? ? ? 1.349 ? ? 
covale14 covale both ? A AIB 17 C  ? ? ? 1_555 A AIB 18 N  ? ? A AIB 16  A AIB 17  1_555 ? ? ? ? ? ? ? 1.355 ? ? 
covale15 covale both ? A AIB 18 C  ? ? ? 1_555 A AIB 19 N  ? ? A AIB 17  A AIB 18  1_555 ? ? ? ? ? ? ? 1.333 ? ? 
covale16 covale both ? A AIB 19 C  ? ? ? 1_555 A LYS 20 N  ? ? A AIB 18  A LYS 19  1_555 ? ? ? ? ? ? ? 1.341 ? ? 
covale17 covale both ? A GLU 21 C  ? ? ? 1_555 A AIB 22 N  ? ? A GLU 20  A AIB 21  1_555 ? ? ? ? ? ? ? 1.321 ? ? 
covale18 covale both ? A AIB 22 C  ? ? ? 1_555 A AIB 23 N  ? ? A AIB 21  A AIB 22  1_555 ? ? ? ? ? ? ? 1.336 ? ? 
covale19 covale both ? A AIB 23 C  ? ? ? 1_555 A AIB 24 N  ? ? A AIB 22  A AIB 23  1_555 ? ? ? ? ? ? ? 1.348 ? ? 
covale20 covale both ? A AIB 24 C  ? ? ? 1_555 A AIB 25 N  ? ? A AIB 23  A AIB 24  1_555 ? ? ? ? ? ? ? 1.345 ? ? 
covale21 covale both ? A AIB 25 C  ? ? ? 1_555 A LYS 26 N  ? ? A AIB 24  A LYS 25  1_555 ? ? ? ? ? ? ? 1.340 ? ? 
covale22 covale both ? A LYS 26 C  ? ? ? 1_555 A AIB 27 N  ? ? A LYS 25  A AIB 26  1_555 ? ? ? ? ? ? ? 1.336 ? ? 
covale23 covale both ? A AIB 27 C  ? ? ? 1_555 A AIB 28 N  ? ? A AIB 26  A AIB 27  1_555 ? ? ? ? ? ? ? 1.338 ? ? 
covale24 covale both ? A AIB 28 C  ? ? ? 1_555 A AIB 29 N  ? ? A AIB 27  A AIB 28  1_555 ? ? ? ? ? ? ? 1.342 ? ? 
covale25 covale both ? A AIB 29 C  ? ? ? 1_555 A TRP 30 N  ? ? A AIB 28  A TRP 29  1_555 ? ? ? ? ? ? ? 1.361 ? ? 
covale26 covale both ? A GLY 32 C  ? ? ? 1_555 A NH2 33 N  ? ? A GLY 31  A NH2 32  1_555 ? ? ? ? ? ? ? 1.332 ? ? 
covale27 covale both ? B ACE 1  C  ? ? ? 1_555 B GLY 2  N  ? ? B ACE 0   B GLY 1   1_555 ? ? ? ? ? ? ? 1.361 ? ? 
covale28 covale both ? B GLY 2  C  ? ? ? 1_555 B DGL 3  N  ? ? B GLY 1   B DGL 2   1_555 ? ? ? ? ? ? ? 1.342 ? ? 
covale29 covale both ? B DGL 3  C  ? ? ? 1_555 B AIB 4  N  ? ? B DGL 2   B AIB 3   1_555 ? ? ? ? ? ? ? 1.341 ? ? 
covale30 covale both ? B AIB 4  C  ? ? ? 1_555 B AIB 5  N  ? ? B AIB 3   B AIB 4   1_555 ? ? ? ? ? ? ? 1.338 ? ? 
covale31 covale both ? B AIB 5  C  ? ? ? 1_555 B AIB 6  N  ? ? B AIB 4   B AIB 5   1_555 ? ? ? ? ? ? ? 1.335 ? ? 
covale32 covale both ? B AIB 6  C  ? ? ? 1_555 B AIB 7  N  ? ? B AIB 5   B AIB 6   1_555 ? ? ? ? ? ? ? 1.355 ? ? 
covale33 covale both ? B AIB 7  C  ? ? ? 1_555 B DLY 8  N  ? ? B AIB 6   B DLY 7   1_555 ? ? ? ? ? ? ? 1.341 ? ? 
covale34 covale both ? B DLY 8  C  ? ? ? 1_555 B DGL 9  N  ? ? B DLY 7   B DGL 8   1_555 ? ? ? ? ? ? ? 1.344 ? ? 
covale35 covale both ? B DGL 9  C  ? ? ? 1_555 B AIB 10 N  ? ? B DGL 8   B AIB 9   1_555 ? ? ? ? ? ? ? 1.354 ? ? 
covale36 covale both ? B AIB 10 C  ? ? ? 1_555 B AIB 11 N  ? ? B AIB 9   B AIB 10  1_555 ? ? ? ? ? ? ? 1.328 ? ? 
covale37 covale both ? B AIB 11 C  ? ? ? 1_555 B AIB 12 N  ? ? B AIB 10  B AIB 11  1_555 ? ? ? ? ? ? ? 1.352 ? ? 
covale38 covale both ? B AIB 12 C  ? ? ? 1_555 B AIB 13 N  ? ? B AIB 11  B AIB 12  1_555 ? ? ? ? ? ? ? 1.338 ? ? 
covale39 covale both ? B AIB 13 C  ? ? ? 1_555 B DLY 14 N  ? ? B AIB 12  B DLY 13  1_555 ? ? ? ? ? ? ? 1.350 ? ? 
covale40 covale both ? B DLY 14 C  ? ? ? 1_555 B DGL 15 N  ? ? B DLY 13  B DGL 14  1_555 ? ? ? ? ? ? ? 1.333 ? ? 
covale41 covale both ? B DGL 15 C  ? ? ? 1_555 B AIB 16 N  ? ? B DGL 14  B AIB 15  1_555 ? ? ? ? ? ? ? 1.355 ? ? 
covale42 covale both ? B AIB 16 C  ? ? ? 1_555 B AIB 17 N  ? ? B AIB 15  B AIB 16  1_555 ? ? ? ? ? ? ? 1.338 ? ? 
covale43 covale both ? B AIB 17 C  ? ? ? 1_555 B AIB 18 N  ? ? B AIB 16  B AIB 17  1_555 ? ? ? ? ? ? ? 1.344 ? ? 
covale44 covale both ? B AIB 18 C  ? ? ? 1_555 B AIB 19 N  ? ? B AIB 17  B AIB 18  1_555 ? ? ? ? ? ? ? 1.339 ? ? 
covale45 covale both ? B AIB 19 C  ? ? ? 1_555 B DLY 20 N  ? ? B AIB 18  B DLY 19  1_555 ? ? ? ? ? ? ? 1.341 ? ? 
covale46 covale both ? B DLY 20 C  ? ? ? 1_555 B DGL 21 N  ? ? B DLY 19  B DGL 20  1_555 ? ? ? ? ? ? ? 1.354 ? ? 
covale47 covale both ? B DGL 21 C  ? ? ? 1_555 B AIB 22 N  ? ? B DGL 20  B AIB 21  1_555 ? ? ? ? ? ? ? 1.324 ? ? 
covale48 covale both ? B AIB 22 C  ? ? ? 1_555 B AIB 23 N  ? ? B AIB 21  B AIB 22  1_555 ? ? ? ? ? ? ? 1.333 ? ? 
covale49 covale both ? B AIB 23 C  ? ? ? 1_555 B AIB 24 N  ? ? B AIB 22  B AIB 23  1_555 ? ? ? ? ? ? ? 1.348 ? ? 
covale50 covale both ? B AIB 24 C  ? ? ? 1_555 B AIB 25 N  ? ? B AIB 23  B AIB 24  1_555 ? ? ? ? ? ? ? 1.348 ? ? 
covale51 covale both ? B AIB 25 C  ? ? ? 1_555 B DLY 26 N  ? ? B AIB 24  B DLY 25  1_555 ? ? ? ? ? ? ? 1.337 ? ? 
covale52 covale both ? B DLY 26 C  ? ? ? 1_555 B AIB 27 N  ? ? B DLY 25  B AIB 26  1_555 ? ? ? ? ? ? ? 1.344 ? ? 
covale53 covale both ? B AIB 27 C  ? ? ? 1_555 B AIB 28 N  ? ? B AIB 26  B AIB 27  1_555 ? ? ? ? ? ? ? 1.338 ? ? 
covale54 covale both ? B AIB 28 C  ? ? ? 1_555 B AIB 29 N  ? ? B AIB 27  B AIB 28  1_555 ? ? ? ? ? ? ? 1.342 ? ? 
covale55 covale both ? B AIB 29 C  ? ? ? 1_555 B DTR 30 N  ? ? B AIB 28  B DTR 29  1_555 ? ? ? ? ? ? ? 1.357 ? ? 
covale56 covale both ? B DTR 30 C  ? ? ? 1_555 B DLY 31 N  ? ? B DTR 29  B DLY 30  1_555 ? ? ? ? ? ? ? 1.338 ? ? 
metalc1  metalc ?    ? A GLU 21 O  ? ? ? 1_555 C NA  .  NA ? ? A GLU 20  A NA  101 1_555 ? ? ? ? ? ? ? 2.787 ? ? 
metalc2  metalc ?    ? D NA  .  NA ? ? ? 1_555 H HOH .  O  ? ? A NA  102 A HOH 201 1_555 ? ? ? ? ? ? ? 2.730 ? ? 
metalc3  metalc ?    ? D NA  .  NA ? ? ? 1_555 H HOH .  O  ? ? A NA  102 A HOH 208 1_555 ? ? ? ? ? ? ? 3.001 ? ? 
metalc4  metalc ?    ? D NA  .  NA ? ? ? 1_555 H HOH .  O  ? ? A NA  102 A HOH 213 1_646 ? ? ? ? ? ? ? 2.960 ? ? 
metalc5  metalc ?    ? D NA  .  NA ? ? ? 1_555 I HOH .  O  ? ? A NA  102 B HOH 207 1_656 ? ? ? ? ? ? ? 2.586 ? ? 
metalc6  metalc ?    ? H HOH .  O  ? ? ? 1_455 G NA  .  NA ? ? A HOH 216 B NA  102 1_555 ? ? ? ? ? ? ? 2.670 ? ? 
metalc7  metalc ?    ? B DLY 8  O  ? ? ? 1_555 G NA  .  NA ? ? B DLY 7   B NA  102 1_555 ? ? ? ? ? ? ? 3.011 ? ? 
metalc8  metalc ?    ? F NA  .  NA ? ? ? 1_555 I HOH .  O  ? ? B NA  101 B HOH 211 1_555 ? ? ? ? ? ? ? 2.385 ? ? 
# 
loop_
_struct_conn_type.id 
_struct_conn_type.criteria 
_struct_conn_type.reference 
covale ? ? 
metalc ? ? 
# 
_atom_sites.entry_id                    8BFD 
_atom_sites.Cartn_transf_matrix[1][1]   ? 
_atom_sites.Cartn_transf_matrix[1][2]   ? 
_atom_sites.Cartn_transf_matrix[1][3]   ? 
_atom_sites.Cartn_transf_matrix[2][1]   ? 
_atom_sites.Cartn_transf_matrix[2][2]   ? 
_atom_sites.Cartn_transf_matrix[2][3]   ? 
_atom_sites.Cartn_transf_matrix[3][1]   ? 
_atom_sites.Cartn_transf_matrix[3][2]   ? 
_atom_sites.Cartn_transf_matrix[3][3]   ? 
_atom_sites.Cartn_transf_vector[1]      ? 
_atom_sites.Cartn_transf_vector[2]      ? 
_atom_sites.Cartn_transf_vector[3]      ? 
_atom_sites.fract_transf_matrix[1][1]   0.04298150 
_atom_sites.fract_transf_matrix[1][2]   0.00073744 
_atom_sites.fract_transf_matrix[1][3]   0.02969234 
_atom_sites.fract_transf_matrix[2][1]   0.03187219 
_atom_sites.fract_transf_matrix[2][2]   0.02395850 
_atom_sites.fract_transf_matrix[2][3]   -0.02787580 
_atom_sites.fract_transf_matrix[3][1]   0.00919331 
_atom_sites.fract_transf_matrix[3][2]   0.03824397 
_atom_sites.fract_transf_matrix[3][3]   0.01808772 
_atom_sites.fract_transf_vector[1]      -0.029500 
_atom_sites.fract_transf_vector[2]      0.001806 
_atom_sites.fract_transf_vector[3]      -0.016333 
_atom_sites.solution_primary            ? 
_atom_sites.solution_secondary          ? 
_atom_sites.solution_hydrogens          ? 
_atom_sites.special_details             ? 
# 
loop_
_atom_type.symbol 
C  
N  
NA 
O  
# 
loop_
_atom_site.group_PDB 
_atom_site.id 
_atom_site.type_symbol 
_atom_site.label_atom_id 
_atom_site.label_alt_id 
_atom_site.label_comp_id 
_atom_site.label_asym_id 
_atom_site.label_entity_id 
_atom_site.label_seq_id 
_atom_site.pdbx_PDB_ins_code 
_atom_site.Cartn_x 
_atom_site.Cartn_y 
_atom_site.Cartn_z 
_atom_site.occupancy 
_atom_site.B_iso_or_equiv 
_atom_site.pdbx_formal_charge 
_atom_site.auth_seq_id 
_atom_site.auth_comp_id 
_atom_site.auth_asym_id 
_atom_site.auth_atom_id 
_atom_site.pdbx_PDB_model_num 
HETATM 1   C  C   . ACE A 1 1  ? 7.308   2.252  22.233  1.00 24.71 ? 0   ACE A C   1 
HETATM 2   O  O   . ACE A 1 1  ? 6.809   1.633  21.408  1.00 23.99 ? 0   ACE A O   1 
HETATM 3   C  CH3 . ACE A 1 1  ? 8.664   1.877  22.785  1.00 27.08 ? 0   ACE A CH3 1 
ATOM   4   N  N   . GLY A 1 2  ? 6.747   3.251  22.867  1.00 23.97 ? 1   GLY A N   1 
ATOM   5   C  CA  . GLY A 1 2  ? 7.252   4.636  22.809  1.00 22.23 ? 1   GLY A CA  1 
ATOM   6   C  C   . GLY A 1 2  ? 7.495   5.092  21.366  1.00 19.93 ? 1   GLY A C   1 
ATOM   7   O  O   . GLY A 1 2  ? 6.630   4.830  20.495  1.00 18.77 ? 1   GLY A O   1 
ATOM   8   N  N   . GLU A 1 3  ? 8.619   5.746  21.123  1.00 19.46 ? 2   GLU A N   1 
ATOM   9   C  CA  . GLU A 1 3  ? 8.994   6.079  19.735  1.00 18.52 ? 2   GLU A CA  1 
ATOM   10  C  C   . GLU A 1 3  ? 9.109   4.780  18.898  1.00 16.51 ? 2   GLU A C   1 
ATOM   11  O  O   . GLU A 1 3  ? 8.776   4.827  17.730  1.00 15.09 ? 2   GLU A O   1 
ATOM   12  C  CB  . GLU A 1 3  ? 10.283  6.883  19.814  1.00 21.39 ? 2   GLU A CB  1 
ATOM   13  C  CG  . GLU A 1 3  ? 10.086  8.223  20.492  1.00 23.45 ? 2   GLU A CG  1 
ATOM   14  C  CD  . GLU A 1 3  ? 11.349  8.852  21.044  1.00 27.43 ? 2   GLU A CD  1 
ATOM   15  O  OE1 . GLU A 1 3  ? 11.639  8.631  22.235  1.00 28.77 ? 2   GLU A OE1 1 
ATOM   16  O  OE2 . GLU A 1 3  ? 12.027  9.563  20.284  1.00 30.46 ? 2   GLU A OE2 1 
HETATM 17  N  N   . AIB A 1 4  ? 9.520   3.670  19.510  1.00 16.90 ? 3   AIB A N   1 
HETATM 18  C  CA  . AIB A 1 4  ? 9.748   2.390  18.765  1.00 17.23 ? 3   AIB A CA  1 
HETATM 19  C  C   . AIB A 1 4  ? 8.440   1.992  18.034  1.00 15.08 ? 3   AIB A C   1 
HETATM 20  O  O   . AIB A 1 4  ? 8.461   1.867  16.803  1.00 14.19 ? 3   AIB A O   1 
HETATM 21  C  CB1 . AIB A 1 4  ? 10.861  2.615  17.746  1.00 18.43 ? 3   AIB A CB1 1 
HETATM 22  C  CB2 . AIB A 1 4  ? 10.099  1.298  19.773  1.00 20.06 ? 3   AIB A CB2 1 
HETATM 23  N  N   . AIB A 1 5  ? 7.357   1.861  18.785  1.00 14.72 ? 4   AIB A N   1 
HETATM 24  C  CA  . AIB A 1 5  ? 6.078   1.533  18.139  1.00 14.09 ? 4   AIB A CA  1 
HETATM 25  C  C   . AIB A 1 5  ? 5.798   2.470  16.958  1.00 11.70 ? 4   AIB A C   1 
HETATM 26  O  O   . AIB A 1 5  ? 5.467   2.059  15.824  1.00 10.99 ? 4   AIB A O   1 
HETATM 27  C  CB1 . AIB A 1 5  ? 6.124   0.095  17.616  1.00 15.93 ? 4   AIB A CB1 1 
HETATM 28  C  CB2 . AIB A 1 5  ? 4.983   1.743  19.187  1.00 15.46 ? 4   AIB A CB2 1 
HETATM 29  N  N   . AIB A 1 6  ? 5.870   3.761  17.267  1.00 11.13 ? 5   AIB A N   1 
HETATM 30  C  CA  . AIB A 1 6  ? 5.441   4.827  16.379  1.00 10.50 ? 5   AIB A CA  1 
HETATM 31  C  C   . AIB A 1 6  ? 6.204   4.660  15.060  1.00 9.34  ? 5   AIB A C   1 
HETATM 32  O  O   . AIB A 1 6  ? 5.633   4.776  13.985  1.00 8.65  ? 5   AIB A O   1 
HETATM 33  C  CB1 . AIB A 1 6  ? 3.903   4.759  16.215  1.00 11.38 ? 5   AIB A CB1 1 
HETATM 34  C  CB2 . AIB A 1 6  ? 5.869   6.144  17.010  1.00 11.75 ? 5   AIB A CB2 1 
HETATM 35  N  N   . AIB A 1 7  ? 7.527   4.460  15.153  1.00 9.86  ? 6   AIB A N   1 
HETATM 36  C  CA  . AIB A 1 7  ? 8.375   4.324  13.975  1.00 10.08 ? 6   AIB A CA  1 
HETATM 37  C  C   . AIB A 1 7  ? 7.839   3.255  13.018  1.00 8.98  ? 6   AIB A C   1 
HETATM 38  O  O   . AIB A 1 7  ? 7.876   3.418  11.791  1.00 8.43  ? 6   AIB A O   1 
HETATM 39  C  CB1 . AIB A 1 7  ? 8.428   5.718  13.340  1.00 10.76 ? 6   AIB A CB1 1 
HETATM 40  C  CB2 . AIB A 1 7  ? 9.765   3.906  14.438  1.00 12.38 ? 6   AIB A CB2 1 
ATOM   41  N  N   . LYS A 1 8  ? 7.344   2.138  13.575  1.00 9.35  ? 7   LYS A N   1 
ATOM   42  C  CA  . LYS A 1 8  ? 6.841   1.024  12.786  1.00 9.65  ? 7   LYS A CA  1 
ATOM   43  C  C   . LYS A 1 8  ? 5.560   1.410  12.037  1.00 8.15  ? 7   LYS A C   1 
ATOM   44  O  O   . LYS A 1 8  ? 5.326   0.904  10.915  1.00 7.98  ? 7   LYS A O   1 
ATOM   45  C  CB  . LYS A 1 8  ? 6.482   -0.160 13.688  1.00 12.09 ? 7   LYS A CB  1 
ATOM   46  C  CG  . LYS A 1 8  ? 6.001   -1.400 12.945  1.00 14.08 ? 7   LYS A CG  1 
ATOM   47  N  N   . GLU A 1 9  ? 4.704   2.257  12.621  1.00 7.86  ? 8   GLU A N   1 
ATOM   48  C  CA  . GLU A 1 9  ? 3.515   2.743  11.889  1.00 7.76  ? 8   GLU A CA  1 
ATOM   49  C  C   . GLU A 1 9  ? 3.949   3.486  10.628  1.00 6.46  ? 8   GLU A C   1 
ATOM   50  O  O   . GLU A 1 9  ? 3.439   3.200  9.552   1.00 6.13  ? 8   GLU A O   1 
ATOM   51  C  CB  . GLU A 1 9  ? 2.670   3.643  12.790  1.00 9.26  ? 8   GLU A CB  1 
ATOM   52  C  CG  . GLU A 1 9  ? 1.359   4.021  12.098  1.00 10.86 ? 8   GLU A CG  1 
ATOM   53  C  CD  . GLU A 1 9  ? 0.327   4.730  12.968  1.00 14.21 ? 8   GLU A CD  1 
ATOM   54  O  OE1 . GLU A 1 9  ? 0.550   4.801  14.207  1.00 14.95 ? 8   GLU A OE1 1 
ATOM   55  O  OE2 . GLU A 1 9  ? -0.701  5.197  12.419  1.00 16.81 ? 8   GLU A OE2 1 
HETATM 56  N  N   . AIB A 1 10 ? 4.820   4.491  10.796  1.00 6.53  ? 9   AIB A N   1 
HETATM 57  C  CA  . AIB A 1 10 ? 5.409   5.266  9.710   1.00 6.70  ? 9   AIB A CA  1 
HETATM 58  C  C   . AIB A 1 10 ? 5.894   4.347  8.586   1.00 5.83  ? 9   AIB A C   1 
HETATM 59  O  O   . AIB A 1 10 ? 5.441   4.473  7.440   1.00 5.39  ? 9   AIB A O   1 
HETATM 60  C  CB1 . AIB A 1 10 ? 4.298   6.175  9.173   1.00 7.72  ? 9   AIB A CB1 1 
HETATM 61  C  CB2 . AIB A 1 10 ? 6.585   6.092  10.248  1.00 8.29  ? 9   AIB A CB2 1 
HETATM 62  N  N   . AIB A 1 11 ? 6.768   3.395  8.955   1.00 6.21  ? 10  AIB A N   1 
HETATM 63  C  CA  . AIB A 1 11 ? 7.390   2.479  8.011   1.00 6.79  ? 10  AIB A CA  1 
HETATM 64  C  C   . AIB A 1 11 ? 6.338   1.766  7.161   1.00 5.89  ? 10  AIB A C   1 
HETATM 65  O  O   . AIB A 1 11 ? 6.330   1.861  5.919   1.00 5.50  ? 10  AIB A O   1 
HETATM 66  C  CB1 . AIB A 1 11 ? 8.301   3.331  7.117   1.00 8.00  ? 10  AIB A CB1 1 
HETATM 67  C  CB2 . AIB A 1 11 ? 8.200   1.447  8.803   1.00 8.77  ? 10  AIB A CB2 1 
HETATM 68  N  N   . AIB A 1 12 ? 5.372   1.145  7.844   1.00 6.11  ? 11  AIB A N   1 
HETATM 69  C  CA  . AIB A 1 12 ? 4.347   0.330  7.208   1.00 6.62  ? 11  AIB A CA  1 
HETATM 70  C  C   . AIB A 1 12 ? 3.587   1.138  6.146   1.00 5.52  ? 11  AIB A C   1 
HETATM 71  O  O   . AIB A 1 12 ? 3.488   0.749  4.962   1.00 5.29  ? 11  AIB A O   1 
HETATM 72  C  CB1 . AIB A 1 12 ? 5.025   -0.898 6.589   1.00 8.35  ? 11  AIB A CB1 1 
HETATM 73  C  CB2 . AIB A 1 12 ? 3.389   -0.092 8.316   1.00 8.22  ? 11  AIB A CB2 1 
HETATM 74  N  N   . AIB A 1 13 ? 3.058   2.280  6.611   1.00 5.44  ? 12  AIB A N   1 
HETATM 75  C  CA  . AIB A 1 13 ? 2.207   3.148  5.839   1.00 5.94  ? 12  AIB A CA  1 
HETATM 76  C  C   . AIB A 1 13 ? 2.950   3.588  4.538   1.00 5.24  ? 12  AIB A C   1 
HETATM 77  O  O   . AIB A 1 13 ? 2.438   3.587  3.448   1.00 5.28  ? 12  AIB A O   1 
HETATM 78  C  CB1 . AIB A 1 13 ? 0.910   2.389  5.612   1.00 7.50  ? 12  AIB A CB1 1 
HETATM 79  C  CB2 . AIB A 1 13 ? 1.894   4.387  6.676   1.00 7.24  ? 12  AIB A CB2 1 
ATOM   80  N  N   . LYS A 1 14 ? 4.196   4.044  4.679   1.00 5.32  ? 13  LYS A N   1 
ATOM   81  C  CA  . LYS A 1 14 ? 4.923   4.610  3.571   1.00 6.07  ? 13  LYS A CA  1 
ATOM   82  C  C   . LYS A 1 14 ? 5.253   3.489  2.561   1.00 5.59  ? 13  LYS A C   1 
ATOM   83  O  O   . LYS A 1 14 ? 5.249   3.745  1.362   1.00 5.83  ? 13  LYS A O   1 
ATOM   84  C  CB  . LYS A 1 14 ? 6.159   5.311  4.109   1.00 7.68  ? 13  LYS A CB  1 
ATOM   85  C  CG  . LYS A 1 14 ? 5.953   6.670  4.744   1.00 9.61  ? 13  LYS A CG  1 
ATOM   86  C  CD  . LYS A 1 14 ? 7.250   7.416  4.999   1.00 12.58 ? 13  LYS A CD  1 
ATOM   87  C  CE  . LYS A 1 14 ? 8.030   6.861  6.165   1.00 12.24 ? 13  LYS A CE  1 
ATOM   88  N  NZ  . LYS A 1 14 ? 9.102   7.776  6.631   1.00 16.09 ? 13  LYS A NZ  1 
ATOM   89  N  N   . GLU A 1 15 ? 5.568   2.296  3.037   1.00 5.72  ? 14  GLU A N   1 
ATOM   90  C  CA  . GLU A 1 15 ? 5.876   1.139  2.173   1.00 6.71  ? 14  GLU A CA  1 
ATOM   91  C  C   . GLU A 1 15 ? 4.648   0.820  1.333   1.00 6.02  ? 14  GLU A C   1 
ATOM   92  O  O   . GLU A 1 15 ? 4.756   0.672  0.097   1.00 6.19  ? 14  GLU A O   1 
ATOM   93  C  CB  . GLU A 1 15 ? 6.285   -0.071 2.996   1.00 8.58  ? 14  GLU A CB  1 
ATOM   94  C  CG  . GLU A 1 15 ? 6.690   -1.248 2.154   1.00 11.03 ? 14  GLU A CG  1 
ATOM   95  C  CD  . GLU A 1 15 ? 7.163   -2.456 2.953   1.00 14.74 ? 14  GLU A CD  1 
ATOM   96  O  OE1 . GLU A 1 15 ? 8.010   -2.306 3.870   1.00 16.19 ? 14  GLU A OE1 1 
ATOM   97  O  OE2 . GLU A 1 15 ? 6.823   -3.576 2.525   1.00 17.49 ? 14  GLU A OE2 1 
HETATM 98  N  N   . AIB A 1 16 ? 3.500   0.770  2.008   1.00 5.91  ? 15  AIB A N   1 
HETATM 99  C  CA  . AIB A 1 16 ? 2.211   0.499  1.370   1.00 6.48  ? 15  AIB A CA  1 
HETATM 100 C  C   . AIB A 1 16 ? 1.940   1.530  0.274   1.00 6.03  ? 15  AIB A C   1 
HETATM 101 O  O   . AIB A 1 16 ? 1.650   1.167  -0.882  1.00 6.36  ? 15  AIB A O   1 
HETATM 102 C  CB1 . AIB A 1 16 ? 2.279   -0.909 0.767   1.00 7.92  ? 15  AIB A CB1 1 
HETATM 103 C  CB2 . AIB A 1 16 ? 1.149   0.616  2.450   1.00 7.64  ? 15  AIB A CB2 1 
HETATM 104 N  N   . AIB A 1 17 ? 1.985   2.817  0.675   1.00 6.22  ? 16  AIB A N   1 
HETATM 105 C  CA  . AIB A 1 17 ? 1.784   3.937  -0.223  1.00 7.18  ? 16  AIB A CA  1 
HETATM 106 C  C   . AIB A 1 17 ? 2.645   3.801  -1.494  1.00 7.01  ? 16  AIB A C   1 
HETATM 107 O  O   . AIB A 1 17 ? 2.129   3.921  -2.627  1.00 7.73  ? 16  AIB A O   1 
HETATM 108 C  CB1 . AIB A 1 17 ? 0.283   3.944  -0.541  1.00 8.85  ? 16  AIB A CB1 1 
HETATM 109 C  CB2 . AIB A 1 17 ? 2.193   5.186  0.546   1.00 8.34  ? 16  AIB A CB2 1 
HETATM 110 N  N   . AIB A 1 18 ? 3.973   3.619  -1.296  1.00 6.99  ? 17  AIB A N   1 
HETATM 111 C  CA  . AIB A 1 18 ? 4.936   3.525  -2.389  1.00 8.05  ? 17  AIB A CA  1 
HETATM 112 C  C   . AIB A 1 18 ? 4.495   2.456  -3.404  1.00 7.73  ? 17  AIB A C   1 
HETATM 113 O  O   . AIB A 1 18 ? 4.435   2.709  -4.623  1.00 8.39  ? 17  AIB A O   1 
HETATM 114 C  CB1 . AIB A 1 18 ? 5.008   4.892  -3.075  1.00 10.09 ? 17  AIB A CB1 1 
HETATM 115 C  CB2 . AIB A 1 18 ? 6.295   3.215  -1.773  1.00 9.19  ? 17  AIB A CB2 1 
HETATM 116 N  N   . AIB A 1 19 ? 4.094   1.291  -2.895  1.00 7.26  ? 18  AIB A N   1 
HETATM 117 C  CA  . AIB A 1 19 ? 3.740   0.172  -3.732  1.00 7.99  ? 18  AIB A CA  1 
HETATM 118 C  C   . AIB A 1 19 ? 2.549   0.563  -4.595  1.00 7.84  ? 18  AIB A C   1 
HETATM 119 O  O   . AIB A 1 19 ? 2.531   0.292  -5.797  1.00 8.62  ? 18  AIB A O   1 
HETATM 120 C  CB1 . AIB A 1 19 ? 4.971   -0.161 -4.578  1.00 9.62  ? 18  AIB A CB1 1 
HETATM 121 C  CB2 . AIB A 1 19 ? 3.374   -0.993 -2.826  1.00 9.14  ? 18  AIB A CB2 1 
ATOM   122 N  N   . LYS A 1 20 ? 1.558   1.248  -4.007  1.00 7.58  ? 19  LYS A N   1 
ATOM   123 C  CA  . LYS A 1 20 ? 0.375   1.594  -4.761  1.00 8.33  ? 19  LYS A CA  1 
ATOM   124 C  C   . LYS A 1 20 ? 0.772   2.372  -6.022  1.00 8.24  ? 19  LYS A C   1 
ATOM   125 O  O   . LYS A 1 20 ? 0.091   2.216  -7.078  1.00 8.81  ? 19  LYS A O   1 
ATOM   126 C  CB  . LYS A 1 20 ? -0.590  2.437  -3.930  1.00 9.88  ? 19  LYS A CB  1 
ATOM   127 C  CG  . LYS A 1 20 ? -1.874  2.856  -4.627  1.00 12.49 ? 19  LYS A CG  1 
ATOM   128 C  CD  . LYS A 1 20 ? -2.817  3.622  -3.688  1.00 15.76 ? 19  LYS A CD  1 
ATOM   129 C  CE  . LYS A 1 20 ? -3.421  4.849  -4.325  1.00 19.14 ? 19  LYS A CE  1 
ATOM   130 N  NZ  . LYS A 1 20 ? -4.739  5.257  -3.744  1.00 24.53 ? 19  LYS A NZ  1 
ATOM   131 N  N   . GLU A 1 21 ? 1.743   3.281  -5.930  1.00 8.12  ? 20  GLU A N   1 
ATOM   132 C  CA  . GLU A 1 21 ? 2.111   4.129  -7.103  1.00 9.50  ? 20  GLU A CA  1 
ATOM   133 C  C   . GLU A 1 21 ? 2.645   3.251  -8.245  1.00 8.69  ? 20  GLU A C   1 
ATOM   134 O  O   . GLU A 1 21 ? 2.244   3.462  -9.362  1.00 9.47  ? 20  GLU A O   1 
ATOM   135 C  CB  . GLU A 1 21 ? 3.155   5.172  -6.731  1.00 11.44 ? 20  GLU A CB  1 
ATOM   136 C  CG  . GLU A 1 21 ? 3.215   6.357  -7.661  0.70 14.77 ? 20  GLU A CG  1 
ATOM   137 C  CD  . GLU A 1 21 ? 4.074   7.476  -7.102  0.80 18.51 ? 20  GLU A CD  1 
ATOM   138 O  OE1 . GLU A 1 21 ? 4.035   7.692  -5.878  0.70 18.46 ? 20  GLU A OE1 1 
ATOM   139 O  OE2 . GLU A 1 21 ? 4.781   8.114  -7.889  1.00 22.70 ? 20  GLU A OE2 1 
HETATM 140 N  N   . AIB A 1 22 ? 3.515   2.311  -7.921  1.00 7.59  ? 21  AIB A N   1 
HETATM 141 C  CA  . AIB A 1 22 ? 4.034   1.386  -8.911  1.00 8.04  ? 21  AIB A CA  1 
HETATM 142 C  C   . AIB A 1 22 ? 2.885   0.714  -9.691  1.00 7.31  ? 21  AIB A C   1 
HETATM 143 O  O   . AIB A 1 22 ? 2.904   0.642  -10.925 1.00 7.89  ? 21  AIB A O   1 
HETATM 144 C  CB1 . AIB A 1 22 ? 4.938   2.136  -9.905  1.00 10.16 ? 21  AIB A CB1 1 
HETATM 145 C  CB2 . AIB A 1 22 ? 4.852   0.364  -8.120  1.00 8.59  ? 21  AIB A CB2 1 
HETATM 146 N  N   . AIB A 1 23 ? 1.890   0.217  -8.950  1.00 6.50  ? 22  AIB A N   1 
HETATM 147 C  CA  . AIB A 1 23 ? 0.856   -0.652 -9.477  1.00 7.24  ? 22  AIB A CA  1 
HETATM 148 C  C   . AIB A 1 23 ? 0.072   0.167  -10.507 1.00 7.49  ? 22  AIB A C   1 
HETATM 149 O  O   . AIB A 1 23 ? -0.084  -0.243 -11.658 1.00 8.09  ? 22  AIB A O   1 
HETATM 150 C  CB1 . AIB A 1 23 ? 1.538   -1.887 -10.096 1.00 8.57  ? 22  AIB A CB1 1 
HETATM 151 C  CB2 . AIB A 1 23 ? -0.029  -1.053 -8.297  1.00 7.90  ? 22  AIB A CB2 1 
HETATM 152 N  N   . AIB A 1 24 ? -0.357  1.366  -10.063 1.00 7.55  ? 23  AIB A N   1 
HETATM 153 C  CA  . AIB A 1 24 ? -1.166  2.283  -10.842 1.00 9.21  ? 23  AIB A CA  1 
HETATM 154 C  C   . AIB A 1 24 ? -0.454  2.683  -12.152 1.00 9.40  ? 23  AIB A C   1 
HETATM 155 O  O   . AIB A 1 24 ? -1.016  2.514  -13.232 1.00 10.33 ? 23  AIB A O   1 
HETATM 156 C  CB1 . AIB A 1 24 ? -2.501  1.586  -11.130 1.00 10.99 ? 23  AIB A CB1 1 
HETATM 157 C  CB2 . AIB A 1 24 ? -1.354  3.548  -9.991  1.00 10.48 ? 23  AIB A CB2 1 
HETATM 158 N  N   . AIB A 1 25 ? 0.809   3.133  -12.039 1.00 9.04  ? 24  AIB A N   1 
HETATM 159 C  CA  . AIB A 1 25 ? 1.610   3.619  -13.159 1.00 10.57 ? 24  AIB A CA  1 
HETATM 160 C  C   . AIB A 1 25 ? 1.722   2.478  -14.180 1.00 9.98  ? 24  AIB A C   1 
HETATM 161 O  O   . AIB A 1 25 ? 1.582   2.643  -15.385 1.00 11.16 ? 24  AIB A O   1 
HETATM 162 C  CB1 . AIB A 1 25 ? 0.936   4.863  -13.727 1.00 13.41 ? 24  AIB A CB1 1 
HETATM 163 C  CB2 . AIB A 1 25 ? 3.002   3.986  -12.636 1.00 11.36 ? 24  AIB A CB2 1 
ATOM   164 N  N   . LYS A 1 26 ? 1.945   1.270  -13.645 1.00 8.70  ? 25  LYS A N   1 
ATOM   165 C  CA  . LYS A 1 26 ? 2.244   0.119  -14.500 1.00 9.41  ? 25  LYS A CA  1 
ATOM   166 C  C   . LYS A 1 26 ? 1.001   -0.234 -15.326 1.00 9.71  ? 25  LYS A C   1 
ATOM   167 O  O   . LYS A 1 26 ? 1.101   -0.415 -16.554 1.00 10.71 ? 25  LYS A O   1 
ATOM   168 C  CB  . LYS A 1 26 ? 2.693   -1.059 -13.638 1.00 9.56  ? 25  LYS A CB  1 
ATOM   169 C  CG  . LYS A 1 26 ? 3.261   -2.274 -14.365 1.00 11.89 ? 25  LYS A CG  1 
ATOM   170 C  CD  . LYS A 1 26 ? 3.769   -3.348 -13.376 1.00 13.51 ? 25  LYS A CD  1 
ATOM   171 C  CE  . LYS A 1 26 ? 4.592   -2.799 -12.221 0.70 12.96 ? 25  LYS A CE  1 
ATOM   172 N  NZ  . LYS A 1 26 ? 5.282   -3.834 -11.382 0.70 15.64 ? 25  LYS A NZ  1 
HETATM 173 N  N   . AIB A 1 27 ? -0.149  -0.316 -14.652 1.00 9.51  ? 26  AIB A N   1 
HETATM 174 C  CA  . AIB A 1 27 ? -1.422  -0.613 -15.306 1.00 11.09 ? 26  AIB A CA  1 
HETATM 175 C  C   . AIB A 1 27 ? -1.604  0.338  -16.503 1.00 12.03 ? 26  AIB A C   1 
HETATM 176 O  O   . AIB A 1 27 ? -1.795  -0.106 -17.623 1.00 12.87 ? 26  AIB A O   1 
HETATM 177 C  CB1 . AIB A 1 27 ? -1.440  -2.079 -15.739 1.00 12.37 ? 26  AIB A CB1 1 
HETATM 178 C  CB2 . AIB A 1 27 ? -2.525  -0.337 -14.298 1.00 12.00 ? 26  AIB A CB2 1 
HETATM 179 N  N   . AIB A 1 28 ? -1.447  1.637  -16.225 1.00 12.52 ? 27  AIB A N   1 
HETATM 180 C  CA  . AIB A 1 28 ? -1.599  2.716  -17.180 1.00 14.92 ? 27  AIB A CA  1 
HETATM 181 C  C   . AIB A 1 28 ? -0.710  2.444  -18.390 1.00 15.31 ? 27  AIB A C   1 
HETATM 182 O  O   . AIB A 1 28 ? -1.182  2.494  -19.513 1.00 16.79 ? 27  AIB A O   1 
HETATM 183 C  CB1 . AIB A 1 28 ? -3.073  2.747  -17.600 1.00 17.28 ? 27  AIB A CB1 1 
HETATM 184 C  CB2 . AIB A 1 28 ? -1.157  3.996  -16.473 1.00 16.03 ? 27  AIB A CB2 1 
HETATM 185 N  N   . AIB A 1 29 ? 0.563   2.108  -18.132 1.00 14.76 ? 28  AIB A N   1 
HETATM 186 C  CA  . AIB A 1 29 ? 1.584   1.877  -19.150 1.00 16.52 ? 28  AIB A CA  1 
HETATM 187 C  C   . AIB A 1 29 ? 1.282   0.628  -19.992 1.00 16.94 ? 28  AIB A C   1 
HETATM 188 O  O   . AIB A 1 29 ? 1.227   0.715  -21.234 1.00 18.41 ? 28  AIB A O   1 
HETATM 189 C  CB1 . AIB A 1 29 ? 1.709   3.131  -20.032 1.00 19.42 ? 28  AIB A CB1 1 
HETATM 190 C  CB2 . AIB A 1 29 ? 2.910   1.627  -18.424 1.00 16.63 ? 28  AIB A CB2 1 
ATOM   191 N  N   . TRP A 1 30 ? 1.104   -0.532 -19.302 1.00 16.69 ? 29  TRP A N   1 
ATOM   192 C  CA  . TRP A 1 30 ? 1.058   -1.886 -19.889 1.00 18.61 ? 29  TRP A CA  1 
ATOM   193 C  C   . TRP A 1 30 ? 0.022   -1.889 -20.996 1.00 20.46 ? 29  TRP A C   1 
ATOM   194 O  O   . TRP A 1 30 ? 0.205   -2.623 -22.025 1.00 22.93 ? 29  TRP A O   1 
ATOM   195 C  CB  . TRP A 1 30 ? 0.717   -3.005 -18.867 1.00 18.50 ? 29  TRP A CB  1 
ATOM   196 C  CG  . TRP A 1 30 ? 0.469   -4.359 -19.485 0.80 21.15 ? 29  TRP A CG  1 
ATOM   197 C  CD1 . TRP A 1 30 ? 1.382   -5.286 -19.928 0.85 23.87 ? 29  TRP A CD1 1 
ATOM   198 C  CD2 . TRP A 1 30 ? -0.815  -4.915 -19.814 1.00 22.56 ? 29  TRP A CD2 1 
ATOM   199 N  NE1 . TRP A 1 30 ? 0.752   -6.373 -20.479 1.00 26.76 ? 29  TRP A NE1 1 
ATOM   200 C  CE2 . TRP A 1 30 ? -0.598  -6.186 -20.409 1.00 26.05 ? 29  TRP A CE2 1 
ATOM   201 C  CE3 . TRP A 1 30 ? -2.120  -4.464 -19.641 1.00 22.43 ? 29  TRP A CE3 1 
ATOM   202 C  CZ2 . TRP A 1 30 ? -1.631  -7.028 -20.807 0.80 29.23 ? 29  TRP A CZ2 1 
ATOM   203 C  CZ3 . TRP A 1 30 ? -3.145  -5.307 -20.010 0.85 25.68 ? 29  TRP A CZ3 1 
ATOM   204 C  CH2 . TRP A 1 30 ? -2.903  -6.551 -20.617 0.85 28.99 ? 29  TRP A CH2 1 
ATOM   205 N  N   . LYS A 1 31 ? -1.044  -1.106 -20.778 1.00 21.17 ? 30  LYS A N   1 
ATOM   206 C  CA  . LYS A 1 31 ? -2.094  -0.941 -21.805 1.00 23.45 ? 30  LYS A CA  1 
ATOM   207 C  C   . LYS A 1 31 ? -1.448  -0.342 -23.061 1.00 24.98 ? 30  LYS A C   1 
ATOM   208 O  O   . LYS A 1 31 ? -1.491  -0.995 -24.127 1.00 26.34 ? 30  LYS A O   1 
ATOM   209 C  CB  . LYS A 1 31 ? -3.206  -0.050 -21.264 1.00 24.49 ? 30  LYS A CB  1 
ATOM   210 C  CG  . LYS A 1 31 ? -4.463  0.064  -22.119 1.00 27.58 ? 30  LYS A CG  1 
ATOM   211 C  CD  . LYS A 1 31 ? -5.433  1.085  -21.558 1.00 30.10 ? 30  LYS A CD  1 
ATOM   212 C  CE  . LYS A 1 31 ? -4.778  2.439  -21.359 1.00 30.31 ? 30  LYS A CE  1 
ATOM   213 N  NZ  . LYS A 1 31 ? -5.578  3.296  -20.463 1.00 33.02 ? 30  LYS A NZ  1 
ATOM   214 N  N   . GLY A 1 32 ? -0.850  0.841  -22.957 1.00 25.81 ? 31  GLY A N   1 
ATOM   215 C  CA  . GLY A 1 32 ? -0.440  1.625  -24.145 0.60 28.66 ? 31  GLY A CA  1 
ATOM   216 C  C   . GLY A 1 32 ? -0.970  3.040  -24.038 1.00 31.51 ? 31  GLY A C   1 
ATOM   217 O  O   . GLY A 1 32 ? -1.844  3.280  -23.154 1.00 32.36 ? 31  GLY A O   1 
HETATM 218 N  N   . NH2 A 1 33 ? -0.457  3.933  -24.882 1.00 35.20 ? 32  NH2 A N   1 
HETATM 219 C  C   . ACE B 2 1  ? -7.483  -2.801 -22.226 1.00 19.02 ? 0   ACE B C   1 
HETATM 220 O  O   . ACE B 2 1  ? -7.502  -2.354 -21.101 1.00 18.73 ? 0   ACE B O   1 
HETATM 221 C  CH3 . ACE B 2 1  ? -8.030  -1.951 -23.334 1.00 21.87 ? 0   ACE B CH3 1 
ATOM   222 N  N   . GLY B 2 2  ? -7.037  -4.040 -22.570 1.00 17.77 ? 1   GLY B N   1 
ATOM   223 C  CA  . GLY B 2 2  ? -6.230  -4.888 -21.623 1.00 15.97 ? 1   GLY B CA  1 
ATOM   224 C  C   . GLY B 2 2  ? -6.961  -5.122 -20.292 1.00 14.67 ? 1   GLY B C   1 
ATOM   225 O  O   . GLY B 2 2  ? -6.399  -4.920 -19.217 1.00 13.44 ? 1   GLY B O   1 
HETATM 226 N  N   . DGL B 2 3  ? -8.256  -5.465 -20.371 1.00 15.39 ? 2   DGL B N   1 
HETATM 227 C  CA  . DGL B 2 3  ? -8.985  -5.864 -19.174 1.00 15.44 ? 2   DGL B CA  1 
HETATM 228 C  C   . DGL B 2 3  ? -9.229  -4.668 -18.240 1.00 14.78 ? 2   DGL B C   1 
HETATM 229 O  O   . DGL B 2 3  ? -9.072  -4.804 -17.022 1.00 13.72 ? 2   DGL B O   1 
HETATM 230 C  CB  . DGL B 2 3  ? -10.289 -6.558 -19.573 1.00 18.33 ? 2   DGL B CB  1 
HETATM 231 C  CG  . DGL B 2 3  ? -10.066 -7.604 -20.623 1.00 19.48 ? 2   DGL B CG  1 
HETATM 232 C  CD  . DGL B 2 3  ? -10.516 -7.253 -22.022 1.00 20.94 ? 2   DGL B CD  1 
HETATM 233 O  OE1 . DGL B 2 3  ? -11.391 -7.972 -22.520 1.00 23.85 ? 2   DGL B OE1 1 
HETATM 234 O  OE2 . DGL B 2 3  ? -9.932  -6.313 -22.642 1.00 20.12 ? 2   DGL B OE2 1 
HETATM 235 N  N   . AIB B 2 4  ? -9.654  -3.522 -18.793 1.00 15.98 ? 3   AIB B N   1 
HETATM 236 C  CA  . AIB B 2 4  ? -9.887  -2.292 -18.022 1.00 16.95 ? 3   AIB B CA  1 
HETATM 237 C  C   . AIB B 2 4  ? -8.611  -1.948 -17.245 1.00 14.54 ? 3   AIB B C   1 
HETATM 238 O  O   . AIB B 2 4  ? -8.613  -1.871 -15.992 1.00 13.82 ? 3   AIB B O   1 
HETATM 239 C  CB1 . AIB B 2 4  ? -10.220 -1.157 -19.013 1.00 20.04 ? 3   AIB B CB1 1 
HETATM 240 C  CB2 . AIB B 2 4  ? -11.052 -2.534 -17.068 1.00 18.65 ? 3   AIB B CB2 1 
HETATM 241 N  N   . AIB B 2 5  ? -7.493  -1.850 -17.973 1.00 13.80 ? 4   AIB B N   1 
HETATM 242 C  CA  . AIB B 2 5  ? -6.203  -1.523 -17.357 1.00 12.83 ? 4   AIB B CA  1 
HETATM 243 C  C   . AIB B 2 5  ? -5.904  -2.457 -16.191 1.00 10.49 ? 4   AIB B C   1 
HETATM 244 O  O   . AIB B 2 5  ? -5.598  -2.038 -15.081 1.00 9.92  ? 4   AIB B O   1 
HETATM 245 C  CB1 . AIB B 2 5  ? -5.135  -1.729 -18.425 1.00 13.49 ? 4   AIB B CB1 1 
HETATM 246 C  CB2 . AIB B 2 5  ? -6.243  -0.085 -16.841 1.00 14.93 ? 4   AIB B CB2 1 
HETATM 247 N  N   . AIB B 2 6  ? -5.956  -3.759 -16.484 1.00 9.77  ? 5   AIB B N   1 
HETATM 248 C  CA  . AIB B 2 6  ? -5.547  -4.784 -15.545 1.00 8.84  ? 5   AIB B CA  1 
HETATM 249 C  C   . AIB B 2 6  ? -6.333  -4.643 -14.218 1.00 8.36  ? 5   AIB B C   1 
HETATM 250 O  O   . AIB B 2 6  ? -5.775  -4.733 -13.115 1.00 7.47  ? 5   AIB B O   1 
HETATM 251 C  CB1 . AIB B 2 6  ? -5.935  -6.096 -16.224 1.00 9.81  ? 5   AIB B CB1 1 
HETATM 252 C  CB2 . AIB B 2 6  ? -4.020  -4.685 -15.363 1.00 9.00  ? 5   AIB B CB2 1 
HETATM 253 N  N   . AIB B 2 7  ? -7.677  -4.501 -14.322 1.00 9.60  ? 6   AIB B N   1 
HETATM 254 C  CA  . AIB B 2 7  ? -8.521  -4.331 -13.148 1.00 10.46 ? 6   AIB B CA  1 
HETATM 255 C  C   . AIB B 2 7  ? -7.924  -3.276 -12.204 1.00 9.50  ? 6   AIB B C   1 
HETATM 256 O  O   . AIB B 2 7  ? -7.954  -3.402 -10.973 1.00 9.10  ? 6   AIB B O   1 
HETATM 257 C  CB1 . AIB B 2 7  ? -9.886  -3.863 -13.622 1.00 13.28 ? 6   AIB B CB1 1 
HETATM 258 C  CB2 . AIB B 2 7  ? -8.669  -5.700 -12.473 1.00 11.00 ? 6   AIB B CB2 1 
HETATM 259 N  N   . DLY B 2 8  ? -7.369  -2.202 -12.783 1.00 9.75  ? 7   DLY B N   1 
HETATM 260 C  CA  . DLY B 2 8  ? -6.965  -1.050 -11.994 1.00 10.29 ? 7   DLY B CA  1 
HETATM 261 C  C   . DLY B 2 8  ? -5.737  -1.431 -11.162 1.00 8.32  ? 7   DLY B C   1 
HETATM 262 O  O   . DLY B 2 8  ? -5.608  -1.039 -9.997  1.00 8.04  ? 7   DLY B O   1 
HETATM 263 C  CB  . DLY B 2 8  ? -6.741  0.121  -12.960 1.00 12.77 ? 7   DLY B CB  1 
HETATM 264 C  CG  . DLY B 2 8  ? -5.986  1.314  -12.405 1.00 14.54 ? 7   DLY B CG  1 
HETATM 265 C  CD  . DLY B 2 8  ? -6.004  2.570  -13.320 1.00 18.82 ? 7   DLY B CD  1 
HETATM 266 C  CE  . DLY B 2 8  ? -7.377  3.043  -13.743 0.70 22.00 ? 7   DLY B CE  1 
HETATM 267 N  NZ  . DLY B 2 8  ? -8.121  3.539  -12.560 0.70 23.73 ? 7   DLY B NZ  1 
HETATM 268 N  N   . DGL B 2 9  ? -4.825  -2.199 -11.783 1.00 7.50  ? 8   DGL B N   1 
HETATM 269 C  CA  . DGL B 2 9  ? -3.675  -2.715 -11.082 1.00 6.81  ? 8   DGL B CA  1 
HETATM 270 C  C   . DGL B 2 9  ? -4.126  -3.505 -9.847  1.00 5.89  ? 8   DGL B C   1 
HETATM 271 O  O   . DGL B 2 9  ? -3.565  -3.282 -8.773  1.00 5.48  ? 8   DGL B O   1 
HETATM 272 C  CB  . DGL B 2 9  ? -2.785  -3.523 -12.027 1.00 7.64  ? 8   DGL B CB  1 
HETATM 273 C  CG  . DGL B 2 9  ? -1.477  -3.895 -11.390 1.00 8.55  ? 8   DGL B CG  1 
HETATM 274 C  CD  . DGL B 2 9  ? -0.472  -4.632 -12.239 1.00 10.94 ? 8   DGL B CD  1 
HETATM 275 O  OE1 . DGL B 2 9  ? -0.595  -4.595 -13.472 1.00 11.69 ? 8   DGL B OE1 1 
HETATM 276 O  OE2 . DGL B 2 9  ? 0.506   -5.102 -11.648 1.00 12.67 ? 8   DGL B OE2 1 
HETATM 277 N  N   . AIB B 2 10 ? -5.066  -4.468 -10.008 1.00 6.19  ? 9   AIB B N   1 
HETATM 278 C  CA  . AIB B 2 10 ? -5.574  -5.257 -8.895  1.00 6.62  ? 9   AIB B CA  1 
HETATM 279 C  C   . AIB B 2 10 ? -6.078  -4.329 -7.784  1.00 6.37  ? 9   AIB B C   1 
HETATM 280 O  O   . AIB B 2 10 ? -5.728  -4.462 -6.593  1.00 5.98  ? 9   AIB B O   1 
HETATM 281 C  CB1 . AIB B 2 10 ? -4.428  -6.141 -8.397  1.00 6.96  ? 9   AIB B CB1 1 
HETATM 282 C  CB2 . AIB B 2 10 ? -6.719  -6.122 -9.415  1.00 8.49  ? 9   AIB B CB2 1 
HETATM 283 N  N   . AIB B 2 11 ? -6.890  -3.356 -8.183  1.00 7.17  ? 10  AIB B N   1 
HETATM 284 C  CA  . AIB B 2 11 ? -7.498  -2.402 -7.268  1.00 8.26  ? 10  AIB B CA  1 
HETATM 285 C  C   . AIB B 2 11 ? -6.437  -1.674 -6.440  1.00 7.16  ? 10  AIB B C   1 
HETATM 286 O  O   . AIB B 2 11 ? -6.512  -1.704 -5.184  1.00 7.01  ? 10  AIB B O   1 
HETATM 287 C  CB1 . AIB B 2 11 ? -8.398  -3.219 -6.330  1.00 9.78  ? 10  AIB B CB1 1 
HETATM 288 C  CB2 . AIB B 2 11 ? -8.314  -1.392 -8.079  1.00 10.57 ? 10  AIB B CB2 1 
HETATM 289 N  N   . AIB B 2 12 ? -5.401  -1.137 -7.122  1.00 6.73  ? 11  AIB B N   1 
HETATM 290 C  CA  . AIB B 2 12 ? -4.403  -0.290 -6.483  1.00 7.02  ? 11  AIB B CA  1 
HETATM 291 C  C   . AIB B 2 12 ? -3.673  -1.127 -5.444  1.00 5.70  ? 11  AIB B C   1 
HETATM 292 O  O   . AIB B 2 12 ? -3.526  -0.700 -4.293  1.00 5.67  ? 11  AIB B O   1 
HETATM 293 C  CB1 . AIB B 2 12 ? -5.077  0.874  -5.749  1.00 8.97  ? 11  AIB B CB1 1 
HETATM 294 C  CB2 . AIB B 2 12 ? -3.409  0.204  -7.532  1.00 8.22  ? 11  AIB B CB2 1 
HETATM 295 N  N   . AIB B 2 13 ? -3.231  -2.309 -5.888  1.00 5.14  ? 12  AIB B N   1 
HETATM 296 C  CA  . AIB B 2 13 ? -2.358  -3.178 -5.140  1.00 5.17  ? 12  AIB B CA  1 
HETATM 297 C  C   . AIB B 2 13 ? -3.059  -3.630 -3.830  1.00 4.99  ? 12  AIB B C   1 
HETATM 298 O  O   . AIB B 2 13 ? -2.429  -3.656 -2.759  1.00 4.85  ? 12  AIB B O   1 
HETATM 299 C  CB1 . AIB B 2 13 ? -1.052  -2.439 -4.889  1.00 6.17  ? 12  AIB B CB1 1 
HETATM 300 C  CB2 . AIB B 2 13 ? -2.088  -4.368 -6.046  1.00 5.96  ? 12  AIB B CB2 1 
HETATM 301 N  N   . DLY B 2 14 ? -4.339  -4.048 -3.930  1.00 5.42  ? 13  DLY B N   1 
HETATM 302 C  CA  . DLY B 2 14 ? -5.093  -4.503 -2.770  1.00 6.62  ? 13  DLY B CA  1 
HETATM 303 C  C   . DLY B 2 14 ? -5.344  -3.361 -1.775  1.00 6.42  ? 13  DLY B C   1 
HETATM 304 O  O   . DLY B 2 14 ? -5.314  -3.577 -0.564  1.00 6.69  ? 13  DLY B O   1 
HETATM 305 C  CB  . DLY B 2 14 ? -6.380  -5.224 -3.184  1.00 8.78  ? 13  DLY B CB  1 
HETATM 306 C  CG  . DLY B 2 14 ? -6.140  -6.535 -3.925  1.00 10.23 ? 13  DLY B CG  1 
HETATM 307 C  CD  . DLY B 2 14 ? -7.322  -7.440 -4.012  1.00 13.76 ? 13  DLY B CD  1 
HETATM 308 C  CE  . DLY B 2 14 ? -8.368  -7.098 -5.058  1.00 14.78 ? 13  DLY B CE  1 
HETATM 309 N  NZ  . DLY B 2 14 ? -7.797  -6.343 -6.172  1.00 12.32 ? 13  DLY B NZ  1 
HETATM 310 N  N   . DGL B 2 15 ? -5.766  -2.193 -2.260  1.00 6.80  ? 14  DGL B N   1 
HETATM 311 C  CA  . DGL B 2 15 ? -5.988  -1.077 -1.374  1.00 7.85  ? 14  DGL B CA  1 
HETATM 312 C  C   . DGL B 2 15 ? -4.715  -0.849 -0.561  1.00 6.62  ? 14  DGL B C   1 
HETATM 313 O  O   . DGL B 2 15 ? -4.802  -0.751 0.669   1.00 6.76  ? 14  DGL B O   1 
HETATM 314 C  CB  . DGL B 2 15 ? -6.320  0.225  -2.092  1.00 9.75  ? 14  DGL B CB  1 
HETATM 315 C  CG  . DGL B 2 15 ? -7.601  0.233  -2.862  0.80 12.33 ? 14  DGL B CG  1 
HETATM 316 C  CD  . DGL B 2 15 ? -7.792  1.575  -3.565  0.70 15.18 ? 14  DGL B CD  1 
HETATM 317 O  OE1 . DGL B 2 15 ? -8.612  1.646  -4.497  0.70 17.44 ? 14  DGL B OE1 1 
HETATM 318 O  OE2 . DGL B 2 15 ? -7.066  2.547  -3.189  1.00 16.18 ? 14  DGL B OE2 1 
HETATM 319 N  N   . AIB B 2 16 ? -3.559  -0.796 -1.266  1.00 6.03  ? 15  AIB B N   1 
HETATM 320 C  CA  . AIB B 2 16 ? -2.247  -0.571 -0.655  1.00 5.99  ? 15  AIB B CA  1 
HETATM 321 C  C   . AIB B 2 16 ? -2.033  -1.586 0.479   1.00 5.61  ? 15  AIB B C   1 
HETATM 322 O  O   . AIB B 2 16 ? -1.740  -1.261 1.648   1.00 5.83  ? 15  AIB B O   1 
HETATM 323 C  CB1 . AIB B 2 16 ? -2.232  0.881  -0.158  1.00 7.46  ? 15  AIB B CB1 1 
HETATM 324 C  CB2 . AIB B 2 16 ? -1.198  -0.843 -1.716  1.00 6.61  ? 15  AIB B CB2 1 
HETATM 325 N  N   . AIB B 2 17 ? -2.236  -2.860 0.123   1.00 5.65  ? 16  AIB B N   1 
HETATM 326 C  CA  . AIB B 2 17 ? -1.914  -3.965 0.997   1.00 6.47  ? 16  AIB B CA  1 
HETATM 327 C  C   . AIB B 2 17 ? -2.746  -3.790 2.283   1.00 6.77  ? 16  AIB B C   1 
HETATM 328 O  O   . AIB B 2 17 ? -2.217  -3.947 3.405   1.00 7.41  ? 16  AIB B O   1 
HETATM 329 C  CB1 . AIB B 2 17 ? -0.396  -3.918 1.277   1.00 7.40  ? 16  AIB B CB1 1 
HETATM 330 C  CB2 . AIB B 2 17 ? -2.283  -5.235 0.236   1.00 7.57  ? 16  AIB B CB2 1 
HETATM 331 N  N   . AIB B 2 18 ? -4.059  -3.556 2.123   1.00 7.14  ? 17  AIB B N   1 
HETATM 332 C  CA  . AIB B 2 18 ? -4.995  -3.464 3.231   1.00 8.62  ? 17  AIB B CA  1 
HETATM 333 C  C   . AIB B 2 18 ? -4.467  -2.417 4.215   1.00 8.06  ? 17  AIB B C   1 
HETATM 334 O  O   . AIB B 2 18 ? -4.375  -2.689 5.445   1.00 8.54  ? 17  AIB B O   1 
HETATM 335 C  CB1 . AIB B 2 18 ? -5.080  -4.839 3.910   1.00 10.57 ? 17  AIB B CB1 1 
HETATM 336 C  CB2 . AIB B 2 18 ? -6.362  -3.048 2.697   1.00 10.30 ? 17  AIB B CB2 1 
HETATM 337 N  N   . AIB B 2 19 ? -4.079  -1.262 3.660   1.00 7.25  ? 18  AIB B N   1 
HETATM 338 C  CA  . AIB B 2 19 ? -3.732  -0.105 4.455   1.00 7.90  ? 18  AIB B CA  1 
HETATM 339 C  C   . AIB B 2 19 ? -2.564  -0.435 5.383   1.00 7.49  ? 18  AIB B C   1 
HETATM 340 O  O   . AIB B 2 19 ? -2.520  0.038  6.543   1.00 7.89  ? 18  AIB B O   1 
HETATM 341 C  CB1 . AIB B 2 19 ? -4.972  0.308  5.256   1.00 9.90  ? 18  AIB B CB1 1 
HETATM 342 C  CB2 . AIB B 2 19 ? -3.260  0.992  3.507   1.00 8.71  ? 18  AIB B CB2 1 
HETATM 343 N  N   . DLY B 2 20 ? -1.640  -1.265 4.878   1.00 6.87  ? 19  DLY B N   1 
HETATM 344 C  CA  . DLY B 2 20 ? -0.466  -1.645 5.621   1.00 7.60  ? 19  DLY B CA  1 
HETATM 345 C  C   . DLY B 2 20 ? -0.834  -2.414 6.896   1.00 8.16  ? 19  DLY B C   1 
HETATM 346 O  O   . DLY B 2 20 ? -0.161  -2.235 7.918   1.00 8.70  ? 19  DLY B O   1 
HETATM 347 C  CB  . DLY B 2 20 ? 0.422   -2.511 4.734   1.00 8.52  ? 19  DLY B CB  1 
HETATM 348 C  CG  . DLY B 2 20 ? 1.822   -2.770 5.233   1.00 10.68 ? 19  DLY B CG  1 
HETATM 349 C  CD  . DLY B 2 20 ? 2.463   -3.818 4.381   1.00 12.95 ? 19  DLY B CD  1 
HETATM 350 C  CE  . DLY B 2 20 ? 3.942   -3.975 4.614   1.00 16.73 ? 19  DLY B CE  1 
HETATM 351 N  NZ  . DLY B 2 20 ? 4.492   -4.863 3.542   1.00 19.72 ? 19  DLY B NZ  1 
HETATM 352 N  N   . DGL B 2 21 ? -1.828  -3.328 6.799   1.00 8.65  ? 20  DGL B N   1 
HETATM 353 C  CA  . DGL B 2 21 ? -2.264  -4.170 7.911   1.00 10.51 ? 20  DGL B CA  1 
HETATM 354 C  C   . DGL B 2 21 ? -2.804  -3.301 9.048   1.00 9.96  ? 20  DGL B C   1 
HETATM 355 O  O   . DGL B 2 21 ? -2.503  -3.526 10.227  1.00 10.61 ? 20  DGL B O   1 
HETATM 356 C  CB  . DGL B 2 21 ? -3.338  -5.181 7.485   1.00 13.05 ? 20  DGL B CB  1 
HETATM 357 C  CG  . DGL B 2 21 ? -2.846  -6.171 6.460   1.00 14.62 ? 20  DGL B CG  1 
HETATM 358 C  CD  . DGL B 2 21 ? -3.784  -7.326 6.169   1.00 18.48 ? 20  DGL B CD  1 
HETATM 359 O  OE1 . DGL B 2 21 ? -3.478  -8.094 5.203   1.00 20.36 ? 20  DGL B OE1 1 
HETATM 360 O  OE2 . DGL B 2 21 ? -4.776  -7.524 6.952   1.00 21.37 ? 20  DGL B OE2 1 
HETATM 361 N  N   . AIB B 2 22 ? -3.593  -2.308 8.668   1.00 9.06  ? 21  AIB B N   1 
HETATM 362 C  CA  . AIB B 2 22 ? -4.128  -1.364 9.628   1.00 9.78  ? 21  AIB B CA  1 
HETATM 363 C  C   . AIB B 2 22 ? -2.969  -0.728 10.401  1.00 8.64  ? 21  AIB B C   1 
HETATM 364 O  O   . AIB B 2 22 ? -2.899  -0.859 11.624  1.00 9.21  ? 21  AIB B O   1 
HETATM 365 C  CB1 . AIB B 2 22 ? -5.003  -2.139 10.630  1.00 12.24 ? 21  AIB B CB1 1 
HETATM 366 C  CB2 . AIB B 2 22 ? -4.927  -0.313 8.863   1.00 10.52 ? 21  AIB B CB2 1 
HETATM 367 N  N   . AIB B 2 23 ? -2.037  -0.121 9.667   1.00 7.40  ? 22  AIB B N   1 
HETATM 368 C  CA  . AIB B 2 23 ? -0.990  0.700  10.249  1.00 7.61  ? 22  AIB B CA  1 
HETATM 369 C  C   . AIB B 2 23 ? -0.225  -0.164 11.254  1.00 7.67  ? 22  AIB B C   1 
HETATM 370 O  O   . AIB B 2 23 ? 0.049   0.237  12.395  1.00 8.36  ? 22  AIB B O   1 
HETATM 371 C  CB1 . AIB B 2 23 ? -1.662  1.932  10.891  1.00 9.05  ? 22  AIB B CB1 1 
HETATM 372 C  CB2 . AIB B 2 23 ? -0.047  1.116  9.119   1.00 7.75  ? 22  AIB B CB2 1 
HETATM 373 N  N   . AIB B 2 24 ? 0.111   -1.392 10.811  1.00 7.55  ? 23  AIB B N   1 
HETATM 374 C  CA  . AIB B 2 24 ? 0.964   -2.289 11.570  1.00 8.88  ? 23  AIB B CA  1 
HETATM 375 C  C   . AIB B 2 24 ? 0.262   -2.623 12.904  1.00 9.54  ? 23  AIB B C   1 
HETATM 376 O  O   . AIB B 2 24 ? 0.856   -2.514 13.991  1.00 10.31 ? 23  AIB B O   1 
HETATM 377 C  CB1 . AIB B 2 24 ? 2.290   -1.544 11.753  1.00 9.84  ? 23  AIB B CB1 1 
HETATM 378 C  CB2 . AIB B 2 24 ? 1.173   -3.606 10.804  1.00 10.12 ? 23  AIB B CB2 1 
HETATM 379 N  N   . AIB B 2 25 ? -1.024  -3.013 12.805  1.00 9.71  ? 24  AIB B N   1 
HETATM 380 C  CA  . AIB B 2 25 ? -1.767  -3.498 13.947  1.00 11.69 ? 24  AIB B CA  1 
HETATM 381 C  C   . AIB B 2 25 ? -1.817  -2.369 14.977  1.00 11.33 ? 24  AIB B C   1 
HETATM 382 O  O   . AIB B 2 25 ? -1.653  -2.594 16.170  1.00 12.58 ? 24  AIB B O   1 
HETATM 383 C  CB1 . AIB B 2 25 ? -1.056  -4.724 14.508  1.00 14.14 ? 24  AIB B CB1 1 
HETATM 384 C  CB2 . AIB B 2 25 ? -3.176  -3.879 13.479  1.00 13.03 ? 24  AIB B CB2 1 
HETATM 385 N  N   . DLY B 2 26 ? -2.102  -1.155 14.493  1.00 10.30 ? 25  DLY B N   1 
HETATM 386 C  CA  . DLY B 2 26 ? -2.313  -0.005 15.380  1.00 11.21 ? 25  DLY B CA  1 
HETATM 387 C  C   . DLY B 2 26 ? -1.029  0.295  16.155  1.00 10.90 ? 25  DLY B C   1 
HETATM 388 O  O   . DLY B 2 26 ? -1.095  0.519  17.365  1.00 11.86 ? 25  DLY B O   1 
HETATM 389 C  CB  . DLY B 2 26 ? -2.660  1.291  14.639  1.00 11.61 ? 25  DLY B CB  1 
HETATM 390 C  CG  . DLY B 2 26 ? -4.114  1.495  14.292  1.00 13.81 ? 25  DLY B CG  1 
HETATM 391 C  CD  . DLY B 2 26 ? -4.415  2.902  13.774  1.00 15.63 ? 25  DLY B CD  1 
HETATM 392 C  CE  . DLY B 2 26 ? -4.303  4.005  14.801  0.85 18.13 ? 25  DLY B CE  1 
HETATM 393 N  NZ  . DLY B 2 26 ? -4.514  5.331  14.148  0.90 21.13 ? 25  DLY B NZ  1 
HETATM 394 N  N   . AIB B 2 27 ? 0.117   0.261  15.453  1.00 10.16 ? 26  AIB B N   1 
HETATM 395 C  CA  . AIB B 2 27 ? 1.403   0.533  16.086  1.00 11.22 ? 26  AIB B CA  1 
HETATM 396 C  C   . AIB B 2 27 ? 1.549   -0.337 17.337  1.00 12.46 ? 26  AIB B C   1 
HETATM 397 O  O   . AIB B 2 27 ? 1.788   0.153  18.439  1.00 13.31 ? 26  AIB B O   1 
HETATM 398 C  CB1 . AIB B 2 27 ? 1.424   2.024  16.450  1.00 12.05 ? 26  AIB B CB1 1 
HETATM 399 C  CB2 . AIB B 2 27 ? 2.516   0.134  15.117  1.00 11.61 ? 26  AIB B CB2 1 
HETATM 400 N  N   . AIB B 2 28 ? 1.328   -1.642 17.134  1.00 13.36 ? 27  AIB B N   1 
HETATM 401 C  CA  . AIB B 2 28 ? 1.473   -2.651 18.170  1.00 15.93 ? 27  AIB B CA  1 
HETATM 402 C  C   . AIB B 2 28 ? 0.538   -2.302 19.332  1.00 16.66 ? 27  AIB B C   1 
HETATM 403 O  O   . AIB B 2 28 ? 0.984   -2.187 20.472  1.00 17.85 ? 27  AIB B O   1 
HETATM 404 C  CB1 . AIB B 2 28 ? 2.931   -2.642 18.659  1.00 17.70 ? 27  AIB B CB1 1 
HETATM 405 C  CB2 . AIB B 2 28 ? 1.078   -3.992 17.553  1.00 17.42 ? 27  AIB B CB2 1 
HETATM 406 N  N   . AIB B 2 29 ? -0.749  -2.088 19.018  1.00 16.63 ? 28  AIB B N   1 
HETATM 407 C  CA  . AIB B 2 29 ? -1.779  -1.829 20.021  1.00 18.84 ? 28  AIB B CA  1 
HETATM 408 C  C   . AIB B 2 29 ? -1.373  -0.642 20.901  1.00 19.13 ? 28  AIB B C   1 
HETATM 409 O  O   . AIB B 2 29 ? -1.791  -0.556 22.071  1.00 20.81 ? 28  AIB B O   1 
HETATM 410 C  CB1 . AIB B 2 29 ? -1.942  -3.101 20.867  1.00 21.96 ? 28  AIB B CB1 1 
HETATM 411 C  CB2 . AIB B 2 29 ? -3.065  -1.493 19.261  1.00 19.18 ? 28  AIB B CB2 1 
HETATM 412 N  N   . DTR B 2 30 ? -0.487  0.223  20.347  1.00 18.29 ? 29  DTR B N   1 
HETATM 413 C  CA  . DTR B 2 30 ? 0.224   1.274  21.083  1.00 19.74 ? 29  DTR B CA  1 
HETATM 414 C  CB  . DTR B 2 30 ? 0.771   2.348  20.105  0.80 19.25 ? 29  DTR B CB  1 
HETATM 415 C  CG  . DTR B 2 30 ? 0.487   3.747  20.574  0.25 21.02 ? 29  DTR B CG  1 
HETATM 416 C  CD1 . DTR B 2 30 ? -0.719  4.262  20.963  0.70 22.68 ? 29  DTR B CD1 1 
HETATM 417 N  NE1 . DTR B 2 30 ? -0.594  5.565  21.363  0.25 25.12 ? 29  DTR B NE1 1 
HETATM 418 C  CE2 . DTR B 2 30 ? 0.719   5.921  21.291  1.00 25.24 ? 29  DTR B CE2 1 
HETATM 419 C  CZ2 . DTR B 2 30 ? 1.337   7.115  21.670  1.00 28.11 ? 29  DTR B CZ2 1 
HETATM 420 C  CH2 . DTR B 2 30 ? 2.700   7.160  21.577  0.80 28.78 ? 29  DTR B CH2 1 
HETATM 421 C  CZ3 . DTR B 2 30 ? 3.428   6.080  21.062  0.80 26.64 ? 29  DTR B CZ3 1 
HETATM 422 C  CE3 . DTR B 2 30 ? 2.823   4.906  20.675  1.00 23.62 ? 29  DTR B CE3 1 
HETATM 423 C  CD2 . DTR B 2 30 ? 1.438   4.791  20.825  1.00 22.67 ? 29  DTR B CD2 1 
HETATM 424 C  C   . DTR B 2 30 ? 1.311   0.731  22.022  1.00 21.54 ? 29  DTR B C   1 
HETATM 425 O  O   . DTR B 2 30 ? 1.295   1.004  23.239  1.00 23.69 ? 29  DTR B O   1 
HETATM 426 N  N   . DLY B 2 31 ? 2.251   -0.079 21.522  1.00 22.58 ? 30  DLY B N   1 
HETATM 427 C  CA  . DLY B 2 31 ? 3.239   -0.715 22.395  1.00 25.23 ? 30  DLY B CA  1 
HETATM 428 C  C   . DLY B 2 31 ? 2.584   -1.855 23.198  1.00 27.25 ? 30  DLY B C   1 
HETATM 429 O  O   . DLY B 2 31 ? 2.365   -2.948 22.624  1.00 28.61 ? 30  DLY B O   1 
HETATM 430 C  CB  . DLY B 2 31 ? 4.444   -1.289 21.630  1.00 26.69 ? 30  DLY B CB  1 
HETATM 431 NA NA  . NA  C 3 .  ? 1.588   6.070  -10.095 1.00 28.44 ? 101 NA  A NA  1 
HETATM 432 NA NA  . NA  D 3 .  ? -3.778  7.667  10.849  1.00 26.54 ? 102 NA  A NA  1 
HETATM 433 C  C1  . PEG E 4 .  ? 10.249  -0.264 12.929  1.00 26.30 ? 103 PEG A C1  1 
HETATM 434 O  O1  . PEG E 4 .  ? 10.273  -1.355 13.848  1.00 24.74 ? 103 PEG A O1  1 
HETATM 435 C  C2  . PEG E 4 .  ? 10.285  -0.711 11.497  1.00 27.26 ? 103 PEG A C2  1 
HETATM 436 O  O2  . PEG E 4 .  ? 9.079   -1.378 11.120  1.00 27.19 ? 103 PEG A O2  1 
HETATM 437 C  C3  . PEG E 4 .  ? 9.189   -2.029 9.853   1.00 27.80 ? 103 PEG A C3  1 
HETATM 438 C  C4  . PEG E 4 .  ? 7.827   -2.389 9.283   1.00 27.02 ? 103 PEG A C4  1 
HETATM 439 O  O4  . PEG E 4 .  ? 6.995   -3.062 10.223  1.00 28.93 ? 103 PEG A O4  1 
HETATM 440 NA NA  . NA  F 3 .  ? -3.361  -7.931 12.419  1.00 35.14 ? 101 NA  B NA  1 
HETATM 441 NA NA  . NA  G 3 .  ? -6.345  1.807  -9.346  1.00 36.51 ? 102 NA  B NA  1 
HETATM 442 O  O   . HOH H 5 .  ? -2.361  5.351  10.561  1.00 21.70 ? 201 HOH A O   1 
HETATM 443 O  O   . HOH H 5 .  ? 14.147  10.711 20.942  1.00 38.53 ? 202 HOH A O   1 
HETATM 444 O  O   . HOH H 5 .  ? 9.395   7.229  16.841  1.00 20.72 ? 203 HOH A O   1 
HETATM 445 O  O   . HOH H 5 .  ? 2.602   4.673  -16.865 1.00 16.16 ? 204 HOH A O   1 
HETATM 446 O  O   . HOH H 5 .  ? 6.966   -0.481 -1.102  1.00 11.34 ? 205 HOH A O   1 
HETATM 447 O  O   . HOH H 5 .  ? -1.559  4.360  -27.388 1.00 19.89 ? 206 HOH A O   1 
HETATM 448 O  O   . HOH H 5 .  ? 0.030   5.081  3.291   1.00 18.09 ? 207 HOH A O   1 
HETATM 449 O  O   . HOH H 5 .  ? -2.105  7.497  13.335  1.00 18.41 ? 208 HOH A O   1 
HETATM 450 O  O   . HOH H 5 .  ? 10.382  4.157  10.483  1.00 8.98  ? 209 HOH A O   1 
HETATM 451 O  O   . HOH H 5 .  ? 9.305   -4.754 4.964   1.00 32.36 ? 210 HOH A O   1 
HETATM 452 O  O   . HOH H 5 .  ? 2.664   -2.901 -6.259  1.00 11.27 ? 211 HOH A O   1 
HETATM 453 O  O   . HOH H 5 .  ? -3.669  4.358  -13.783 1.00 31.00 ? 212 HOH A O   1 
HETATM 454 O  O   . HOH H 5 .  ? -2.890  -0.815 -27.557 1.00 39.00 ? 213 HOH A O   1 
HETATM 455 O  O   . HOH H 5 .  ? 3.841   -4.775 8.494   1.00 39.50 ? 214 HOH A O   1 
HETATM 456 O  O   . HOH H 5 .  ? 1.111   6.264  -18.418 1.00 21.99 ? 215 HOH A O   1 
HETATM 457 O  O   . HOH H 5 .  ? 11.071  -5.091 2.429   1.00 32.51 ? 216 HOH A O   1 
HETATM 458 O  O   . HOH H 5 .  ? -1.461  4.697  8.127   1.00 22.34 ? 217 HOH A O   1 
HETATM 459 O  O   . HOH H 5 .  ? 3.658   -7.642 -9.130  1.00 26.21 ? 218 HOH A O   1 
HETATM 460 O  O   . HOH I 5 .  ? 1.872   -5.484 -9.517  1.00 24.72 ? 201 HOH B O   1 
HETATM 461 O  O   . HOH I 5 .  ? 1.933   -7.078 -12.457 1.00 18.06 ? 202 HOH B O   1 
HETATM 462 O  O   . HOH I 5 .  ? -2.971  2.659  7.198   1.00 15.03 ? 203 HOH B O   1 
HETATM 463 O  O   . HOH I 5 .  ? 0.008   -3.571 23.917  1.00 31.79 ? 204 HOH B O   1 
HETATM 464 O  O   . HOH I 5 .  ? -6.864  0.627  1.918   1.00 11.52 ? 205 HOH B O   1 
HETATM 465 O  O   . HOH I 5 .  ? -2.921  -4.787 17.550  1.00 6.84  ? 206 HOH B O   1 
HETATM 466 O  O   . HOH I 5 .  ? -10.276 -4.667 -9.661  1.00 16.63 ? 207 HOH B O   1 
HETATM 467 O  O   . HOH I 5 .  ? -0.862  -6.528 4.003   1.00 13.51 ? 208 HOH B O   1 
HETATM 468 O  O   . HOH I 5 .  ? -10.427 -2.710 -21.765 1.00 28.64 ? 209 HOH B O   1 
HETATM 469 O  O   . HOH I 5 .  ? -10.010 -7.344 -15.526 1.00 15.43 ? 210 HOH B O   1 
HETATM 470 O  O   . HOH I 5 .  ? -2.117  -6.506 10.967  1.00 40.15 ? 211 HOH B O   1 
HETATM 471 O  O   . HOH I 5 .  ? -10.436 0.345  -14.581 1.00 19.58 ? 212 HOH B O   1 
HETATM 472 O  O   . HOH I 5 .  ? 0.057   -2.657 26.308  1.00 20.08 ? 213 HOH B O   1 
HETATM 473 O  O   . HOH I 5 .  ? 1.270   -4.797 -7.022  1.00 25.38 ? 214 HOH B O   1 
HETATM 474 O  O   . HOH I 5 .  ? 1.454   -7.023 12.544  1.00 24.91 ? 215 HOH B O   1 
HETATM 475 O  O   . HOH I 5 .  ? -7.795  2.597  3.783   1.00 32.82 ? 216 HOH B O   1 
# 
loop_
_atom_site_anisotrop.id 
_atom_site_anisotrop.type_symbol 
_atom_site_anisotrop.pdbx_label_atom_id 
_atom_site_anisotrop.pdbx_label_alt_id 
_atom_site_anisotrop.pdbx_label_comp_id 
_atom_site_anisotrop.pdbx_label_asym_id 
_atom_site_anisotrop.pdbx_label_seq_id 
_atom_site_anisotrop.pdbx_PDB_ins_code 
_atom_site_anisotrop.U[1][1] 
_atom_site_anisotrop.U[2][2] 
_atom_site_anisotrop.U[3][3] 
_atom_site_anisotrop.U[1][2] 
_atom_site_anisotrop.U[1][3] 
_atom_site_anisotrop.U[2][3] 
_atom_site_anisotrop.pdbx_auth_seq_id 
_atom_site_anisotrop.pdbx_auth_comp_id 
_atom_site_anisotrop.pdbx_auth_asym_id 
_atom_site_anisotrop.pdbx_auth_atom_id 
1   C C   . ACE A 1  ? 0.3163 0.4749 0.1474 0.0190  -0.0454 -0.0209 0  ACE A C   
2   O O   . ACE A 1  ? 0.3230 0.4460 0.1423 0.0105  -0.0476 -0.0089 0  ACE A O   
3   C CH3 . ACE A 1  ? 0.3524 0.5145 0.1620 0.0538  -0.0655 -0.0338 0  ACE A CH3 
4   N N   . GLY A 2  ? 0.2808 0.4886 0.1410 0.0072  -0.0268 -0.0292 1  GLY A N   
5   C CA  . GLY A 2  ? 0.2424 0.4710 0.1313 0.0177  -0.0183 -0.0547 1  GLY A CA  
6   C C   . GLY A 2  ? 0.2144 0.4202 0.1227 0.0163  -0.0139 -0.0604 1  GLY A C   
7   O O   . GLY A 2  ? 0.2014 0.3947 0.1169 0.0166  -0.0098 -0.0489 1  GLY A O   
8   N N   . GLU A 3  ? 0.2050 0.4179 0.1162 0.0050  -0.0158 -0.0770 2  GLU A N   
9   C CA  . GLU A 3  ? 0.1928 0.3980 0.1126 -0.0106 -0.0133 -0.0818 2  GLU A CA  
10  C C   . GLU A 3  ? 0.1559 0.3744 0.0968 0.0098  -0.0201 -0.0700 2  GLU A C   
11  O O   . GLU A 3  ? 0.1418 0.3397 0.0916 0.0047  -0.0155 -0.0657 2  GLU A O   
12  C CB  . GLU A 3  ? 0.2201 0.4665 0.1259 -0.0475 -0.0146 -0.1030 2  GLU A CB  
13  C CG  . GLU A 3  ? 0.2870 0.4673 0.1363 -0.0713 -0.0131 -0.1131 2  GLU A CG  
14  C CD  . GLU A 3  ? 0.3373 0.5535 0.1514 -0.1272 -0.0162 -0.1331 2  GLU A CD  
15  O OE1 . GLU A 3  ? 0.3432 0.5938 0.1560 -0.1210 -0.0198 -0.1409 2  GLU A OE1 
16  O OE2 . GLU A 3  ? 0.3910 0.5988 0.1676 -0.1861 -0.0150 -0.1403 2  GLU A OE2 
17  N N   . AIB A 4  ? 0.1613 0.3916 0.0890 0.0374  -0.0356 -0.0655 3  AIB A N   
18  C CA  . AIB A 4  ? 0.1793 0.3880 0.0872 0.0696  -0.0528 -0.0602 3  AIB A CA  
19  C C   . AIB A 4  ? 0.1788 0.3179 0.0759 0.0536  -0.0477 -0.0374 3  AIB A C   
20  O O   . AIB A 4  ? 0.1659 0.2975 0.0756 0.0567  -0.0465 -0.0382 3  AIB A O   
21  C CB1 . AIB A 4  ? 0.1578 0.4477 0.0947 0.0787  -0.0534 -0.0839 3  AIB A CB1 
22  C CB2 . AIB A 4  ? 0.2460 0.4226 0.0933 0.1073  -0.0787 -0.0569 3  AIB A CB2 
23  N N   . AIB A 5  ? 0.1904 0.3029 0.0659 0.0299  -0.0427 -0.0198 4  AIB A N   
24  C CA  . AIB A 5  ? 0.1929 0.2834 0.0588 0.0021  -0.0361 -0.0019 4  AIB A CA  
25  C C   . AIB A 5  ? 0.1359 0.2550 0.0535 0.0044  -0.0201 -0.0111 4  AIB A C   
26  O O   . AIB A 5  ? 0.1337 0.2319 0.0519 -0.0002 -0.0210 -0.0041 4  AIB A O   
27  C CB1 . AIB A 5  ? 0.2708 0.2704 0.0640 0.0009  -0.0592 0.0138  4  AIB A CB1 
28  C CB2 . AIB A 5  ? 0.1998 0.3327 0.0549 -0.0271 -0.0261 0.0062  4  AIB A CB2 
29  N N   . AIB A 6  ? 0.1117 0.2592 0.0521 0.0108  -0.0090 -0.0268 5  AIB A N   
30  C CA  . AIB A 6  ? 0.1037 0.2423 0.0529 0.0170  -0.0002 -0.0356 5  AIB A CA  
31  C C   . AIB A 6  ? 0.0921 0.2097 0.0530 0.0103  -0.0021 -0.0359 5  AIB A C   
32  O O   . AIB A 6  ? 0.0871 0.1898 0.0518 0.0119  0.0013  -0.0317 5  AIB A O   
33  C CB1 . AIB A 6  ? 0.1019 0.2795 0.0509 0.0241  0.0052  -0.0297 5  AIB A CB1 
34  C CB2 . AIB A 6  ? 0.1351 0.2517 0.0596 0.0211  0.0007  -0.0540 5  AIB A CB2 
35  N N   . AIB A 7  ? 0.0900 0.2287 0.0557 0.0060  -0.0077 -0.0456 6  AIB A N   
36  C CA  . AIB A 7  ? 0.0813 0.2425 0.0590 0.0006  -0.0090 -0.0531 6  AIB A CA  
37  C C   . AIB A 7  ? 0.0746 0.2111 0.0552 0.0183  -0.0147 -0.0405 6  AIB A C   
38  O O   . AIB A 7  ? 0.0646 0.2008 0.0547 0.0115  -0.0105 -0.0416 6  AIB A O   
39  C CB1 . AIB A 7  ? 0.1066 0.2387 0.0632 -0.0343 0.0004  -0.0595 6  AIB A CB1 
40  C CB2 . AIB A 7  ? 0.0828 0.3215 0.0658 0.0116  -0.0189 -0.0712 6  AIB A CB2 
41  N N   . LYS A 8  ? 0.0999 0.2015 0.0537 0.0321  -0.0268 -0.0273 7  LYS A N   
42  C CA  . LYS A 8  ? 0.1323 0.1799 0.0544 0.0364  -0.0382 -0.0145 7  LYS A CA  
43  C C   . LYS A 8  ? 0.1068 0.1553 0.0476 0.0091  -0.0236 -0.0024 7  LYS A C   
44  O O   . LYS A 8  ? 0.1151 0.1392 0.0485 0.0072  -0.0273 0.0023  7  LYS A O   
45  C CB  . LYS A 8  ? 0.2128 0.1875 0.0589 0.0330  -0.0582 0.0010  7  LYS A CB  
46  C CG  . LYS A 8  ? 0.2971 0.1726 0.0653 0.0235  -0.0776 0.0155  7  LYS A CG  
47  N N   . GLU A 9  ? 0.0854 0.1702 0.0428 -0.0023 -0.0105 -0.0012 8  GLU A N   
48  C CA  . GLU A 9  ? 0.0692 0.1846 0.0407 -0.0062 -0.0008 0.0011  8  GLU A CA  
49  C C   . GLU A 9  ? 0.0556 0.1479 0.0417 0.0074  0.0027  -0.0070 8  GLU A C   
50  O O   . GLU A 9  ? 0.0502 0.1422 0.0405 0.0043  0.0031  -0.0014 8  GLU A O   
51  C CB  . GLU A 9  ? 0.0688 0.2408 0.0421 0.0071  0.0066  -0.0077 8  GLU A CB  
52  C CG  . GLU A 9  ? 0.0659 0.3022 0.0444 0.0222  0.0110  -0.0124 8  GLU A CG  
53  C CD  . GLU A 9  ? 0.0785 0.4115 0.0500 0.0539  0.0137  -0.0293 8  GLU A CD  
54  O OE1 . GLU A 9  ? 0.0858 0.4322 0.0499 0.0509  0.0146  -0.0327 8  GLU A OE1 
55  O OE2 . GLU A 9  ? 0.0869 0.4953 0.0566 0.0898  0.0130  -0.0428 8  GLU A OE2 
56  N N   . AIB A 10 ? 0.0653 0.1372 0.0453 0.0112  0.0048  -0.0195 9  AIB A N   
57  C CA  . AIB A 10 ? 0.0831 0.1220 0.0493 0.0010  0.0066  -0.0255 9  AIB A CA  
58  C C   . AIB A 10 ? 0.0579 0.1162 0.0471 -0.0050 0.0052  -0.0222 9  AIB A C   
59  O O   . AIB A 10 ? 0.0590 0.1002 0.0456 -0.0055 0.0070  -0.0176 9  AIB A O   
60  C CB1 . AIB A 10 ? 0.1210 0.1191 0.0533 0.0233  0.0055  -0.0259 9  AIB A CB1 
61  C CB2 . AIB A 10 ? 0.1154 0.1440 0.0556 -0.0252 0.0067  -0.0380 9  AIB A CB2 
62  N N   . AIB A 11 ? 0.0482 0.1395 0.0482 0.0024  -0.0022 -0.0275 10 AIB A N   
63  C CA  . AIB A 11 ? 0.0478 0.1587 0.0514 0.0175  -0.0104 -0.0334 10 AIB A CA  
64  C C   . AIB A 11 ? 0.0553 0.1192 0.0493 0.0203  -0.0139 -0.0187 10 AIB A C   
65  O O   . AIB A 11 ? 0.0463 0.1143 0.0484 0.0170  -0.0104 -0.0199 10 AIB A O   
66  C CB1 . AIB A 11 ? 0.0426 0.2063 0.0551 -0.0078 -0.0013 -0.0472 10 AIB A CB1 
67  C CB2 . AIB A 11 ? 0.0740 0.2007 0.0582 0.0531  -0.0285 -0.0441 10 AIB A CB2 
68  N N   . AIB A 12 ? 0.0775 0.1061 0.0485 0.0134  -0.0194 -0.0040 11 AIB A N   
69  C CA  . AIB A 12 ? 0.1042 0.0986 0.0486 -0.0043 -0.0248 0.0100  11 AIB A CA  
70  C C   . AIB A 12 ? 0.0672 0.0968 0.0457 -0.0111 -0.0110 0.0114  11 AIB A C   
71  O O   . AIB A 12 ? 0.0703 0.0855 0.0450 -0.0126 -0.0138 0.0126  11 AIB A O   
72  C CB1 . AIB A 12 ? 0.1656 0.0942 0.0573 0.0170  -0.0468 0.0054  11 AIB A CB1 
73  C CB2 . AIB A 12 ? 0.1366 0.1274 0.0481 -0.0361 -0.0272 0.0241  11 AIB A CB2 
74  N N   . AIB A 13 ? 0.0479 0.1140 0.0448 -0.0056 -0.0002 0.0085  12 AIB A N   
75  C CA  . AIB A 13 ? 0.0453 0.1327 0.0474 0.0080  0.0053  0.0061  12 AIB A CA  
76  C C   . AIB A 13 ? 0.0512 0.0972 0.0503 0.0104  0.0062  0.0030  12 AIB A C   
77  O O   . AIB A 13 ? 0.0516 0.0991 0.0498 0.0136  0.0059  0.0060  12 AIB A O   
78  C CB1 . AIB A 13 ? 0.0453 0.1923 0.0473 -0.0102 0.0043  0.0138  12 AIB A CB1 
79  C CB2 . AIB A 13 ? 0.0648 0.1584 0.0516 0.0362  0.0070  -0.0044 12 AIB A CB2 
80  N N   . LYS A 14 ? 0.0618 0.0861 0.0541 0.0010  0.0077  -0.0044 13 LYS A N   
81  C CA  . LYS A 14 ? 0.0830 0.0886 0.0588 -0.0164 0.0102  -0.0081 13 LYS A CA  
82  C C   . LYS A 14 ? 0.0574 0.0962 0.0584 -0.0149 0.0083  -0.0089 13 LYS A C   
83  O O   . LYS A 14 ? 0.0656 0.0977 0.0582 -0.0238 0.0106  -0.0077 13 LYS A O   
84  C CB  . LYS A 14 ? 0.1092 0.1189 0.0635 -0.0468 0.0129  -0.0182 13 LYS A CB  
85  C CG  . LYS A 14 ? 0.1827 0.1122 0.0703 -0.0571 0.0098  -0.0188 13 LYS A CG  
86  C CD  . LYS A 14 ? 0.2362 0.1633 0.0783 -0.1171 0.0117  -0.0277 13 LYS A CD  
87  C CE  . LYS A 14 ? 0.1858 0.2029 0.0762 -0.1178 0.0145  -0.0389 13 LYS A CE  
88  N NZ  . LYS A 14 ? 0.2510 0.2740 0.0859 -0.1837 0.0155  -0.0495 13 LYS A NZ  
89  N N   . GLU A 15 ? 0.0498 0.1061 0.0611 0.0004  -0.0002 -0.0127 14 GLU A N   
90  C CA  . GLU A 15 ? 0.0651 0.1213 0.0683 0.0183  -0.0110 -0.0186 14 GLU A CA  
91  C C   . GLU A 15 ? 0.0703 0.0922 0.0661 0.0081  -0.0116 -0.0044 14 GLU A C   
92  O O   . GLU A 15 ? 0.0708 0.0974 0.0670 0.0103  -0.0118 -0.0079 14 GLU A O   
93  C CB  . GLU A 15 ? 0.1102 0.1372 0.0784 0.0480  -0.0309 -0.0249 14 GLU A CB  
94  C CG  . GLU A 15 ? 0.1672 0.1614 0.0904 0.0847  -0.0517 -0.0374 14 GLU A CG  
95  C CD  . GLU A 15 ? 0.2662 0.1857 0.1079 0.1316  -0.0831 -0.0471 14 GLU A CD  
96  O OE1 . GLU A 15 ? 0.2670 0.2337 0.1143 0.1602  -0.0874 -0.0612 14 GLU A OE1 
97  O OE2 . GLU A 15 ? 0.3679 0.1744 0.1220 0.1467  -0.1083 -0.0449 14 GLU A OE2 
98  N N   . AIB A 16 ? 0.0740 0.0865 0.0638 -0.0064 -0.0110 0.0085  15 AIB A N   
99  C CA  . AIB A 16 ? 0.0797 0.1030 0.0634 -0.0249 -0.0110 0.0186  15 AIB A CA  
100 C C   . AIB A 16 ? 0.0594 0.1059 0.0636 -0.0120 -0.0022 0.0165  15 AIB A C   
101 O O   . AIB A 16 ? 0.0649 0.1107 0.0659 -0.0168 -0.0045 0.0182  15 AIB A O   
102 C CB1 . AIB A 16 ? 0.1337 0.0982 0.0689 -0.0377 -0.0275 0.0207  15 AIB A CB1 
103 C CB2 . AIB A 16 ? 0.0795 0.1487 0.0618 -0.0424 -0.0080 0.0252  15 AIB A CB2 
104 N N   . AIB A 17 ? 0.0621 0.1084 0.0657 0.0047  0.0035  0.0129  16 AIB A N   
105 C CA  . AIB A 17 ? 0.0915 0.1110 0.0704 0.0207  0.0037  0.0117  16 AIB A CA  
106 C C   . AIB A 17 ? 0.0975 0.0959 0.0727 0.0018  0.0058  0.0119  16 AIB A C   
107 O O   . AIB A 17 ? 0.1121 0.1054 0.0761 0.0076  0.0038  0.0153  16 AIB A O   
108 C CB1 . AIB A 17 ? 0.0939 0.1688 0.0733 0.0452  -0.0006 0.0116  16 AIB A CB1 
109 C CB2 . AIB A 17 ? 0.1385 0.1033 0.0749 0.0303  0.0022  0.0068  16 AIB A CB2 
110 N N   . AIB A 18 ? 0.0921 0.0993 0.0741 -0.0178 0.0095  0.0046  17 AIB A N   
111 C CA  . AIB A 18 ? 0.0980 0.1301 0.0777 -0.0371 0.0129  -0.0023 17 AIB A CA  
112 C C   . AIB A 18 ? 0.0839 0.1299 0.0799 -0.0212 0.0078  -0.0024 17 AIB A C   
113 O O   . AIB A 18 ? 0.0962 0.1415 0.0812 -0.0302 0.0102  -0.0004 17 AIB A O   
114 C CB1 . AIB A 18 ? 0.1622 0.1392 0.0819 -0.0667 0.0153  0.0044  17 AIB A CB1 
115 C CB2 . AIB A 18 ? 0.0860 0.1823 0.0806 -0.0448 0.0145  -0.0189 17 AIB A CB2 
116 N N   . AIB A 19 ? 0.0779 0.1168 0.0810 -0.0051 -0.0016 -0.0026 18 AIB A N   
117 C CA  . AIB A 19 ? 0.0980 0.1191 0.0862 0.0013  -0.0121 -0.0039 18 AIB A CA  
118 C C   . AIB A 19 ? 0.0936 0.1186 0.0853 -0.0116 -0.0079 0.0081  18 AIB A C   
119 O O   . AIB A 19 ? 0.1050 0.1313 0.0910 -0.0117 -0.0098 0.0057  18 AIB A O   
120 C CB1 . AIB A 19 ? 0.1086 0.1637 0.0930 0.0208  -0.0151 -0.0239 18 AIB A CB1 
121 C CB2 . AIB A 19 ? 0.1421 0.1117 0.0933 0.0010  -0.0280 -0.0008 18 AIB A CB2 
122 N N   . LYS A 20 ? 0.0828 0.1245 0.0807 -0.0130 -0.0041 0.0168  19 LYS A N   
123 C CA  . LYS A 20 ? 0.0818 0.1560 0.0782 -0.0079 -0.0048 0.0213  19 LYS A CA  
124 C C   . LYS A 20 ? 0.0948 0.1422 0.0761 0.0025  -0.0028 0.0212  19 LYS A C   
125 O O   . LYS A 20 ? 0.0967 0.1639 0.0742 0.0055  -0.0061 0.0230  19 LYS A O   
126 C CB  . LYS A 20 ? 0.0874 0.2056 0.0825 0.0155  -0.0048 0.0204  19 LYS A CB  
127 C CG  . LYS A 20 ? 0.0998 0.2870 0.0876 0.0430  -0.0103 0.0164  19 LYS A CG  
128 C CD  . LYS A 20 ? 0.1194 0.3808 0.0984 0.0880  -0.0151 0.0051  19 LYS A CD  
129 C CE  . LYS A 20 ? 0.1827 0.4341 0.1102 0.1638  -0.0295 -0.0061 19 LYS A CE  
130 N NZ  . LYS A 20 ? 0.2053 0.5999 0.1266 0.2262  -0.0396 -0.0282 19 LYS A NZ  
131 N N   . GLU A 21 ? 0.1145 0.1199 0.0740 -0.0019 0.0016  0.0202  20 GLU A N   
132 C CA  . GLU A 21 ? 0.1615 0.1242 0.0750 -0.0122 0.0019  0.0238  20 GLU A CA  
133 C C   . GLU A 21 ? 0.1304 0.1331 0.0666 -0.0282 0.0056  0.0188  20 GLU A C   
134 O O   . GLU A 21 ? 0.1516 0.1424 0.0655 -0.0283 0.0034  0.0234  20 GLU A O   
135 C CB  . GLU A 21 ? 0.2212 0.1303 0.0830 -0.0426 0.0048  0.0244  20 GLU A CB  
136 C CG  . GLU A 21 ? 0.3139 0.1553 0.0919 -0.0784 0.0024  0.0320  20 GLU A CG  
137 C CD  . GLU A 21 ? 0.4319 0.1670 0.1043 -0.1191 -0.0033 0.0373  20 GLU A CD  
138 O OE1 . GLU A 21 ? 0.4386 0.1532 0.1093 -0.1074 -0.0056 0.0336  20 GLU A OE1 
139 O OE2 . GLU A 21 ? 0.5418 0.2026 0.1179 -0.1686 -0.0075 0.0460  20 GLU A OE2 
140 N N   . AIB A 22 ? 0.0915 0.1376 0.0594 -0.0313 0.0075  0.0060  21 AIB A N   
141 C CA  . AIB A 22 ? 0.0817 0.1657 0.0578 -0.0259 0.0051  -0.0070 21 AIB A CA  
142 C C   . AIB A 22 ? 0.0808 0.1431 0.0536 -0.0172 -0.0032 -0.0009 21 AIB A C   
143 O O   . AIB A 22 ? 0.0868 0.1614 0.0515 -0.0198 -0.0029 -0.0032 21 AIB A O   
144 C CB1 . AIB A 22 ? 0.1017 0.2257 0.0584 -0.0558 0.0148  -0.0113 21 AIB A CB1 
145 C CB2 . AIB A 22 ? 0.0781 0.1855 0.0624 -0.0008 -0.0030 -0.0258 21 AIB A CB2 
146 N N   . AIB A 23 ? 0.0762 0.1201 0.0505 -0.0168 -0.0102 0.0063  22 AIB A N   
147 C CA  . AIB A 23 ? 0.0918 0.1318 0.0512 -0.0292 -0.0197 0.0093  22 AIB A CA  
148 C C   . AIB A 23 ? 0.0812 0.1561 0.0473 -0.0256 -0.0154 0.0162  22 AIB A C   
149 O O   . AIB A 23 ? 0.0909 0.1694 0.0470 -0.0304 -0.0190 0.0135  22 AIB A O   
150 C CB1 . AIB A 23 ? 0.1356 0.1317 0.0580 -0.0219 -0.0332 -0.0053 22 AIB A CB1 
151 C CB2 . AIB A 23 ? 0.1010 0.1460 0.0530 -0.0506 -0.0244 0.0165  22 AIB A CB2 
152 N N   . AIB A 24 ? 0.0777 0.1640 0.0448 -0.0073 -0.0117 0.0226  23 AIB A N   
153 C CA  . AIB A 24 ? 0.1021 0.2008 0.0468 0.0188  -0.0162 0.0263  23 AIB A CA  
154 C C   . AIB A 24 ? 0.1295 0.1827 0.0445 0.0125  -0.0145 0.0294  23 AIB A C   
155 O O   . AIB A 24 ? 0.1363 0.2114 0.0446 0.0175  -0.0192 0.0298  23 AIB A O   
156 C CB1 . AIB A 24 ? 0.0893 0.2783 0.0499 0.0140  -0.0225 0.0229  23 AIB A CB1 
157 C CB2 . AIB A 24 ? 0.1401 0.2065 0.0514 0.0547  -0.0204 0.0276  23 AIB A CB2 
158 N N   . AIB A 25 ? 0.1458 0.1553 0.0422 -0.0087 -0.0070 0.0300  24 AIB A N   
159 C CA  . AIB A 25 ? 0.1867 0.1722 0.0426 -0.0351 -0.0031 0.0328  24 AIB A CA  
160 C C   . AIB A 25 ? 0.1476 0.1920 0.0395 -0.0384 -0.0011 0.0226  24 AIB A C   
161 O O   . AIB A 25 ? 0.1711 0.2142 0.0386 -0.0437 -0.0025 0.0259  24 AIB A O   
162 C CB1 . AIB A 25 ? 0.2800 0.1804 0.0491 -0.0184 -0.0158 0.0464  24 AIB A CB1 
163 C CB2 . AIB A 25 ? 0.2001 0.1881 0.0432 -0.0750 0.0072  0.0285  24 AIB A CB2 
164 N N   . LYS A 26 ? 0.1070 0.1842 0.0393 -0.0308 -0.0025 0.0090  25 LYS A N   
165 C CA  . LYS A 26 ? 0.1066 0.2081 0.0426 -0.0244 -0.0076 -0.0067 25 LYS A CA  
166 C C   . LYS A 26 ? 0.1154 0.2098 0.0437 -0.0255 -0.0157 0.0001  25 LYS A C   
167 O O   . LYS A 26 ? 0.1273 0.2358 0.0437 -0.0265 -0.0166 -0.0049 25 LYS A O   
168 C CB  . LYS A 26 ? 0.1139 0.2005 0.0487 -0.0054 -0.0181 -0.0231 25 LYS A CB  
169 C CG  . LYS A 26 ? 0.1565 0.2366 0.0585 0.0232  -0.0328 -0.0482 25 LYS A CG  
170 C CD  . LYS A 26 ? 0.2100 0.2335 0.0699 0.0585  -0.0530 -0.0659 25 LYS A CD  
171 C CE  . LYS A 26 ? 0.1776 0.2465 0.0681 0.0685  -0.0443 -0.0694 25 LYS A CE  
172 N NZ  . LYS A 26 ? 0.2451 0.2667 0.0822 0.1216  -0.0686 -0.0925 25 LYS A NZ  
173 N N   . AIB A 27 ? 0.1103 0.2064 0.0445 -0.0290 -0.0212 0.0089  26 AIB A N   
174 C CA  . AIB A 27 ? 0.1200 0.2524 0.0489 -0.0383 -0.0287 0.0120  26 AIB A CA  
175 C C   . AIB A 27 ? 0.1314 0.2769 0.0486 -0.0195 -0.0270 0.0176  26 AIB A C   
176 O O   . AIB A 27 ? 0.1407 0.2996 0.0485 -0.0267 -0.0308 0.0138  26 AIB A O   
177 C CB1 . AIB A 27 ? 0.1565 0.2583 0.0550 -0.0645 -0.0405 0.0014  26 AIB A CB1 
178 C CB2 . AIB A 27 ? 0.1091 0.2956 0.0509 -0.0397 -0.0306 0.0172  26 AIB A CB2 
179 N N   . AIB A 28 ? 0.1546 0.2702 0.0508 0.0029  -0.0248 0.0267  27 AIB A N   
180 C CA  . AIB A 28 ? 0.2157 0.2937 0.0572 0.0224  -0.0306 0.0356  27 AIB A CA  
181 C C   . AIB A 28 ? 0.2276 0.2964 0.0577 -0.0075 -0.0236 0.0345  27 AIB A C   
182 O O   . AIB A 28 ? 0.2505 0.3283 0.0590 -0.0006 -0.0296 0.0367  27 AIB A O   
183 C CB1 . AIB A 28 ? 0.2245 0.3688 0.0631 0.0589  -0.0445 0.0324  27 AIB A CB1 
184 C CB2 . AIB A 28 ? 0.2793 0.2687 0.0608 0.0333  -0.0332 0.0450  27 AIB A CB2 
185 N N   . AIB A 29 ? 0.2131 0.2879 0.0596 -0.0355 -0.0118 0.0266  28 AIB A N   
186 C CA  . AIB A 29 ? 0.2272 0.3352 0.0649 -0.0605 -0.0036 0.0177  28 AIB A CA  
187 C C   . AIB A 29 ? 0.2106 0.3595 0.0733 -0.0462 -0.0093 0.0018  28 AIB A C   
188 O O   . AIB A 29 ? 0.2316 0.3951 0.0728 -0.0528 -0.0095 0.0023  28 AIB A O   
189 C CB1 . AIB A 29 ? 0.3077 0.3642 0.0659 -0.0874 -0.0038 0.0357  28 AIB A CB1 
190 C CB2 . AIB A 29 ? 0.2063 0.3601 0.0656 -0.0754 0.0067  0.0020  28 AIB A CB2 
191 N N   . TRP A 30 ? 0.2003 0.3468 0.0870 -0.0315 -0.0172 -0.0118 29 TRP A N   
192 C CA  . TRP A 30 ? 0.2319 0.3716 0.1033 -0.0210 -0.0299 -0.0315 29 TRP A CA  
193 C C   . TRP A 30 ? 0.2562 0.4045 0.1165 -0.0326 -0.0349 -0.0236 29 TRP A C   
194 O O   . TRP A 30 ? 0.2950 0.4448 0.1314 -0.0277 -0.0420 -0.0394 29 TRP A O   
195 C CB  . TRP A 30 ? 0.2580 0.3366 0.1081 -0.0196 -0.0460 -0.0386 29 TRP A CB  
196 C CG  . TRP A 30 ? 0.3341 0.3496 0.1197 -0.0194 -0.0681 -0.0554 29 TRP A CG  
197 C CD1 . TRP A 30 ? 0.4017 0.3742 0.1308 0.0225  -0.0847 -0.0852 29 TRP A CD1 
198 C CD2 . TRP A 30 ? 0.3726 0.3610 0.1234 -0.0637 -0.0799 -0.0468 29 TRP A CD2 
199 N NE1 . TRP A 30 ? 0.4974 0.3768 0.1425 0.0074  -0.1091 -0.0933 29 TRP A NE1 
200 C CE2 . TRP A 30 ? 0.4798 0.3715 0.1381 -0.0580 -0.1049 -0.0682 29 TRP A CE2 
201 C CE3 . TRP A 30 ? 0.3410 0.3912 0.1198 -0.1051 -0.0744 -0.0276 29 TRP A CE3 
202 C CZ2 . TRP A 30 ? 0.5642 0.3975 0.1485 -0.1141 -0.1235 -0.0660 29 TRP A CZ2 
203 C CZ3 . TRP A 30 ? 0.4034 0.4430 0.1292 -0.1589 -0.0894 -0.0284 29 TRP A CZ3 
204 C CH2 . TRP A 30 ? 0.5163 0.4413 0.1439 -0.1733 -0.1126 -0.0447 29 TRP A CH2 
205 N N   . LYS A 31 ? 0.2572 0.4195 0.1276 -0.0377 -0.0344 -0.0045 30 LYS A N   
206 C CA  . LYS A 31 ? 0.2779 0.4753 0.1376 -0.0381 -0.0410 0.0010  30 LYS A CA  
207 C C   . LYS A 31 ? 0.3067 0.4996 0.1426 -0.0332 -0.0354 0.0035  30 LYS A C   
208 O O   . LYS A 31 ? 0.3215 0.5318 0.1474 -0.0391 -0.0395 -0.0069 30 LYS A O   
209 C CB  . LYS A 31 ? 0.2771 0.5118 0.1415 -0.0180 -0.0455 0.0130  30 LYS A CB  
210 C CG  . LYS A 31 ? 0.2942 0.6042 0.1494 -0.0051 -0.0569 0.0119  30 LYS A CG  
211 C CD  . LYS A 31 ? 0.3113 0.6746 0.1574 0.0454  -0.0664 0.0146  30 LYS A CD  
212 C CE  . LYS A 31 ? 0.3690 0.6219 0.1605 0.0869  -0.0686 0.0275  30 LYS A CE  
213 N NZ  . LYS A 31 ? 0.4031 0.6806 0.1709 0.1485  -0.0823 0.0235  30 LYS A NZ  
214 N N   . GLY A 32 ? 0.3363 0.4976 0.1465 -0.0329 -0.0280 0.0169  31 GLY A N   
215 C CA  . GLY A 32 ? 0.3965 0.5397 0.1525 -0.0464 -0.0256 0.0266  31 GLY A CA  
216 C C   . GLY A 32 ? 0.4858 0.5456 0.1657 -0.0305 -0.0369 0.0494  31 GLY A C   
217 O O   . GLY A 32 ? 0.4969 0.5479 0.1846 0.0082  -0.0475 0.0511  31 GLY A O   
218 N N   . NH2 A 33 ? 0.5839 0.5792 0.1742 -0.0584 -0.0383 0.0644  32 NH2 A N   
219 C C   . ACE B 1  ? 0.3095 0.3170 0.0962 0.0341  -0.0674 0.0051  0  ACE B C   
220 O O   . ACE B 1  ? 0.3076 0.3033 0.1007 0.0420  -0.0676 0.0076  0  ACE B O   
221 C CH3 . ACE B 1  ? 0.3839 0.3451 0.1019 0.0522  -0.0866 0.0100  0  ACE B CH3 
222 N N   . GLY B 2  ? 0.2693 0.3153 0.0903 0.0183  -0.0558 -0.0041 1  GLY B N   
223 C CA  . GLY B 2  ? 0.2303 0.2925 0.0839 0.0115  -0.0435 -0.0111 1  GLY B CA  
224 C C   . GLY B 2  ? 0.2027 0.2698 0.0849 0.0150  -0.0466 -0.0116 1  GLY B C   
225 O O   . GLY B 2  ? 0.1848 0.2461 0.0798 0.0146  -0.0400 -0.0088 1  GLY B O   
226 N N   . DGL B 3  ? 0.1997 0.2958 0.0892 0.0129  -0.0567 -0.0169 2  DGL B N   
227 C CA  . DGL B 3  ? 0.1831 0.3104 0.0930 -0.0005 -0.0575 -0.0210 2  DGL B CA  
228 C C   . DGL B 3  ? 0.1633 0.3099 0.0880 0.0254  -0.0587 -0.0174 2  DGL B C   
229 O O   . DGL B 3  ? 0.1441 0.2922 0.0849 0.0169  -0.0525 -0.0165 2  DGL B O   
230 C CB  . DGL B 3  ? 0.2007 0.3890 0.1067 -0.0273 -0.0665 -0.0318 2  DGL B CB  
231 C CG  . DGL B 3  ? 0.2430 0.3854 0.1115 -0.0499 -0.0700 -0.0354 2  DGL B CG  
232 C CD  . DGL B 3  ? 0.2522 0.4268 0.1167 -0.0361 -0.0776 -0.0388 2  DGL B CD  
233 O OE1 . DGL B 3  ? 0.2827 0.4939 0.1295 -0.0699 -0.0855 -0.0482 2  DGL B OE1 
234 O OE2 . DGL B 3  ? 0.2493 0.4021 0.1129 -0.0011 -0.0765 -0.0317 2  DGL B OE2 
235 N N   . AIB B 4  ? 0.1868 0.3325 0.0877 0.0621  -0.0713 -0.0173 3  AIB B N   
236 C CA  . AIB B 4  ? 0.2127 0.3404 0.0908 0.1023  -0.0817 -0.0174 3  AIB B CA  
237 C C   . AIB B 4  ? 0.2104 0.2640 0.0780 0.0826  -0.0690 -0.0034 3  AIB B C   
238 O O   . AIB B 4  ? 0.1899 0.2565 0.0785 0.0846  -0.0645 -0.0051 3  AIB B O   
239 C CB1 . AIB B 4  ? 0.2955 0.3670 0.0989 0.1483  -0.1053 -0.0172 3  AIB B CB1 
240 C CB2 . AIB B 4  ? 0.1837 0.4235 0.1013 0.1147  -0.0852 -0.0354 3  AIB B CB2 
241 N N   . AIB B 5  ? 0.2284 0.2282 0.0677 0.0562  -0.0612 0.0075  4  AIB B N   
242 C CA  . AIB B 5  ? 0.2310 0.1973 0.0590 0.0274  -0.0485 0.0163  4  AIB B CA  
243 C C   . AIB B 5  ? 0.1652 0.1785 0.0547 0.0212  -0.0360 0.0103  4  AIB B C   
244 O O   . AIB B 5  ? 0.1612 0.1622 0.0532 0.0195  -0.0330 0.0133  4  AIB B O   
245 C CB1 . AIB B 5  ? 0.2431 0.2161 0.0532 -0.0061 -0.0380 0.0189  4  AIB B CB1 
246 C CB2 . AIB B 5  ? 0.3121 0.1911 0.0641 0.0377  -0.0624 0.0248  4  AIB B CB2 
247 N N   . AIB B 6  ? 0.1347 0.1820 0.0542 0.0173  -0.0322 0.0017  5  AIB B N   
248 C CA  . AIB B 6  ? 0.1143 0.1674 0.0539 0.0136  -0.0275 -0.0043 5  AIB B CA  
249 C C   . AIB B 6  ? 0.1001 0.1609 0.0565 0.0119  -0.0290 -0.0023 5  AIB B C   
250 O O   . AIB B 6  ? 0.0895 0.1408 0.0534 0.0102  -0.0244 -0.0011 5  AIB B O   
251 C CB1 . AIB B 6  ? 0.1353 0.1781 0.0592 0.0093  -0.0342 -0.0132 5  AIB B CB1 
252 C CB2 . AIB B 6  ? 0.1125 0.1789 0.0504 0.0139  -0.0187 -0.0074 5  AIB B CB2 
253 N N   . AIB B 7  ? 0.1011 0.2003 0.0633 0.0132  -0.0361 -0.0062 6  AIB B N   
254 C CA  . AIB B 7  ? 0.0907 0.2368 0.0697 0.0123  -0.0368 -0.0109 6  AIB B CA  
255 C C   . AIB B 7  ? 0.0892 0.2046 0.0669 0.0341  -0.0344 -0.0053 6  AIB B C   
256 O O   . AIB B 7  ? 0.0754 0.2038 0.0664 0.0266  -0.0297 -0.0061 6  AIB B O   
257 C CB1 . AIB B 7  ? 0.0974 0.3263 0.0809 0.0328  -0.0476 -0.0235 6  AIB B CB1 
258 C CB2 . AIB B 7  ? 0.1019 0.2442 0.0719 -0.0318 -0.0337 -0.0124 6  AIB B CB2 
259 N N   . DLY B 8  ? 0.1217 0.1832 0.0654 0.0522  -0.0392 0.0012  7  DLY B N   
260 C CA  . DLY B 8  ? 0.1575 0.1663 0.0671 0.0650  -0.0429 0.0062  7  DLY B CA  
261 C C   . DLY B 8  ? 0.1280 0.1297 0.0584 0.0342  -0.0281 0.0122  7  DLY B C   
262 O O   . DLY B 8  ? 0.1277 0.1196 0.0579 0.0367  -0.0270 0.0128  7  DLY B O   
263 C CB  . DLY B 8  ? 0.2454 0.1672 0.0726 0.0747  -0.0571 0.0132  7  DLY B CB  
264 C CG  . DLY B 8  ? 0.3283 0.1483 0.0758 0.0617  -0.0634 0.0230  7  DLY B CG  
265 C CD  . DLY B 8  ? 0.4727 0.1570 0.0851 0.0671  -0.0876 0.0311  7  DLY B CD  
266 C CE  . DLY B 8  ? 0.5380 0.1964 0.1016 0.1469  -0.1174 0.0173  7  DLY B CE  
267 N NZ  . DLY B 8  ? 0.5638 0.2238 0.1137 0.2094  -0.1329 0.0010  7  DLY B NZ  
268 N N   . DGL B 9  ? 0.1081 0.1249 0.0518 0.0137  -0.0195 0.0125  8  DGL B N   
269 C CA  . DGL B 9  ? 0.0865 0.1241 0.0479 0.0026  -0.0107 0.0097  8  DGL B CA  
270 C C   . DGL B 9  ? 0.0664 0.1070 0.0502 0.0105  -0.0116 0.0067  8  DGL B C   
271 O O   . DGL B 9  ? 0.0595 0.1002 0.0481 0.0085  -0.0084 0.0076  8  DGL B O   
272 C CB  . DGL B 9  ? 0.0843 0.1578 0.0479 0.0030  -0.0074 0.0004  8  DGL B CB  
273 C CG  . DGL B 9  ? 0.0763 0.1994 0.0491 0.0087  -0.0031 -0.0109 8  DGL B CG  
274 C CD  . DGL B 9  ? 0.0850 0.2760 0.0545 0.0284  -0.0031 -0.0308 8  DGL B CD  
275 O OE1 . DGL B 9  ? 0.0947 0.2958 0.0536 0.0212  -0.0016 -0.0317 8  DGL B OE1 
276 O OE2 . DGL B 9  ? 0.0864 0.3348 0.0601 0.0542  -0.0056 -0.0481 8  DGL B OE2 
277 N N   . AIB B 10 ? 0.0701 0.1108 0.0540 0.0080  -0.0166 0.0032  9  AIB B N   
278 C CA  . AIB B 10 ? 0.0808 0.1127 0.0580 -0.0065 -0.0187 0.0024  9  AIB B CA  
279 C C   . AIB B 10 ? 0.0607 0.1230 0.0581 -0.0043 -0.0145 0.0042  9  AIB B C   
280 O O   . AIB B 10 ? 0.0603 0.1104 0.0564 -0.0093 -0.0122 0.0060  9  AIB B O   
281 C CB1 . AIB B 10 ? 0.1096 0.0957 0.0590 0.0044  -0.0237 -0.0010 9  AIB B CB1 
282 C CB2 . AIB B 10 ? 0.1090 0.1483 0.0652 -0.0339 -0.0243 -0.0010 9  AIB B CB2 
283 N N   . AIB B 11 ? 0.0572 0.1538 0.0614 0.0134  -0.0174 0.0008  10 AIB B N   
284 C CA  . AIB B 11 ? 0.0609 0.1858 0.0669 0.0359  -0.0198 -0.0051 10 AIB B CA  
285 C C   . AIB B 11 ? 0.0709 0.1380 0.0629 0.0403  -0.0173 0.0023  10 AIB B C   
286 O O   . AIB B 11 ? 0.0608 0.1430 0.0624 0.0372  -0.0137 0.0004  10 AIB B O   
287 C CB1 . AIB B 11 ? 0.0504 0.2481 0.0729 0.0085  -0.0151 -0.0128 10 AIB B CB1 
288 C CB2 . AIB B 11 ? 0.0925 0.2328 0.0761 0.0793  -0.0336 -0.0146 10 AIB B CB2 
289 N N   . AIB B 12 ? 0.0922 0.1051 0.0583 0.0341  -0.0178 0.0102  11 AIB B N   
290 C CA  . AIB B 12 ? 0.1211 0.0883 0.0572 0.0214  -0.0166 0.0160  11 AIB B CA  
291 C C   . AIB B 12 ? 0.0807 0.0814 0.0542 0.0073  -0.0071 0.0153  11 AIB B C   
292 O O   . AIB B 12 ? 0.0855 0.0758 0.0541 0.0067  -0.0065 0.0156  11 AIB B O   
293 C CB1 . AIB B 12 ? 0.1770 0.0976 0.0661 0.0504  -0.0290 0.0120  11 AIB B CB1 
294 C CB2 . AIB B 12 ? 0.1603 0.0960 0.0559 -0.0078 -0.0159 0.0227  11 AIB B CB2 
295 N N   . AIB B 13 ? 0.0573 0.0854 0.0524 0.0041  -0.0043 0.0123  12 AIB B N   
296 C CA  . AIB B 13 ? 0.0505 0.0924 0.0532 0.0077  -0.0041 0.0075  12 AIB B CA  
297 C C   . AIB B 13 ? 0.0546 0.0780 0.0568 0.0067  -0.0059 0.0096  12 AIB B C   
298 O O   . AIB B 13 ? 0.0539 0.0760 0.0543 0.0091  -0.0062 0.0088  12 AIB B O   
299 C CB1 . AIB B 13 ? 0.0528 0.1285 0.0532 -0.0049 0.0005  0.0048  12 AIB B CB1 
300 C CB2 . AIB B 13 ? 0.0636 0.1064 0.0563 0.0228  -0.0102 -0.0005 12 AIB B CB2 
301 N N   . DLY B 14 ? 0.0613 0.0850 0.0597 -0.0038 -0.0072 0.0103  13 DLY B N   
302 C CA  . DLY B 14 ? 0.0788 0.1063 0.0663 -0.0238 -0.0067 0.0110  13 DLY B CA  
303 C C   . DLY B 14 ? 0.0591 0.1186 0.0663 -0.0135 -0.0012 0.0092  13 DLY B C   
304 O O   . DLY B 14 ? 0.0656 0.1228 0.0655 -0.0245 0.0005  0.0102  13 DLY B O   
305 C CB  . DLY B 14 ? 0.1029 0.1568 0.0739 -0.0565 -0.0079 0.0084  13 DLY B CB  
306 C CG  . DLY B 14 ? 0.1635 0.1450 0.0800 -0.0740 -0.0187 0.0107  13 DLY B CG  
307 C CD  . DLY B 14 ? 0.2236 0.2084 0.0907 -0.1346 -0.0219 0.0105  13 DLY B CD  
308 C CE  . DLY B 14 ? 0.1929 0.2731 0.0955 -0.1452 -0.0171 0.0025  13 DLY B CE  
309 N NZ  . DLY B 14 ? 0.1467 0.2289 0.0924 -0.0906 -0.0171 0.0011  13 DLY B NZ  
310 N N   . DGL B 15 ? 0.0554 0.1336 0.0692 0.0110  -0.0026 0.0043  14 DGL B N   
311 C CA  . DGL B 15 ? 0.0718 0.1511 0.0751 0.0339  -0.0048 -0.0014 14 DGL B CA  
312 C C   . DGL B 15 ? 0.0750 0.1068 0.0697 0.0217  -0.0022 0.0065  14 DGL B C   
313 O O   . DGL B 15 ? 0.0737 0.1142 0.0687 0.0215  0.0000  0.0042  14 DGL B O   
314 C CB  . DGL B 15 ? 0.1202 0.1655 0.0847 0.0731  -0.0173 -0.0077 14 DGL B CB  
315 C CG  . DGL B 15 ? 0.1303 0.2397 0.0983 0.1037  -0.0250 -0.0220 14 DGL B CG  
316 C CD  . DGL B 15 ? 0.2161 0.2495 0.1109 0.1569  -0.0468 -0.0286 14 DGL B CD  
317 O OE1 . DGL B 15 ? 0.2354 0.3050 0.1221 0.1893  -0.0577 -0.0396 14 DGL B OE1 
318 O OE2 . DGL B 15 ? 0.2888 0.2098 0.1159 0.1609  -0.0560 -0.0222 14 DGL B OE2 
319 N N   . AIB B 16 ? 0.0792 0.0832 0.0667 0.0090  -0.0019 0.0126  15 AIB B N   
320 C CA  . AIB B 16 ? 0.0827 0.0812 0.0636 -0.0079 0.0003  0.0146  15 AIB B CA  
321 C C   . AIB B 16 ? 0.0650 0.0831 0.0650 -0.0046 0.0012  0.0131  15 AIB B C   
322 O O   . AIB B 16 ? 0.0703 0.0853 0.0656 -0.0080 0.0018  0.0130  15 AIB B O   
323 C CB1 . AIB B 16 ? 0.1359 0.0802 0.0670 -0.0132 -0.0047 0.0157  15 AIB B CB1 
324 C CB2 . AIB B 16 ? 0.0802 0.1068 0.0638 -0.0217 0.0021  0.0133  15 AIB B CB2 
325 N N   . AIB B 17 ? 0.0654 0.0825 0.0665 0.0010  -0.0023 0.0123  16 AIB B N   
326 C CA  . AIB B 17 ? 0.0919 0.0844 0.0696 0.0062  -0.0104 0.0115  16 AIB B CA  
327 C C   . AIB B 17 ? 0.0993 0.0864 0.0713 -0.0117 -0.0059 0.0159  16 AIB B C   
328 O O   . AIB B 17 ? 0.1174 0.0898 0.0744 -0.0092 -0.0096 0.0163  16 AIB B O   
329 C CB1 . AIB B 17 ? 0.0929 0.1159 0.0723 0.0273  -0.0157 0.0026  16 AIB B CB1 
330 C CB2 . AIB B 17 ? 0.1333 0.0813 0.0730 0.0075  -0.0204 0.0110  16 AIB B CB2 
331 N N   . AIB B 18 ? 0.0914 0.1075 0.0721 -0.0271 0.0006  0.0153  17 AIB B N   
332 C CA  . AIB B 18 ? 0.0998 0.1513 0.0763 -0.0457 0.0062  0.0128  17 AIB B CA  
333 C C   . AIB B 18 ? 0.0887 0.1411 0.0763 -0.0257 0.0083  0.0102  17 AIB B C   
334 O O   . AIB B 18 ? 0.1018 0.1484 0.0741 -0.0386 0.0092  0.0120  17 AIB B O   
335 C CB1 . AIB B 18 ? 0.1602 0.1623 0.0791 -0.0850 0.0003  0.0203  17 AIB B CB1 
336 C CB2 . AIB B 18 ? 0.0874 0.2206 0.0831 -0.0458 0.0113  0.0018  17 AIB B CB2 
337 N N   . AIB B 19 ? 0.0800 0.1209 0.0745 -0.0020 0.0066  0.0073  18 AIB B N   
338 C CA  . AIB B 19 ? 0.1016 0.1198 0.0785 0.0100  0.0047  0.0037  18 AIB B CA  
339 C C   . AIB B 19 ? 0.1009 0.1059 0.0774 -0.0062 0.0050  0.0091  18 AIB B C   
340 O O   . AIB B 19 ? 0.1119 0.1113 0.0765 -0.0057 0.0053  0.0066  18 AIB B O   
341 C CB1 . AIB B 19 ? 0.1139 0.1765 0.0857 0.0306  0.0056  -0.0096 18 AIB B CB1 
342 C CB2 . AIB B 19 ? 0.1403 0.1061 0.0842 0.0161  -0.0024 0.0045  18 AIB B CB2 
343 N N   . DLY B 20 ? 0.0893 0.0978 0.0739 -0.0112 0.0022  0.0124  19 DLY B N   
344 C CA  . DLY B 20 ? 0.0964 0.1154 0.0769 -0.0097 -0.0031 0.0105  19 DLY B CA  
345 C C   . DLY B 20 ? 0.1181 0.1134 0.0785 -0.0088 -0.0068 0.0135  19 DLY B C   
346 O O   . DLY B 20 ? 0.1255 0.1262 0.0790 -0.0067 -0.0101 0.0115  19 DLY B O   
347 C CB  . DLY B 20 ? 0.0997 0.1422 0.0816 0.0078  -0.0111 0.0046  19 DLY B CB  
348 C CG  . DLY B 20 ? 0.1102 0.2064 0.0890 0.0266  -0.0207 -0.0078 19 DLY B CG  
349 C CD  . DLY B 20 ? 0.1348 0.2564 0.1007 0.0684  -0.0345 -0.0215 19 DLY B CD  
350 C CE  . DLY B 20 ? 0.1458 0.3751 0.1147 0.1022  -0.0460 -0.0453 19 DLY B CE  
351 N NZ  . DLY B 20 ? 0.1748 0.4461 0.1284 0.1555  -0.0604 -0.0657 19 DLY B NZ  
352 N N   . DGL B 21 ? 0.1407 0.1092 0.0786 -0.0202 -0.0076 0.0185  20 DGL B N   
353 C CA  . DGL B 21 ? 0.1936 0.1232 0.0825 -0.0408 -0.0124 0.0240  20 DGL B CA  
354 C C   . DGL B 21 ? 0.1663 0.1386 0.0735 -0.0531 -0.0006 0.0214  20 DGL B C   
355 O O   . DGL B 21 ? 0.1913 0.1414 0.0701 -0.0594 -0.0046 0.0241  20 DGL B O   
356 C CB  . DGL B 21 ? 0.2515 0.1505 0.0938 -0.0786 -0.0139 0.0298  20 DGL B CB  
357 C CG  . DGL B 21 ? 0.3109 0.1370 0.1074 -0.0626 -0.0310 0.0311  20 DGL B CG  
358 C CD  . DGL B 21 ? 0.4124 0.1675 0.1222 -0.1147 -0.0388 0.0387  20 DGL B CD  
359 O OE1 . DGL B 21 ? 0.4770 0.1590 0.1375 -0.0981 -0.0551 0.0376  20 DGL B OE1 
360 O OE2 . DGL B 21 ? 0.4560 0.2255 0.1303 -0.1780 -0.0307 0.0442  20 DGL B OE2 
361 N N   . AIB B 22 ? 0.1244 0.1524 0.0673 -0.0466 0.0101  0.0133  21 AIB B N   
362 C CA  . AIB B 22 ? 0.1181 0.1866 0.0670 -0.0382 0.0165  0.0033  21 AIB B CA  
363 C C   . AIB B 22 ? 0.1191 0.1480 0.0610 -0.0269 0.0115  0.0048  21 AIB B C   
364 O O   . AIB B 22 ? 0.1313 0.1606 0.0579 -0.0361 0.0122  0.0052  21 AIB B O   
365 C CB1 . AIB B 22 ? 0.1437 0.2527 0.0684 -0.0760 0.0231  0.0030  21 AIB B CB1 
366 C CB2 . AIB B 22 ? 0.1101 0.2166 0.0726 -0.0053 0.0174  -0.0110 21 AIB B CB2 
367 N N   . AIB B 23 ? 0.1107 0.1134 0.0568 -0.0182 0.0066  0.0056  22 AIB B N   
368 C CA  . AIB B 23 ? 0.1253 0.1081 0.0554 -0.0241 0.0024  0.0039  22 AIB B CA  
369 C C   . AIB B 23 ? 0.1214 0.1176 0.0523 -0.0287 -0.0018 0.0069  22 AIB B C   
370 O O   . AIB B 23 ? 0.1359 0.1288 0.0528 -0.0333 -0.0029 0.0045  22 AIB B O   
371 C CB1 . AIB B 23 ? 0.1651 0.1185 0.0600 -0.0106 0.0012  -0.0055 22 AIB B CB1 
372 C CB2 . AIB B 23 ? 0.1292 0.1089 0.0562 -0.0378 -0.0008 0.0049  22 AIB B CB2 
373 N N   . AIB B 24 ? 0.1194 0.1164 0.0508 -0.0197 -0.0089 0.0104  23 AIB B N   
374 C CA  . AIB B 24 ? 0.1479 0.1364 0.0530 -0.0037 -0.0234 0.0093  23 AIB B CA  
375 C C   . AIB B 24 ? 0.1809 0.1307 0.0504 -0.0181 -0.0227 0.0160  23 AIB B C   
376 O O   . AIB B 24 ? 0.1954 0.1465 0.0498 -0.0133 -0.0290 0.0138  23 AIB B O   
377 C CB1 . AIB B 24 ? 0.1327 0.1849 0.0563 -0.0021 -0.0266 -0.0017 23 AIB B CB1 
378 C CB2 . AIB B 24 ? 0.1859 0.1399 0.0587 0.0224  -0.0390 0.0090  23 AIB B CB2 
379 N N   . AIB B 25 ? 0.1941 0.1266 0.0479 -0.0432 -0.0144 0.0224  24 AIB B N   
380 C CA  . AIB B 25 ? 0.2417 0.1537 0.0486 -0.0747 -0.0121 0.0282  24 AIB B CA  
381 C C   . AIB B 25 ? 0.2116 0.1717 0.0469 -0.0715 -0.0018 0.0202  24 AIB B C   
382 O O   . AIB B 25 ? 0.2453 0.1866 0.0459 -0.0818 -0.0055 0.0231  24 AIB B O   
383 C CB1 . AIB B 25 ? 0.3336 0.1492 0.0543 -0.0686 -0.0364 0.0365  24 AIB B CB1 
384 C CB2 . AIB B 25 ? 0.2528 0.1925 0.0496 -0.1157 -0.0004 0.0299  24 AIB B CB2 
385 N N   . DLY B 26 ? 0.1695 0.1733 0.0486 -0.0549 0.0077  0.0094  25 DLY B N   
386 C CA  . DLY B 26 ? 0.1740 0.1985 0.0533 -0.0435 0.0126  -0.0023 25 DLY B CA  
387 C C   . DLY B 26 ? 0.1846 0.1776 0.0517 -0.0430 0.0036  -0.0001 25 DLY B C   
388 O O   . DLY B 26 ? 0.2020 0.1977 0.0506 -0.0469 0.0047  -0.0035 25 DLY B O   
389 C CB  . DLY B 26 ? 0.1784 0.2012 0.0616 -0.0143 0.0123  -0.0155 25 DLY B CB  
390 C CG  . DLY B 26 ? 0.1829 0.2698 0.0719 0.0080  0.0184  -0.0311 25 DLY B CG  
391 C CD  . DLY B 26 ? 0.2300 0.2793 0.0844 0.0594  0.0071  -0.0489 25 DLY B CD  
392 C CE  . DLY B 26 ? 0.2969 0.2975 0.0945 0.0880  -0.0026 -0.0636 25 DLY B CE  
393 N NZ  . DLY B 26 ? 0.3933 0.2988 0.1107 0.1402  -0.0240 -0.0793 25 DLY B NZ  
394 N N   . AIB B 27 ? 0.1742 0.1595 0.0522 -0.0406 -0.0049 0.0025  26 AIB B N   
395 C CA  . AIB B 27 ? 0.1860 0.1835 0.0568 -0.0452 -0.0139 -0.0009 26 AIB B CA  
396 C C   . AIB B 27 ? 0.2128 0.2014 0.0592 -0.0388 -0.0216 0.0027  26 AIB B C   
397 O O   . AIB B 27 ? 0.2279 0.2183 0.0597 -0.0457 -0.0224 -0.0008 26 AIB B O   
398 C CB1 . AIB B 27 ? 0.2122 0.1866 0.0588 -0.0610 -0.0113 -0.0085 26 AIB B CB1 
399 C CB2 . AIB B 27 ? 0.1706 0.2105 0.0598 -0.0393 -0.0224 -0.0041 26 AIB B CB2 
400 N N   . AIB B 28 ? 0.2433 0.1998 0.0645 -0.0285 -0.0301 0.0107  27 AIB B N   
401 C CA  . AIB B 28 ? 0.3141 0.2188 0.0721 -0.0229 -0.0456 0.0169  27 AIB B CA  
402 C C   . AIB B 28 ? 0.3299 0.2315 0.0715 -0.0561 -0.0315 0.0208  27 AIB B C   
403 O O   . AIB B 28 ? 0.3545 0.2506 0.0731 -0.0543 -0.0378 0.0195  27 AIB B O   
404 C CB1 . AIB B 28 ? 0.3270 0.2645 0.0807 0.0116  -0.0652 0.0058  27 AIB B CB1 
405 C CB2 . AIB B 28 ? 0.3797 0.2060 0.0762 -0.0206 -0.0587 0.0265  27 AIB B CB2 
406 N N   . AIB B 29 ? 0.3159 0.2437 0.0721 -0.0821 -0.0128 0.0208  28 AIB B N   
407 C CA  . AIB B 29 ? 0.3361 0.3018 0.0778 -0.1105 0.0019  0.0170  28 AIB B CA  
408 C C   . AIB B 29 ? 0.3248 0.3155 0.0863 -0.0901 0.0045  0.0046  28 AIB B C   
409 O O   . AIB B 29 ? 0.3482 0.3584 0.0842 -0.1050 0.0103  0.0010  28 AIB B O   
410 C CB1 . AIB B 29 ? 0.4269 0.3283 0.0788 -0.1512 -0.0076 0.0322  28 AIB B CB1 
411 C CB2 . AIB B 29 ? 0.3042 0.3453 0.0790 -0.1193 0.0193  0.0068  28 AIB B CB2 
412 N N   . DTR B 30 ? 0.3068 0.2899 0.0981 -0.0655 -0.0015 -0.0015 29 DTR B N   
413 C CA  . DTR B 30 ? 0.3300 0.3063 0.1136 -0.0600 -0.0058 -0.0106 29 DTR B CA  
414 C CB  . DTR B 30 ? 0.3273 0.2865 0.1176 -0.0575 -0.0094 -0.0172 29 DTR B CB  
415 C CG  . DTR B 30 ? 0.3792 0.2952 0.1240 -0.0517 -0.0111 -0.0314 29 DTR B CG  
416 C CD1 . DTR B 30 ? 0.4091 0.3226 0.1302 -0.0202 -0.0067 -0.0460 29 DTR B CD1 
417 N NE1 . DTR B 30 ? 0.4893 0.3267 0.1384 -0.0082 -0.0185 -0.0605 29 DTR B NE1 
418 C CE2 . DTR B 30 ? 0.5140 0.3064 0.1384 -0.0532 -0.0277 -0.0518 29 DTR B CE2 
419 C CZ2 . DTR B 30 ? 0.6131 0.3099 0.1449 -0.0783 -0.0428 -0.0591 29 DTR B CZ2 
420 C CH2 . DTR B 30 ? 0.6173 0.3306 0.1455 -0.1427 -0.0468 -0.0506 29 DTR B CH2 
421 C CZ3 . DTR B 30 ? 0.5228 0.3499 0.1394 -0.1592 -0.0391 -0.0401 29 DTR B CZ3 
422 C CE3 . DTR B 30 ? 0.4396 0.3257 0.1319 -0.1195 -0.0293 -0.0330 29 DTR B CE3 
423 C CD2 . DTR B 30 ? 0.4332 0.2994 0.1287 -0.0766 -0.0219 -0.0364 29 DTR B CD2 
424 C C   . DTR B 30 ? 0.3616 0.3309 0.1256 -0.0638 -0.0193 -0.0054 29 DTR B C   
425 O O   . DTR B 30 ? 0.3978 0.3647 0.1375 -0.0696 -0.0192 -0.0088 29 DTR B O   
426 N N   . DLY B 31 ? 0.3729 0.3455 0.1394 -0.0506 -0.0343 -0.0011 30 DLY B N   
427 C CA  . DLY B 31 ? 0.4167 0.3900 0.1516 -0.0335 -0.0544 -0.0019 30 DLY B CA  
428 C C   . DLY B 31 ? 0.4906 0.3889 0.1556 -0.0363 -0.0619 0.0117  30 DLY B C   
429 O O   . DLY B 31 ? 0.5426 0.3810 0.1633 -0.0277 -0.0735 0.0207  30 DLY B O   
430 C CB  . DLY B 31 ? 0.4179 0.4347 0.1615 0.0026  -0.0747 -0.0106 30 DLY B CB  
# 
loop_
_pdbx_poly_seq_scheme.asym_id 
_pdbx_poly_seq_scheme.entity_id 
_pdbx_poly_seq_scheme.seq_id 
_pdbx_poly_seq_scheme.mon_id 
_pdbx_poly_seq_scheme.ndb_seq_num 
_pdbx_poly_seq_scheme.pdb_seq_num 
_pdbx_poly_seq_scheme.auth_seq_num 
_pdbx_poly_seq_scheme.pdb_mon_id 
_pdbx_poly_seq_scheme.auth_mon_id 
_pdbx_poly_seq_scheme.pdb_strand_id 
_pdbx_poly_seq_scheme.pdb_ins_code 
_pdbx_poly_seq_scheme.hetero 
A 1 1  ACE 1  0  0  ACE ACE A . n 
A 1 2  GLY 2  1  1  GLY GLY A . n 
A 1 3  GLU 3  2  2  GLU GLU A . n 
A 1 4  AIB 4  3  3  AIB AIB A . n 
A 1 5  AIB 5  4  4  AIB AIB A . n 
A 1 6  AIB 6  5  5  AIB AIB A . n 
A 1 7  AIB 7  6  6  AIB AIB A . n 
A 1 8  LYS 8  7  7  LYS LYS A . n 
A 1 9  GLU 9  8  8  GLU GLU A . n 
A 1 10 AIB 10 9  9  AIB AIB A . n 
A 1 11 AIB 11 10 10 AIB AIB A . n 
A 1 12 AIB 12 11 11 AIB AIB A . n 
A 1 13 AIB 13 12 12 AIB AIB A . n 
A 1 14 LYS 14 13 13 LYS LYS A . n 
A 1 15 GLU 15 14 14 GLU GLU A . n 
A 1 16 AIB 16 15 15 AIB AIB A . n 
A 1 17 AIB 17 16 16 AIB AIB A . n 
A 1 18 AIB 18 17 17 AIB AIB A . n 
A 1 19 AIB 19 18 18 AIB AIB A . n 
A 1 20 LYS 20 19 19 LYS LYS A . n 
A 1 21 GLU 21 20 20 GLU GLU A . n 
A 1 22 AIB 22 21 21 AIB AIB A . n 
A 1 23 AIB 23 22 22 AIB AIB A . n 
A 1 24 AIB 24 23 23 AIB AIB A . n 
A 1 25 AIB 25 24 24 AIB AIB A . n 
A 1 26 LYS 26 25 25 LYS LYS A . n 
A 1 27 AIB 27 26 26 AIB AIB A . n 
A 1 28 AIB 28 27 27 AIB AIB A . n 
A 1 29 AIB 29 28 28 AIB AIB A . n 
A 1 30 TRP 30 29 29 TRP TRP A . n 
A 1 31 LYS 31 30 30 LYS LYS A . n 
A 1 32 GLY 32 31 31 GLY GLY A . n 
A 1 33 NH2 33 32 32 NH2 NH2 A . n 
B 2 1  ACE 1  0  0  ACE ACE B . n 
B 2 2  GLY 2  1  1  GLY GLY B . n 
B 2 3  DGL 3  2  2  DGL DGL B . n 
B 2 4  AIB 4  3  3  AIB AIB B . n 
B 2 5  AIB 5  4  4  AIB AIB B . n 
B 2 6  AIB 6  5  5  AIB AIB B . n 
B 2 7  AIB 7  6  6  AIB AIB B . n 
B 2 8  DLY 8  7  7  DLY DLY B . n 
B 2 9  DGL 9  8  8  DGL DGL B . n 
B 2 10 AIB 10 9  9  AIB AIB B . n 
B 2 11 AIB 11 10 10 AIB AIB B . n 
B 2 12 AIB 12 11 11 AIB AIB B . n 
B 2 13 AIB 13 12 12 AIB AIB B . n 
B 2 14 DLY 14 13 13 DLY DLY B . n 
B 2 15 DGL 15 14 14 DGL DGL B . n 
B 2 16 AIB 16 15 15 AIB AIB B . n 
B 2 17 AIB 17 16 16 AIB AIB B . n 
B 2 18 AIB 18 17 17 AIB AIB B . n 
B 2 19 AIB 19 18 18 AIB AIB B . n 
B 2 20 DLY 20 19 19 DLY DLY B . n 
B 2 21 DGL 21 20 20 DGL DGL B . n 
B 2 22 AIB 22 21 21 AIB AIB B . n 
B 2 23 AIB 23 22 22 AIB AIB B . n 
B 2 24 AIB 24 23 23 AIB AIB B . n 
B 2 25 AIB 25 24 24 AIB AIB B . n 
B 2 26 DLY 26 25 25 DLY DLY B . n 
B 2 27 AIB 27 26 26 AIB AIB B . n 
B 2 28 AIB 28 27 27 AIB AIB B . n 
B 2 29 AIB 29 28 28 AIB AIB B . n 
B 2 30 DTR 30 29 29 DTR DTR B . n 
B 2 31 DLY 31 30 30 DLY DLY B . n 
B 2 32 GLY 32 31 ?  ?   ?   B . n 
B 2 33 NH2 33 32 ?  ?   ?   B . n 
# 
_pdbx_contact_author.id                 2 
_pdbx_contact_author.email              d.n.woolfson@bristol.ac.uk 
_pdbx_contact_author.name_first         Derek 
_pdbx_contact_author.name_last          Woolfson 
_pdbx_contact_author.name_mi            N. 
_pdbx_contact_author.role               'principal investigator/group leader' 
_pdbx_contact_author.identifier_ORCID   0000-0002-0394-3202 
# 
loop_
_pdbx_nonpoly_scheme.asym_id 
_pdbx_nonpoly_scheme.entity_id 
_pdbx_nonpoly_scheme.mon_id 
_pdbx_nonpoly_scheme.ndb_seq_num 
_pdbx_nonpoly_scheme.pdb_seq_num 
_pdbx_nonpoly_scheme.auth_seq_num 
_pdbx_nonpoly_scheme.pdb_mon_id 
_pdbx_nonpoly_scheme.auth_mon_id 
_pdbx_nonpoly_scheme.pdb_strand_id 
_pdbx_nonpoly_scheme.pdb_ins_code 
C 3 NA  1  101 2  NA  NA  A . 
D 3 NA  1  102 3  NA  NA  A . 
E 4 PEG 1  103 5  PEG PEG A . 
F 3 NA  1  101 1  NA  NA  B . 
G 3 NA  1  102 4  NA  NA  B . 
H 5 HOH 1  201 15 HOH HOH A . 
H 5 HOH 2  202 25 HOH HOH A . 
H 5 HOH 3  203 14 HOH HOH A . 
H 5 HOH 4  204 3  HOH HOH A . 
H 5 HOH 5  205 2  HOH HOH A . 
H 5 HOH 6  206 19 HOH HOH A . 
H 5 HOH 7  207 20 HOH HOH A . 
H 5 HOH 8  208 5  HOH HOH A . 
H 5 HOH 9  209 17 HOH HOH A . 
H 5 HOH 10 210 24 HOH HOH A . 
H 5 HOH 11 211 9  HOH HOH A . 
H 5 HOH 12 212 22 HOH HOH A . 
H 5 HOH 13 213 30 HOH HOH A . 
H 5 HOH 14 214 26 HOH HOH A . 
H 5 HOH 15 215 28 HOH HOH A . 
H 5 HOH 16 216 23 HOH HOH A . 
H 5 HOH 17 217 12 HOH HOH A . 
H 5 HOH 18 218 27 HOH HOH A . 
I 5 HOH 1  201 10 HOH HOH B . 
I 5 HOH 2  202 7  HOH HOH B . 
I 5 HOH 3  203 8  HOH HOH B . 
I 5 HOH 4  204 33 HOH HOH B . 
I 5 HOH 5  205 4  HOH HOH B . 
I 5 HOH 6  206 1  HOH HOH B . 
I 5 HOH 7  207 6  HOH HOH B . 
I 5 HOH 8  208 11 HOH HOH B . 
I 5 HOH 9  209 21 HOH HOH B . 
I 5 HOH 10 210 13 HOH HOH B . 
I 5 HOH 11 211 18 HOH HOH B . 
I 5 HOH 12 212 16 HOH HOH B . 
I 5 HOH 13 213 32 HOH HOH B . 
I 5 HOH 14 214 34 HOH HOH B . 
I 5 HOH 15 215 31 HOH HOH B . 
I 5 HOH 16 216 29 HOH HOH B . 
# 
loop_
_pdbx_struct_assembly.id 
_pdbx_struct_assembly.details 
_pdbx_struct_assembly.method_details 
_pdbx_struct_assembly.oligomeric_details 
_pdbx_struct_assembly.oligomeric_count 
1 author_defined_assembly ? monomeric 1 
2 author_defined_assembly ? monomeric 1 
# 
loop_
_pdbx_struct_assembly_gen.assembly_id 
_pdbx_struct_assembly_gen.oper_expression 
_pdbx_struct_assembly_gen.asym_id_list 
1 1 A,C,D,E,H 
2 1 B,F,G,I   
# 
_pdbx_struct_oper_list.id                   1 
_pdbx_struct_oper_list.type                 'identity operation' 
_pdbx_struct_oper_list.name                 1_555 
_pdbx_struct_oper_list.symmetry_operation   x,y,z 
_pdbx_struct_oper_list.matrix[1][1]         1.0000000000 
_pdbx_struct_oper_list.matrix[1][2]         0.0000000000 
_pdbx_struct_oper_list.matrix[1][3]         0.0000000000 
_pdbx_struct_oper_list.vector[1]            0.0000000000 
_pdbx_struct_oper_list.matrix[2][1]         0.0000000000 
_pdbx_struct_oper_list.matrix[2][2]         1.0000000000 
_pdbx_struct_oper_list.matrix[2][3]         0.0000000000 
_pdbx_struct_oper_list.vector[2]            0.0000000000 
_pdbx_struct_oper_list.matrix[3][1]         0.0000000000 
_pdbx_struct_oper_list.matrix[3][2]         0.0000000000 
_pdbx_struct_oper_list.matrix[3][3]         1.0000000000 
_pdbx_struct_oper_list.vector[3]            0.0000000000 
# 
loop_
_pdbx_struct_conn_angle.id 
_pdbx_struct_conn_angle.ptnr1_label_atom_id 
_pdbx_struct_conn_angle.ptnr1_label_alt_id 
_pdbx_struct_conn_angle.ptnr1_label_asym_id 
_pdbx_struct_conn_angle.ptnr1_label_comp_id 
_pdbx_struct_conn_angle.ptnr1_label_seq_id 
_pdbx_struct_conn_angle.ptnr1_auth_atom_id 
_pdbx_struct_conn_angle.ptnr1_auth_asym_id 
_pdbx_struct_conn_angle.ptnr1_auth_comp_id 
_pdbx_struct_conn_angle.ptnr1_auth_seq_id 
_pdbx_struct_conn_angle.ptnr1_PDB_ins_code 
_pdbx_struct_conn_angle.ptnr1_symmetry 
_pdbx_struct_conn_angle.ptnr2_label_atom_id 
_pdbx_struct_conn_angle.ptnr2_label_alt_id 
_pdbx_struct_conn_angle.ptnr2_label_asym_id 
_pdbx_struct_conn_angle.ptnr2_label_comp_id 
_pdbx_struct_conn_angle.ptnr2_label_seq_id 
_pdbx_struct_conn_angle.ptnr2_auth_atom_id 
_pdbx_struct_conn_angle.ptnr2_auth_asym_id 
_pdbx_struct_conn_angle.ptnr2_auth_comp_id 
_pdbx_struct_conn_angle.ptnr2_auth_seq_id 
_pdbx_struct_conn_angle.ptnr2_PDB_ins_code 
_pdbx_struct_conn_angle.ptnr2_symmetry 
_pdbx_struct_conn_angle.ptnr3_label_atom_id 
_pdbx_struct_conn_angle.ptnr3_label_alt_id 
_pdbx_struct_conn_angle.ptnr3_label_asym_id 
_pdbx_struct_conn_angle.ptnr3_label_comp_id 
_pdbx_struct_conn_angle.ptnr3_label_seq_id 
_pdbx_struct_conn_angle.ptnr3_auth_atom_id 
_pdbx_struct_conn_angle.ptnr3_auth_asym_id 
_pdbx_struct_conn_angle.ptnr3_auth_comp_id 
_pdbx_struct_conn_angle.ptnr3_auth_seq_id 
_pdbx_struct_conn_angle.ptnr3_PDB_ins_code 
_pdbx_struct_conn_angle.ptnr3_symmetry 
_pdbx_struct_conn_angle.value 
_pdbx_struct_conn_angle.value_esd 
1 O ? H HOH . ? A HOH 201 ? 1_555 NA ? D NA . ? A NA 102 ? 1_555 O ? H HOH . ? A HOH 208 ? 1_555 75.5  ? 
2 O ? H HOH . ? A HOH 201 ? 1_555 NA ? D NA . ? A NA 102 ? 1_555 O ? H HOH . ? A HOH 213 ? 1_646 124.9 ? 
3 O ? H HOH . ? A HOH 208 ? 1_555 NA ? D NA . ? A NA 102 ? 1_555 O ? H HOH . ? A HOH 213 ? 1_646 113.3 ? 
4 O ? H HOH . ? A HOH 201 ? 1_555 NA ? D NA . ? A NA 102 ? 1_555 O ? I HOH . ? B HOH 207 ? 1_656 104.6 ? 
5 O ? H HOH . ? A HOH 208 ? 1_555 NA ? D NA . ? A NA 102 ? 1_555 O ? I HOH . ? B HOH 207 ? 1_656 50.8  ? 
6 O ? H HOH . ? A HOH 213 ? 1_646 NA ? D NA . ? A NA 102 ? 1_555 O ? I HOH . ? B HOH 207 ? 1_656 123.2 ? 
7 O ? H HOH . ? A HOH 216 ? 1_455 NA ? G NA . ? B NA 102 ? 1_555 O ? B DLY 8 ? B DLY 7   ? 1_555 132.4 ? 
# 
_pdbx_audit_revision_history.ordinal             1 
_pdbx_audit_revision_history.data_content_type   'Structure model' 
_pdbx_audit_revision_history.major_revision      1 
_pdbx_audit_revision_history.minor_revision      0 
_pdbx_audit_revision_history.revision_date       2022-11-23 
# 
_pdbx_audit_revision_details.ordinal             1 
_pdbx_audit_revision_details.revision_ordinal    1 
_pdbx_audit_revision_details.data_content_type   'Structure model' 
_pdbx_audit_revision_details.provider            repository 
_pdbx_audit_revision_details.type                'Initial release' 
_pdbx_audit_revision_details.description         ? 
_pdbx_audit_revision_details.details             ? 
# 
loop_
_pdbx_refine_tls.id 
_pdbx_refine_tls.pdbx_refine_id 
_pdbx_refine_tls.details 
_pdbx_refine_tls.method 
_pdbx_refine_tls.origin_x 
_pdbx_refine_tls.origin_y 
_pdbx_refine_tls.origin_z 
_pdbx_refine_tls.T[1][1] 
_pdbx_refine_tls.T[1][1]_esd 
_pdbx_refine_tls.T[1][2] 
_pdbx_refine_tls.T[1][2]_esd 
_pdbx_refine_tls.T[1][3] 
_pdbx_refine_tls.T[1][3]_esd 
_pdbx_refine_tls.T[2][2] 
_pdbx_refine_tls.T[2][2]_esd 
_pdbx_refine_tls.T[2][3] 
_pdbx_refine_tls.T[2][3]_esd 
_pdbx_refine_tls.T[3][3] 
_pdbx_refine_tls.T[3][3]_esd 
_pdbx_refine_tls.L[1][1] 
_pdbx_refine_tls.L[1][1]_esd 
_pdbx_refine_tls.L[1][2] 
_pdbx_refine_tls.L[1][2]_esd 
_pdbx_refine_tls.L[1][3] 
_pdbx_refine_tls.L[1][3]_esd 
_pdbx_refine_tls.L[2][2] 
_pdbx_refine_tls.L[2][2]_esd 
_pdbx_refine_tls.L[2][3] 
_pdbx_refine_tls.L[2][3]_esd 
_pdbx_refine_tls.L[3][3] 
_pdbx_refine_tls.L[3][3]_esd 
_pdbx_refine_tls.S[1][1] 
_pdbx_refine_tls.S[1][1]_esd 
_pdbx_refine_tls.S[1][2] 
_pdbx_refine_tls.S[1][2]_esd 
_pdbx_refine_tls.S[1][3] 
_pdbx_refine_tls.S[1][3]_esd 
_pdbx_refine_tls.S[2][1] 
_pdbx_refine_tls.S[2][1]_esd 
_pdbx_refine_tls.S[2][2] 
_pdbx_refine_tls.S[2][2]_esd 
_pdbx_refine_tls.S[2][3] 
_pdbx_refine_tls.S[2][3]_esd 
_pdbx_refine_tls.S[3][1] 
_pdbx_refine_tls.S[3][1]_esd 
_pdbx_refine_tls.S[3][2] 
_pdbx_refine_tls.S[3][2]_esd 
_pdbx_refine_tls.S[3][3] 
_pdbx_refine_tls.S[3][3]_esd 
1 'X-RAY DIFFRACTION' ? refined 3.1720  2.1419  -1.1527 0.0072 ? -0.0064 ? 0.0022 ? 0.0348 ? 0.0082 ? 0.0123 ? 2.9010 ? 0.6565 ? 4.8034 ? 1.4199 ? 3.6376 ? 27.8302 ? 0.0767 ? 0.0347  ? -0.0033 ? -0.0606 ? 0.1641  ? -0.0266 ? -0.1187 ? -0.0325 ? -0.2408 ? 
2 'X-RAY DIFFRACTION' ? refined -3.5907 -2.0926 0.4489  0.0063 ? -0.0014 ? 0.0017 ? 0.0315 ? 0.0125 ? 0.0110 ? 2.1345 ? 0.8616 ? 4.4010 ? 2.0119 ? 4.0283 ? 25.6021 ? 0.0708 ? -0.0718 ? 0.0044  ? 0.0555  ? -0.0938 ? 0.0635  ? -0.0340 ? -0.4279 ? 0.0230  ? 
# 
loop_
_pdbx_refine_tls_group.id 
_pdbx_refine_tls_group.pdbx_refine_id 
_pdbx_refine_tls_group.refine_tls_id 
_pdbx_refine_tls_group.beg_label_asym_id 
_pdbx_refine_tls_group.beg_label_seq_id 
_pdbx_refine_tls_group.beg_auth_asym_id 
_pdbx_refine_tls_group.beg_auth_seq_id 
_pdbx_refine_tls_group.beg_PDB_ins_code 
_pdbx_refine_tls_group.end_label_asym_id 
_pdbx_refine_tls_group.end_label_seq_id 
_pdbx_refine_tls_group.end_auth_asym_id 
_pdbx_refine_tls_group.end_auth_seq_id 
_pdbx_refine_tls_group.end_PDB_ins_code 
_pdbx_refine_tls_group.selection 
_pdbx_refine_tls_group.selection_details 
1 'X-RAY DIFFRACTION' 1 ? ? A 0 ? ? ? A 32 ? ? ? 
2 'X-RAY DIFFRACTION' 2 ? ? B 0 ? ? ? B 30 ? ? ? 
# 
loop_
_software.citation_id 
_software.classification 
_software.compiler_name 
_software.compiler_version 
_software.contact_author 
_software.contact_author_email 
_software.date 
_software.description 
_software.dependencies 
_software.hardware 
_software.language 
_software.location 
_software.mods 
_software.name 
_software.os 
_software.os_version 
_software.type 
_software.version 
_software.pdbx_ordinal 
? 'data scaling'    ? ? ? ? ? ? ? ? ? ? ? Aimless     ? ? ? .        1 
? refinement        ? ? ? ? ? ? ? ? ? ? ? REFMAC      ? ? ? 5.8.0267 2 
? 'data extraction' ? ? ? ? ? ? ? ? ? ? ? PDB_EXTRACT ? ? ? 3.27     3 
? 'data reduction'  ? ? ? ? ? ? ? ? ? ? ? xia2        ? ? ? .        4 
? phasing           ? ? ? ? ? ? ? ? ? ? ? Arcimboldo  ? ? ? .        5 
# 
_pdbx_entry_details.entry_id                 8BFD 
_pdbx_entry_details.has_ligand_of_interest   N 
_pdbx_entry_details.compound_details         ? 
_pdbx_entry_details.source_details           ? 
_pdbx_entry_details.nonpolymer_details       ? 
_pdbx_entry_details.sequence_details         ? 
# 
loop_
_pdbx_unobs_or_zero_occ_atoms.id 
_pdbx_unobs_or_zero_occ_atoms.PDB_model_num 
_pdbx_unobs_or_zero_occ_atoms.polymer_flag 
_pdbx_unobs_or_zero_occ_atoms.occupancy_flag 
_pdbx_unobs_or_zero_occ_atoms.auth_asym_id 
_pdbx_unobs_or_zero_occ_atoms.auth_comp_id 
_pdbx_unobs_or_zero_occ_atoms.auth_seq_id 
_pdbx_unobs_or_zero_occ_atoms.PDB_ins_code 
_pdbx_unobs_or_zero_occ_atoms.auth_atom_id 
_pdbx_unobs_or_zero_occ_atoms.label_alt_id 
_pdbx_unobs_or_zero_occ_atoms.label_asym_id 
_pdbx_unobs_or_zero_occ_atoms.label_comp_id 
_pdbx_unobs_or_zero_occ_atoms.label_seq_id 
_pdbx_unobs_or_zero_occ_atoms.label_atom_id 
1 1 Y 1 A LYS 7  ? CD ? A LYS 8  CD 
2 1 Y 1 A LYS 7  ? CE ? A LYS 8  CE 
3 1 Y 1 A LYS 7  ? NZ ? A LYS 8  NZ 
4 1 Y 1 B DLY 30 ? CG ? B DLY 31 CG 
5 1 Y 1 B DLY 30 ? CD ? B DLY 31 CD 
6 1 Y 1 B DLY 30 ? CE ? B DLY 31 CE 
7 1 Y 1 B DLY 30 ? NZ ? B DLY 31 NZ 
# 
loop_
_pdbx_unobs_or_zero_occ_residues.id 
_pdbx_unobs_or_zero_occ_residues.PDB_model_num 
_pdbx_unobs_or_zero_occ_residues.polymer_flag 
_pdbx_unobs_or_zero_occ_residues.occupancy_flag 
_pdbx_unobs_or_zero_occ_residues.auth_asym_id 
_pdbx_unobs_or_zero_occ_residues.auth_comp_id 
_pdbx_unobs_or_zero_occ_residues.auth_seq_id 
_pdbx_unobs_or_zero_occ_residues.PDB_ins_code 
_pdbx_unobs_or_zero_occ_residues.label_asym_id 
_pdbx_unobs_or_zero_occ_residues.label_comp_id 
_pdbx_unobs_or_zero_occ_residues.label_seq_id 
1 1 Y 1 B GLY 31 ? B GLY 32 
2 1 Y 1 B NH2 32 ? B NH2 33 
# 
loop_
_pdbx_audit_support.funding_organization 
_pdbx_audit_support.country 
_pdbx_audit_support.grant_number 
_pdbx_audit_support.ordinal 
'Biotechnology and Biological Sciences Research Council (BBSRC)' 'United Kingdom' BB/L01386X/1 1 
'Biotechnology and Biological Sciences Research Council (BBSRC)' 'United Kingdom' BB/R00661X/1 2 
# 
loop_
_pdbx_entity_nonpoly.entity_id 
_pdbx_entity_nonpoly.name 
_pdbx_entity_nonpoly.comp_id 
3 'SODIUM ION'            NA  
4 'DI(HYDROXYETHYL)ETHER' PEG 
5 water                   HOH 
# 
_pdbx_struct_assembly_auth_evidence.id                     1 
_pdbx_struct_assembly_auth_evidence.assembly_id            1 
_pdbx_struct_assembly_auth_evidence.experimental_support   'equilibrium centrifugation' 
_pdbx_struct_assembly_auth_evidence.details                ? 
# 
